data_2L6E
#
_entry.id   2L6E
#
loop_
_entity.id
_entity.type
_entity.pdbx_description
1 polymer 'Capsid protein p24'
2 polymer 'NYAD-13 stapled peptide inhibitor'
#
loop_
_entity_poly.entity_id
_entity_poly.type
_entity_poly.pdbx_seq_one_letter_code
_entity_poly.pdbx_strand_id
1 'polypeptide(L)'
;MGSSHHHHHHSSGLVPRGSHMTSILDIRQGPKEPFRDYVDRFYKTLRAEQASQEVKNAATETLLVQNANPDCKTILKALG
PAATLEEMMTACQGVGGPGHKARVL
;
A
2 'polypeptide(L)' ITF(MK8)DLL(MK8)YYGKKK B
#
# COMPACT_ATOMS: atom_id res chain seq x y z
N SER A 12 13.91 16.01 6.95
CA SER A 12 13.29 17.23 6.42
C SER A 12 13.25 18.33 7.47
N GLY A 13 12.88 19.53 7.07
CA GLY A 13 12.83 20.65 8.00
C GLY A 13 12.44 21.93 7.32
N LEU A 14 12.75 23.06 7.96
CA LEU A 14 12.46 24.39 7.42
C LEU A 14 10.97 24.62 7.26
N VAL A 15 10.18 23.90 8.04
CA VAL A 15 8.72 24.01 7.96
C VAL A 15 8.11 24.47 9.29
N PRO A 16 7.76 25.76 9.38
CA PRO A 16 7.06 26.32 10.53
C PRO A 16 5.57 25.98 10.50
N ARG A 17 5.06 25.76 9.29
CA ARG A 17 3.68 25.35 9.08
C ARG A 17 3.53 24.70 7.71
N GLY A 18 3.17 23.44 7.71
CA GLY A 18 2.94 22.73 6.47
C GLY A 18 2.07 21.51 6.70
N SER A 19 1.19 21.61 7.68
CA SER A 19 0.34 20.50 8.09
C SER A 19 -0.87 20.35 7.19
N HIS A 20 -0.64 19.99 5.93
CA HIS A 20 -1.73 19.66 5.03
C HIS A 20 -2.33 18.33 5.48
N MET A 21 -1.51 17.28 5.46
CA MET A 21 -1.88 15.97 6.00
C MET A 21 -0.66 15.07 6.06
N THR A 22 0.44 15.61 6.56
CA THR A 22 1.70 14.87 6.64
C THR A 22 1.63 13.84 7.76
N SER A 23 1.11 12.66 7.43
CA SER A 23 0.85 11.64 8.42
C SER A 23 0.62 10.27 7.77
N ILE A 24 1.42 9.97 6.74
CA ILE A 24 1.33 8.69 6.05
C ILE A 24 1.69 7.54 6.99
N LEU A 25 2.39 7.87 8.07
CA LEU A 25 2.83 6.89 9.05
C LEU A 25 1.64 6.23 9.75
N ASP A 26 0.51 6.93 9.78
CA ASP A 26 -0.70 6.40 10.43
C ASP A 26 -1.47 5.49 9.50
N ILE A 27 -1.07 5.43 8.24
CA ILE A 27 -1.74 4.59 7.28
C ILE A 27 -1.11 3.20 7.29
N ARG A 28 -1.69 2.33 8.11
CA ARG A 28 -1.16 0.98 8.27
C ARG A 28 -2.27 -0.04 8.05
N GLN A 29 -1.94 -1.15 7.41
CA GLN A 29 -2.91 -2.17 7.07
C GLN A 29 -3.18 -3.06 8.26
N GLY A 30 -4.46 -3.16 8.63
CA GLY A 30 -4.86 -4.03 9.72
C GLY A 30 -4.67 -5.50 9.36
N PRO A 31 -4.61 -6.39 10.36
CA PRO A 31 -4.32 -7.82 10.14
C PRO A 31 -5.39 -8.52 9.29
N LYS A 32 -6.59 -7.95 9.28
CA LYS A 32 -7.70 -8.51 8.52
C LYS A 32 -8.21 -7.50 7.49
N GLU A 33 -7.44 -6.43 7.32
CA GLU A 33 -7.87 -5.32 6.49
C GLU A 33 -7.46 -5.53 5.03
N PRO A 34 -8.40 -5.31 4.11
CA PRO A 34 -8.16 -5.43 2.67
C PRO A 34 -7.10 -4.44 2.18
N PHE A 35 -6.15 -4.97 1.40
CA PHE A 35 -5.05 -4.18 0.87
C PHE A 35 -5.56 -3.04 -0.02
N ARG A 36 -6.74 -3.24 -0.60
CA ARG A 36 -7.36 -2.24 -1.47
C ARG A 36 -7.73 -0.99 -0.67
N ASP A 37 -8.30 -1.19 0.51
CA ASP A 37 -8.68 -0.09 1.39
C ASP A 37 -7.44 0.56 1.97
N TYR A 38 -6.43 -0.24 2.24
CA TYR A 38 -5.16 0.26 2.74
C TYR A 38 -4.52 1.20 1.73
N VAL A 39 -4.41 0.74 0.48
CA VAL A 39 -3.81 1.53 -0.59
C VAL A 39 -4.63 2.79 -0.88
N ASP A 40 -5.95 2.68 -0.76
CA ASP A 40 -6.84 3.81 -0.99
C ASP A 40 -6.43 5.00 -0.11
N ARG A 41 -6.23 4.74 1.18
CA ARG A 41 -5.86 5.80 2.12
C ARG A 41 -4.39 6.15 1.97
N PHE A 42 -3.57 5.13 1.73
CA PHE A 42 -2.13 5.30 1.61
C PHE A 42 -1.80 6.27 0.48
N TYR A 43 -2.30 5.96 -0.71
CA TYR A 43 -2.04 6.77 -1.89
C TYR A 43 -2.58 8.20 -1.72
N LYS A 44 -3.79 8.32 -1.20
CA LYS A 44 -4.41 9.64 -1.02
C LYS A 44 -3.58 10.53 -0.09
N THR A 45 -3.12 9.94 1.00
CA THR A 45 -2.33 10.68 1.98
C THR A 45 -0.93 10.96 1.46
N LEU A 46 -0.32 9.95 0.83
CA LEU A 46 1.02 10.08 0.29
C LEU A 46 1.07 11.12 -0.82
N ARG A 47 -0.02 11.21 -1.58
CA ARG A 47 -0.17 12.22 -2.61
C ARG A 47 -0.11 13.62 -2.01
N ALA A 48 -0.51 13.75 -0.75
CA ALA A 48 -0.53 15.04 -0.07
C ALA A 48 0.64 15.17 0.92
N GLU A 49 1.49 14.15 0.96
CA GLU A 49 2.67 14.17 1.83
C GLU A 49 3.65 15.27 1.39
N GLN A 50 4.21 15.95 2.38
CA GLN A 50 5.11 17.07 2.13
C GLN A 50 6.52 16.59 1.85
N ALA A 51 6.72 16.05 0.66
CA ALA A 51 8.01 15.56 0.22
C ALA A 51 8.03 15.53 -1.31
N SER A 52 9.22 15.53 -1.89
CA SER A 52 9.36 15.46 -3.34
C SER A 52 9.11 14.03 -3.81
N GLN A 53 8.74 13.87 -5.07
CA GLN A 53 8.30 12.57 -5.60
C GLN A 53 9.31 11.46 -5.35
N GLU A 54 10.57 11.67 -5.73
CA GLU A 54 11.59 10.64 -5.58
C GLU A 54 11.89 10.35 -4.12
N VAL A 55 11.68 11.34 -3.28
CA VAL A 55 11.92 11.20 -1.87
C VAL A 55 10.85 10.31 -1.25
N LYS A 56 9.61 10.66 -1.52
CA LYS A 56 8.48 9.94 -0.95
C LYS A 56 8.35 8.55 -1.57
N ASN A 57 8.71 8.42 -2.85
CA ASN A 57 8.55 7.13 -3.52
C ASN A 57 9.60 6.13 -3.04
N ALA A 58 10.74 6.65 -2.61
CA ALA A 58 11.77 5.82 -2.00
C ALA A 58 11.26 5.22 -0.70
N ALA A 59 10.51 6.03 0.03
CA ALA A 59 9.89 5.60 1.28
C ALA A 59 8.71 4.67 0.99
N THR A 60 8.00 4.96 -0.09
CA THR A 60 6.79 4.22 -0.47
C THR A 60 7.04 2.73 -0.55
N GLU A 61 8.04 2.36 -1.33
CA GLU A 61 8.33 0.96 -1.59
C GLU A 61 8.61 0.21 -0.29
N THR A 62 9.16 0.92 0.69
CA THR A 62 9.45 0.33 1.98
C THR A 62 8.19 0.31 2.86
N LEU A 63 7.55 1.47 2.99
CA LEU A 63 6.39 1.63 3.87
C LEU A 63 5.23 0.74 3.44
N LEU A 64 5.04 0.61 2.14
CA LEU A 64 3.95 -0.17 1.59
C LEU A 64 4.00 -1.61 2.09
N VAL A 65 5.19 -2.19 2.05
CA VAL A 65 5.38 -3.55 2.53
C VAL A 65 5.47 -3.57 4.06
N GLN A 66 6.16 -2.57 4.61
CA GLN A 66 6.38 -2.48 6.06
C GLN A 66 5.07 -2.48 6.83
N ASN A 67 4.15 -1.59 6.45
CA ASN A 67 2.92 -1.39 7.20
C ASN A 67 1.82 -2.34 6.72
N ALA A 68 2.21 -3.34 5.95
CA ALA A 68 1.29 -4.41 5.58
C ALA A 68 1.41 -5.55 6.59
N ASN A 69 0.27 -6.19 6.90
CA ASN A 69 0.24 -7.25 7.90
C ASN A 69 1.00 -8.48 7.41
N PRO A 70 1.53 -9.31 8.33
CA PRO A 70 2.40 -10.45 7.98
C PRO A 70 1.82 -11.32 6.86
N ASP A 71 0.52 -11.59 6.94
CA ASP A 71 -0.15 -12.42 5.94
C ASP A 71 -0.05 -11.79 4.55
N CYS A 72 -0.47 -10.53 4.46
CA CYS A 72 -0.41 -9.79 3.21
C CYS A 72 1.03 -9.62 2.76
N LYS A 73 1.90 -9.31 3.71
CA LYS A 73 3.33 -9.13 3.45
C LYS A 73 3.93 -10.39 2.82
N THR A 74 3.52 -11.54 3.31
CA THR A 74 3.98 -12.82 2.77
C THR A 74 3.60 -12.96 1.30
N ILE A 75 2.38 -12.54 0.98
CA ILE A 75 1.90 -12.58 -0.40
C ILE A 75 2.68 -11.60 -1.27
N LEU A 76 2.89 -10.39 -0.75
CA LEU A 76 3.61 -9.35 -1.45
C LEU A 76 5.04 -9.80 -1.79
N LYS A 77 5.65 -10.54 -0.86
CA LYS A 77 7.01 -11.01 -1.06
C LYS A 77 7.05 -12.17 -2.05
N ALA A 78 5.99 -12.96 -2.10
CA ALA A 78 5.91 -14.11 -2.99
C ALA A 78 5.82 -13.65 -4.44
N LEU A 79 5.23 -12.49 -4.62
CA LEU A 79 5.18 -11.86 -5.93
C LEU A 79 6.51 -11.18 -6.25
N GLY A 80 6.99 -10.41 -5.30
CA GLY A 80 8.26 -9.73 -5.45
C GLY A 80 8.15 -8.45 -6.25
N PRO A 81 9.24 -7.69 -6.38
CA PRO A 81 9.26 -6.44 -7.16
C PRO A 81 8.99 -6.67 -8.65
N ALA A 82 8.97 -7.92 -9.06
CA ALA A 82 8.70 -8.27 -10.45
C ALA A 82 7.23 -8.11 -10.78
N ALA A 83 6.40 -8.10 -9.75
CA ALA A 83 4.97 -7.88 -9.92
C ALA A 83 4.62 -6.46 -9.52
N THR A 84 3.55 -5.92 -10.08
CA THR A 84 3.21 -4.52 -9.86
C THR A 84 2.09 -4.39 -8.83
N LEU A 85 1.75 -3.15 -8.48
CA LEU A 85 0.73 -2.88 -7.47
C LEU A 85 -0.58 -3.56 -7.81
N GLU A 86 -0.96 -3.49 -9.09
CA GLU A 86 -2.19 -4.09 -9.57
C GLU A 86 -2.26 -5.57 -9.21
N GLU A 87 -1.12 -6.24 -9.33
CA GLU A 87 -1.03 -7.66 -9.00
C GLU A 87 -1.23 -7.85 -7.50
N MET A 88 -0.62 -6.96 -6.72
CA MET A 88 -0.74 -7.01 -5.26
C MET A 88 -2.19 -6.86 -4.83
N MET A 89 -2.89 -5.93 -5.48
CA MET A 89 -4.29 -5.66 -5.19
C MET A 89 -5.13 -6.91 -5.39
N THR A 90 -4.83 -7.65 -6.44
CA THR A 90 -5.55 -8.88 -6.75
C THR A 90 -5.04 -10.05 -5.92
N ALA A 91 -3.76 -9.99 -5.55
CA ALA A 91 -3.13 -11.04 -4.76
C ALA A 91 -3.75 -11.12 -3.37
N CYS A 92 -3.97 -9.97 -2.75
CA CYS A 92 -4.59 -9.92 -1.43
C CYS A 92 -6.04 -10.42 -1.48
N GLN A 93 -6.58 -10.49 -2.69
CA GLN A 93 -7.95 -10.95 -2.88
C GLN A 93 -8.04 -12.47 -2.98
N GLY A 94 -6.89 -13.15 -2.97
CA GLY A 94 -6.89 -14.59 -2.96
C GLY A 94 -5.67 -15.17 -3.65
N VAL A 95 -5.88 -15.74 -4.82
CA VAL A 95 -4.79 -16.29 -5.61
C VAL A 95 -4.68 -15.54 -6.95
N GLY A 96 -5.76 -14.86 -7.32
CA GLY A 96 -5.76 -14.08 -8.54
C GLY A 96 -6.51 -14.75 -9.66
N GLY A 97 -6.38 -16.07 -9.75
CA GLY A 97 -7.06 -16.81 -10.79
C GLY A 97 -7.25 -18.27 -10.43
N PRO A 98 -8.47 -18.64 -10.02
CA PRO A 98 -8.80 -20.04 -9.70
C PRO A 98 -8.80 -20.92 -10.95
N GLY A 99 -8.75 -22.22 -10.76
CA GLY A 99 -8.71 -23.13 -11.89
C GLY A 99 -7.33 -23.23 -12.50
N HIS A 100 -6.36 -22.61 -11.85
CA HIS A 100 -4.98 -22.68 -12.28
C HIS A 100 -4.18 -23.46 -11.24
N LYS A 101 -3.57 -24.56 -11.68
CA LYS A 101 -2.92 -25.51 -10.77
C LYS A 101 -3.97 -26.09 -9.82
N ALA A 102 -4.60 -27.18 -10.25
CA ALA A 102 -5.70 -27.77 -9.50
C ALA A 102 -5.18 -28.52 -8.27
N ARG A 103 -4.71 -27.76 -7.29
CA ARG A 103 -4.27 -28.33 -6.04
C ARG A 103 -5.34 -28.13 -4.97
N VAL A 104 -5.78 -26.89 -4.83
CA VAL A 104 -6.89 -26.58 -3.93
C VAL A 104 -8.21 -26.49 -4.69
N LEU A 105 -8.25 -25.64 -5.73
CA LEU A 105 -9.43 -25.48 -6.57
C LEU A 105 -9.03 -24.99 -7.95
N ILE B 1 7.55 -0.26 -7.48
CA ILE B 1 6.37 -0.34 -6.59
C ILE B 1 6.36 0.87 -5.67
N THR B 2 6.48 2.02 -6.30
CA THR B 2 6.62 3.26 -5.57
C THR B 2 5.34 4.08 -5.71
N PHE B 3 5.33 5.31 -5.19
CA PHE B 3 4.20 6.21 -5.38
C PHE B 3 3.88 6.35 -6.86
C MK8 B 4 3.77 5.25 -9.55
N MK8 B 4 4.93 6.27 -7.68
O MK8 B 4 2.71 5.55 -10.10
CA MK8 B 4 4.80 6.32 -9.15
CB MK8 B 4 6.17 5.96 -9.79
CD MK8 B 4 5.58 6.20 -12.29
CE MK8 B 4 5.22 4.86 -12.26
CG MK8 B 4 6.44 6.69 -11.12
CB1 MK8 B 4 4.36 7.71 -9.60
H MK8 B 4 5.83 6.17 -7.29
HB MK8 B 4 6.95 6.22 -9.10
HBA MK8 B 4 6.19 4.90 -9.97
HD MK8 B 4 4.68 6.78 -12.30
HDA MK8 B 4 6.13 6.39 -13.21
HE MK8 B 4 5.93 4.12 -11.92
HG MK8 B 4 6.26 7.74 -10.98
HGA MK8 B 4 7.49 6.53 -11.38
HB1 MK8 B 4 5.11 8.44 -9.31
HB1A MK8 B 4 4.25 7.72 -10.68
HB1B MK8 B 4 3.42 7.95 -9.14
N ASP B 5 4.08 4.00 -9.19
CA ASP B 5 3.25 2.85 -9.53
C ASP B 5 1.83 3.03 -8.99
N LEU B 6 1.74 3.64 -7.82
CA LEU B 6 0.45 3.95 -7.22
C LEU B 6 -0.37 4.88 -8.12
N LEU B 7 0.28 5.93 -8.61
CA LEU B 7 -0.34 6.88 -9.52
C LEU B 7 -0.82 6.19 -10.80
C MK8 B 8 -1.39 3.73 -12.48
N MK8 B 8 0.07 5.42 -11.42
O MK8 B 8 -2.14 3.43 -13.41
CA MK8 B 8 -0.24 4.72 -12.70
CB MK8 B 8 0.98 3.95 -13.23
CD MK8 B 8 3.03 5.42 -13.09
CE MK8 B 8 3.95 4.48 -12.65
CG MK8 B 8 1.97 4.84 -13.99
CB1 MK8 B 8 -0.65 5.74 -13.76
H MK8 B 8 0.97 5.32 -11.03
HB MK8 B 8 1.50 3.50 -12.40
HBA MK8 B 8 0.65 3.17 -13.89
HD MK8 B 8 3.57 6.19 -13.62
HDA MK8 B 8 2.55 5.85 -12.22
HE MK8 B 8 3.67 3.44 -12.62
HG MK8 B 8 2.45 4.24 -14.76
HGA MK8 B 8 1.42 5.64 -14.45
HB1 MK8 B 8 0.18 6.41 -13.95
HB1A MK8 B 8 -0.91 5.22 -14.67
HB1B MK8 B 8 -1.50 6.30 -13.40
N TYR B 9 -1.52 3.23 -11.26
CA TYR B 9 -2.57 2.29 -10.94
C TYR B 9 -3.95 2.95 -10.94
N TYR B 10 -4.04 4.10 -10.31
CA TYR B 10 -5.30 4.85 -10.29
C TYR B 10 -5.58 5.51 -11.64
N GLY B 11 -4.53 5.98 -12.30
CA GLY B 11 -4.70 6.68 -13.56
C GLY B 11 -4.91 5.73 -14.74
N LYS B 12 -4.13 4.67 -14.79
CA LYS B 12 -4.21 3.70 -15.88
C LYS B 12 -4.42 2.31 -15.31
N LYS B 13 -4.10 1.29 -16.07
CA LYS B 13 -4.24 -0.09 -15.60
C LYS B 13 -3.12 -0.98 -16.13
N LYS B 14 -1.90 -0.45 -16.18
CA LYS B 14 -0.71 -1.22 -16.52
C LYS B 14 0.50 -0.31 -16.57
N SER A 12 -2.44 15.15 19.98
CA SER A 12 -2.77 16.33 19.14
C SER A 12 -1.52 17.16 18.90
N GLY A 13 -1.59 18.06 17.93
CA GLY A 13 -0.46 18.90 17.61
C GLY A 13 0.50 18.21 16.67
N LEU A 14 1.55 17.63 17.24
CA LEU A 14 2.54 16.91 16.45
C LEU A 14 2.01 15.54 16.07
N VAL A 15 1.94 15.30 14.75
CA VAL A 15 1.45 14.04 14.16
C VAL A 15 0.26 13.45 14.92
N PRO A 16 -0.94 14.00 14.72
CA PRO A 16 -2.15 13.55 15.39
C PRO A 16 -2.72 12.27 14.77
N ARG A 17 -1.95 11.19 14.86
CA ARG A 17 -2.35 9.88 14.32
C ARG A 17 -2.65 9.99 12.83
N GLY A 18 -1.89 10.82 12.14
CA GLY A 18 -2.17 11.10 10.75
C GLY A 18 -3.38 11.98 10.59
N SER A 19 -4.55 11.35 10.45
CA SER A 19 -5.84 12.05 10.36
C SER A 19 -5.93 12.96 9.13
N HIS A 20 -5.32 14.13 9.20
CA HIS A 20 -5.47 15.15 8.17
C HIS A 20 -4.45 14.95 7.04
N MET A 21 -4.38 13.72 6.54
CA MET A 21 -3.48 13.35 5.45
C MET A 21 -2.05 13.79 5.74
N THR A 22 -1.46 13.18 6.76
CA THR A 22 -0.11 13.49 7.17
C THR A 22 0.51 12.26 7.82
N SER A 23 1.84 12.20 7.85
CA SER A 23 2.58 11.10 8.47
C SER A 23 2.12 9.73 7.96
N ILE A 24 2.67 9.36 6.81
CA ILE A 24 2.34 8.09 6.16
C ILE A 24 2.80 6.91 7.03
N LEU A 25 3.66 7.20 8.00
CA LEU A 25 4.18 6.18 8.91
C LEU A 25 3.07 5.63 9.81
N ASP A 26 2.00 6.40 9.96
CA ASP A 26 0.87 5.99 10.78
C ASP A 26 -0.18 5.26 9.95
N ILE A 27 0.00 5.28 8.64
CA ILE A 27 -0.93 4.64 7.74
C ILE A 27 -0.60 3.15 7.62
N ARG A 28 -1.11 2.38 8.56
CA ARG A 28 -0.94 0.94 8.57
C ARG A 28 -2.25 0.27 8.19
N GLN A 29 -2.14 -0.96 7.70
CA GLN A 29 -3.30 -1.74 7.29
C GLN A 29 -4.03 -2.30 8.50
N GLY A 30 -5.35 -2.20 8.49
CA GLY A 30 -6.13 -2.80 9.55
C GLY A 30 -6.18 -4.30 9.42
N PRO A 31 -6.26 -5.03 10.54
CA PRO A 31 -6.24 -6.50 10.55
C PRO A 31 -7.42 -7.11 9.78
N LYS A 32 -8.46 -6.30 9.63
CA LYS A 32 -9.65 -6.72 8.89
C LYS A 32 -9.95 -5.73 7.77
N GLU A 33 -8.92 -4.98 7.39
CA GLU A 33 -9.06 -3.99 6.34
C GLU A 33 -8.53 -4.50 5.02
N PRO A 34 -9.36 -4.45 3.95
CA PRO A 34 -8.96 -4.87 2.60
C PRO A 34 -7.78 -4.07 2.09
N PHE A 35 -6.84 -4.78 1.46
CA PHE A 35 -5.61 -4.17 0.95
C PHE A 35 -5.89 -3.03 -0.01
N ARG A 36 -6.99 -3.11 -0.74
CA ARG A 36 -7.35 -2.07 -1.69
C ARG A 36 -7.74 -0.78 -0.96
N ASP A 37 -8.28 -0.92 0.24
CA ASP A 37 -8.68 0.24 1.04
C ASP A 37 -7.46 0.80 1.75
N TYR A 38 -6.55 -0.10 2.14
CA TYR A 38 -5.30 0.29 2.75
C TYR A 38 -4.47 1.10 1.77
N VAL A 39 -4.35 0.58 0.56
CA VAL A 39 -3.67 1.29 -0.52
C VAL A 39 -4.40 2.59 -0.85
N ASP A 40 -5.72 2.56 -0.77
CA ASP A 40 -6.54 3.74 -1.04
C ASP A 40 -6.21 4.86 -0.07
N ARG A 41 -6.17 4.54 1.23
CA ARG A 41 -5.83 5.53 2.25
C ARG A 41 -4.36 5.94 2.15
N PHE A 42 -3.50 4.96 1.89
CA PHE A 42 -2.07 5.18 1.75
C PHE A 42 -1.81 6.17 0.61
N TYR A 43 -2.31 5.82 -0.58
CA TYR A 43 -2.17 6.65 -1.77
C TYR A 43 -2.71 8.07 -1.58
N LYS A 44 -3.88 8.20 -0.94
CA LYS A 44 -4.45 9.52 -0.69
C LYS A 44 -3.52 10.36 0.16
N THR A 45 -2.94 9.73 1.18
CA THR A 45 -2.06 10.42 2.10
C THR A 45 -0.78 10.86 1.40
N LEU A 46 -0.24 10.00 0.53
CA LEU A 46 0.99 10.31 -0.20
C LEU A 46 0.82 11.55 -1.06
N ARG A 47 -0.38 11.76 -1.59
CA ARG A 47 -0.65 12.92 -2.41
C ARG A 47 -0.58 14.21 -1.59
N ALA A 48 -0.63 14.07 -0.27
CA ALA A 48 -0.53 15.21 0.63
C ALA A 48 0.80 15.19 1.37
N GLU A 49 1.52 14.07 1.26
CA GLU A 49 2.82 13.92 1.87
C GLU A 49 3.83 14.90 1.25
N GLN A 50 4.48 15.68 2.12
CA GLN A 50 5.37 16.72 1.66
C GLN A 50 6.81 16.22 1.57
N ALA A 51 7.27 16.00 0.35
CA ALA A 51 8.66 15.63 0.06
C ALA A 51 8.88 15.62 -1.44
N SER A 52 10.11 15.42 -1.87
CA SER A 52 10.39 15.19 -3.28
C SER A 52 9.81 13.86 -3.70
N GLN A 53 9.12 13.81 -4.84
CA GLN A 53 8.38 12.62 -5.24
C GLN A 53 9.23 11.36 -5.13
N GLU A 54 10.45 11.42 -5.67
CA GLU A 54 11.36 10.28 -5.68
C GLU A 54 11.58 9.73 -4.27
N VAL A 55 11.70 10.63 -3.30
CA VAL A 55 11.89 10.24 -1.90
C VAL A 55 10.63 9.54 -1.39
N LYS A 56 9.48 10.11 -1.73
CA LYS A 56 8.20 9.52 -1.35
C LYS A 56 8.03 8.16 -2.03
N ASN A 57 8.45 8.07 -3.29
CA ASN A 57 8.38 6.82 -4.04
C ASN A 57 9.20 5.73 -3.36
N ALA A 58 10.46 6.05 -3.09
CA ALA A 58 11.39 5.10 -2.50
C ALA A 58 10.89 4.58 -1.17
N ALA A 59 10.40 5.50 -0.33
CA ALA A 59 9.87 5.15 0.97
C ALA A 59 8.65 4.23 0.84
N THR A 60 7.74 4.61 -0.05
CA THR A 60 6.52 3.87 -0.27
C THR A 60 6.78 2.42 -0.70
N GLU A 61 7.86 2.22 -1.47
CA GLU A 61 8.20 0.87 -1.94
C GLU A 61 8.22 -0.13 -0.81
N THR A 62 8.93 0.21 0.26
CA THR A 62 9.07 -0.68 1.39
C THR A 62 7.94 -0.49 2.41
N LEU A 63 7.61 0.76 2.68
CA LEU A 63 6.60 1.09 3.69
C LEU A 63 5.25 0.48 3.35
N LEU A 64 4.94 0.38 2.06
CA LEU A 64 3.70 -0.24 1.62
C LEU A 64 3.61 -1.67 2.15
N VAL A 65 4.73 -2.38 2.07
CA VAL A 65 4.80 -3.76 2.54
C VAL A 65 4.92 -3.83 4.05
N GLN A 66 5.69 -2.91 4.61
CA GLN A 66 5.99 -2.92 6.05
C GLN A 66 4.79 -2.56 6.90
N ASN A 67 3.96 -1.65 6.41
CA ASN A 67 2.79 -1.20 7.16
C ASN A 67 1.60 -2.14 6.96
N ALA A 68 1.81 -3.19 6.17
CA ALA A 68 0.78 -4.18 5.92
C ALA A 68 0.83 -5.29 6.97
N ASN A 69 -0.29 -5.99 7.12
CA ASN A 69 -0.41 -7.08 8.10
C ASN A 69 0.54 -8.22 7.75
N PRO A 70 0.98 -9.00 8.74
CA PRO A 70 2.02 -10.03 8.56
C PRO A 70 1.76 -10.93 7.37
N ASP A 71 0.52 -11.38 7.22
CA ASP A 71 0.17 -12.27 6.11
C ASP A 71 0.31 -11.55 4.78
N CYS A 72 -0.28 -10.36 4.67
CA CYS A 72 -0.18 -9.56 3.46
C CYS A 72 1.28 -9.27 3.13
N LYS A 73 2.03 -8.91 4.18
CA LYS A 73 3.45 -8.60 4.06
C LYS A 73 4.21 -9.78 3.45
N THR A 74 3.80 -10.98 3.81
CA THR A 74 4.41 -12.20 3.31
C THR A 74 4.06 -12.43 1.83
N ILE A 75 2.83 -12.09 1.47
CA ILE A 75 2.36 -12.25 0.09
C ILE A 75 2.99 -11.20 -0.83
N LEU A 76 3.10 -9.98 -0.33
CA LEU A 76 3.67 -8.87 -1.10
C LEU A 76 5.11 -9.16 -1.49
N LYS A 77 5.86 -9.77 -0.57
CA LYS A 77 7.24 -10.14 -0.85
C LYS A 77 7.30 -11.34 -1.80
N ALA A 78 6.25 -12.15 -1.79
CA ALA A 78 6.19 -13.33 -2.64
C ALA A 78 6.07 -12.95 -4.11
N LEU A 79 5.46 -11.79 -4.37
CA LEU A 79 5.37 -11.27 -5.73
C LEU A 79 6.74 -11.01 -6.31
N GLY A 80 7.54 -10.23 -5.58
CA GLY A 80 8.87 -9.88 -6.03
C GLY A 80 8.88 -8.54 -6.76
N PRO A 81 10.07 -8.03 -7.11
CA PRO A 81 10.20 -6.75 -7.80
C PRO A 81 9.74 -6.80 -9.26
N ALA A 82 9.50 -8.01 -9.74
CA ALA A 82 9.03 -8.20 -11.12
C ALA A 82 7.51 -8.16 -11.20
N ALA A 83 6.89 -7.59 -10.18
CA ALA A 83 5.44 -7.48 -10.12
C ALA A 83 5.01 -6.03 -9.96
N THR A 84 3.72 -5.78 -10.19
CA THR A 84 3.17 -4.43 -10.13
C THR A 84 2.28 -4.27 -8.92
N LEU A 85 1.75 -3.07 -8.70
CA LEU A 85 0.78 -2.85 -7.64
C LEU A 85 -0.46 -3.68 -7.90
N GLU A 86 -0.81 -3.80 -9.17
CA GLU A 86 -2.03 -4.48 -9.58
C GLU A 86 -1.96 -5.98 -9.25
N GLU A 87 -0.75 -6.52 -9.22
CA GLU A 87 -0.55 -7.91 -8.84
C GLU A 87 -0.75 -8.05 -7.34
N MET A 88 -0.37 -7.02 -6.60
CA MET A 88 -0.53 -6.99 -5.15
C MET A 88 -2.00 -6.94 -4.79
N MET A 89 -2.76 -6.13 -5.54
CA MET A 89 -4.19 -6.02 -5.34
C MET A 89 -4.84 -7.39 -5.50
N THR A 90 -4.54 -8.03 -6.61
CA THR A 90 -5.06 -9.36 -6.91
C THR A 90 -4.49 -10.40 -5.95
N ALA A 91 -3.27 -10.15 -5.48
CA ALA A 91 -2.62 -11.04 -4.51
C ALA A 91 -3.47 -11.17 -3.25
N CYS A 92 -3.89 -10.03 -2.72
CA CYS A 92 -4.75 -10.01 -1.54
C CYS A 92 -6.13 -10.57 -1.87
N GLN A 93 -6.57 -10.37 -3.11
CA GLN A 93 -7.85 -10.87 -3.57
C GLN A 93 -7.86 -12.39 -3.58
N GLY A 94 -6.70 -13.00 -3.76
CA GLY A 94 -6.59 -14.44 -3.63
C GLY A 94 -5.68 -15.07 -4.66
N VAL A 95 -4.46 -14.59 -4.77
CA VAL A 95 -3.48 -15.20 -5.66
C VAL A 95 -2.87 -16.44 -5.04
N GLY A 96 -2.91 -17.52 -5.80
CA GLY A 96 -2.28 -18.74 -5.39
C GLY A 96 -2.52 -19.82 -6.40
N GLY A 97 -2.19 -19.53 -7.65
CA GLY A 97 -2.44 -20.48 -8.71
C GLY A 97 -2.18 -19.89 -10.09
N PRO A 98 -2.96 -18.88 -10.52
CA PRO A 98 -2.84 -18.27 -11.85
C PRO A 98 -1.42 -17.81 -12.18
N GLY A 99 -0.68 -18.65 -12.89
CA GLY A 99 0.65 -18.30 -13.30
C GLY A 99 0.72 -18.04 -14.78
N HIS A 100 0.07 -16.96 -15.21
CA HIS A 100 0.04 -16.60 -16.62
C HIS A 100 0.39 -15.14 -16.81
N LYS A 101 1.45 -14.87 -17.56
CA LYS A 101 1.86 -13.51 -17.84
C LYS A 101 1.11 -12.98 -19.07
N ALA A 102 0.64 -13.89 -19.91
CA ALA A 102 -0.09 -13.52 -21.11
C ALA A 102 -1.59 -13.59 -20.87
N ARG A 103 -1.97 -13.40 -19.62
CA ARG A 103 -3.38 -13.42 -19.23
C ARG A 103 -4.07 -12.13 -19.69
N VAL A 104 -5.28 -12.27 -20.20
CA VAL A 104 -6.06 -11.12 -20.64
C VAL A 104 -6.65 -10.39 -19.43
N LEU A 105 -6.92 -11.14 -18.38
CA LEU A 105 -7.49 -10.58 -17.17
C LEU A 105 -6.99 -11.38 -15.97
N ILE B 1 4.66 -0.51 -4.14
CA ILE B 1 5.68 -0.41 -5.18
C ILE B 1 5.79 1.05 -5.64
N THR B 2 6.47 1.85 -4.81
CA THR B 2 6.58 3.30 -4.96
C THR B 2 5.21 3.99 -5.14
N PHE B 3 5.19 5.31 -4.94
CA PHE B 3 3.99 6.11 -5.14
C PHE B 3 3.65 6.19 -6.62
C MK8 B 4 3.46 5.26 -9.36
N MK8 B 4 4.70 6.15 -7.45
O MK8 B 4 2.44 5.67 -9.92
CA MK8 B 4 4.56 6.26 -8.92
CB MK8 B 4 5.90 5.88 -9.59
CD MK8 B 4 5.25 6.33 -12.05
CE MK8 B 4 4.87 5.00 -12.15
CG MK8 B 4 6.20 6.64 -10.89
CB1 MK8 B 4 4.19 7.69 -9.30
H MK8 B 4 5.58 6.05 -7.05
HB MK8 B 4 6.71 6.06 -8.89
HBA MK8 B 4 5.88 4.81 -9.83
HD MK8 B 4 4.35 6.91 -11.92
HDA MK8 B 4 5.72 6.62 -12.97
HE MK8 B 4 5.58 4.22 -11.89
HG MK8 B 4 6.13 7.71 -10.68
HGA MK8 B 4 7.20 6.41 -11.20
HB1 MK8 B 4 4.04 7.75 -10.36
HB1A MK8 B 4 3.28 7.97 -8.79
HB1B MK8 B 4 4.98 8.35 -9.01
N ASP B 5 3.69 3.97 -9.09
CA ASP B 5 2.79 2.91 -9.57
C ASP B 5 1.38 3.13 -9.00
N LEU B 6 1.34 3.64 -7.78
CA LEU B 6 0.08 3.94 -7.12
C LEU B 6 -0.73 4.94 -7.95
N LEU B 7 -0.03 5.97 -8.43
CA LEU B 7 -0.64 6.97 -9.29
C LEU B 7 -1.15 6.35 -10.58
C MK8 B 8 -1.79 4.03 -12.43
N MK8 B 8 -0.27 5.61 -11.28
O MK8 B 8 -2.59 3.85 -13.35
CA MK8 B 8 -0.61 5.00 -12.61
CB MK8 B 8 0.58 4.24 -13.18
CD MK8 B 8 2.67 5.65 -12.93
CE MK8 B 8 3.60 4.67 -12.59
CG MK8 B 8 1.59 5.17 -13.88
CB1 MK8 B 8 -0.99 6.10 -13.58
H MK8 B 8 0.62 5.46 -10.90
HB MK8 B 8 1.09 3.71 -12.39
HBA MK8 B 8 0.23 3.53 -13.91
HD MK8 B 8 3.22 6.46 -13.41
HDA MK8 B 8 2.22 6.02 -12.02
HE MK8 B 8 3.31 3.64 -12.66
HG MK8 B 8 2.06 4.63 -14.69
HGA MK8 B 8 1.06 6.01 -14.27
HB1 MK8 B 8 -1.27 5.66 -14.53
HB1A MK8 B 8 -1.84 6.66 -13.19
HB1B MK8 B 8 -0.17 6.76 -13.73
N TYR B 9 -1.88 3.41 -11.27
CA TYR B 9 -2.94 2.45 -10.99
C TYR B 9 -4.30 3.13 -10.95
N TYR B 10 -4.43 4.15 -10.11
CA TYR B 10 -5.69 4.88 -9.99
C TYR B 10 -5.97 5.75 -11.21
N GLY B 11 -4.91 6.28 -11.81
CA GLY B 11 -5.07 7.14 -12.95
C GLY B 11 -4.75 6.44 -14.26
N LYS B 12 -5.54 5.42 -14.58
CA LYS B 12 -5.35 4.66 -15.82
C LYS B 12 -5.70 5.51 -17.04
N LYS B 13 -4.72 6.27 -17.52
CA LYS B 13 -4.85 7.18 -18.67
C LYS B 13 -6.17 7.94 -18.66
N LYS B 14 -6.63 8.35 -19.83
CA LYS B 14 -7.89 9.05 -19.96
C LYS B 14 -8.77 8.35 -21.00
N SER A 12 4.39 13.10 17.87
CA SER A 12 5.73 12.94 18.46
C SER A 12 5.88 11.58 19.11
N GLY A 13 7.11 11.09 19.16
CA GLY A 13 7.39 9.78 19.72
C GLY A 13 8.82 9.37 19.44
N LEU A 14 9.00 8.33 18.64
CA LEU A 14 10.33 7.91 18.22
C LEU A 14 10.81 8.80 17.07
N VAL A 15 9.87 9.38 16.35
CA VAL A 15 10.19 10.26 15.24
C VAL A 15 9.70 11.68 15.52
N PRO A 16 10.36 12.70 14.95
CA PRO A 16 9.94 14.09 15.11
C PRO A 16 8.57 14.35 14.46
N ARG A 17 8.48 14.04 13.18
CA ARG A 17 7.24 14.19 12.44
C ARG A 17 6.41 12.92 12.54
N GLY A 18 5.53 12.88 13.52
CA GLY A 18 4.69 11.72 13.71
C GLY A 18 3.37 12.09 14.35
N SER A 19 2.28 11.69 13.71
CA SER A 19 0.93 11.93 14.21
C SER A 19 0.56 13.41 14.04
N HIS A 20 -0.52 13.83 14.69
CA HIS A 20 -1.08 15.18 14.56
C HIS A 20 -1.67 15.38 13.16
N MET A 21 -0.81 15.61 12.19
CA MET A 21 -1.25 15.93 10.83
C MET A 21 -0.57 15.02 9.83
N THR A 22 -1.21 14.86 8.67
CA THR A 22 -0.73 14.02 7.58
C THR A 22 -0.22 12.65 8.06
N SER A 23 1.10 12.49 8.11
CA SER A 23 1.73 11.29 8.63
C SER A 23 1.26 10.02 7.89
N ILE A 24 1.84 9.75 6.74
CA ILE A 24 1.54 8.53 5.99
C ILE A 24 2.06 7.31 6.75
N LEU A 25 2.97 7.55 7.69
CA LEU A 25 3.54 6.50 8.52
C LEU A 25 2.48 5.88 9.43
N ASP A 26 1.36 6.58 9.56
CA ASP A 26 0.28 6.12 10.44
C ASP A 26 -0.65 5.18 9.69
N ILE A 27 -0.38 4.98 8.41
CA ILE A 27 -1.24 4.16 7.57
C ILE A 27 -0.81 2.69 7.59
N ARG A 28 -1.35 1.94 8.54
CA ARG A 28 -1.13 0.50 8.59
C ARG A 28 -2.34 -0.21 7.97
N GLN A 29 -2.12 -1.42 7.50
CA GLN A 29 -3.20 -2.21 6.91
C GLN A 29 -3.93 -2.99 8.01
N GLY A 30 -5.26 -3.01 7.95
CA GLY A 30 -6.04 -3.75 8.93
C GLY A 30 -5.83 -5.24 8.79
N PRO A 31 -5.91 -6.00 9.90
CA PRO A 31 -5.62 -7.44 9.94
C PRO A 31 -6.43 -8.24 8.93
N LYS A 32 -7.63 -7.77 8.64
CA LYS A 32 -8.47 -8.41 7.63
C LYS A 32 -8.96 -7.37 6.62
N GLU A 33 -8.24 -6.28 6.52
CA GLU A 33 -8.62 -5.21 5.61
C GLU A 33 -8.00 -5.45 4.24
N PRO A 34 -8.85 -5.52 3.20
CA PRO A 34 -8.42 -5.70 1.82
C PRO A 34 -7.36 -4.67 1.40
N PHE A 35 -6.33 -5.16 0.74
CA PHE A 35 -5.19 -4.35 0.31
C PHE A 35 -5.62 -3.16 -0.55
N ARG A 36 -6.75 -3.31 -1.25
CA ARG A 36 -7.26 -2.24 -2.10
C ARG A 36 -7.58 -1.02 -1.25
N ASP A 37 -8.38 -1.26 -0.22
CA ASP A 37 -8.88 -0.22 0.64
C ASP A 37 -7.75 0.41 1.45
N TYR A 38 -6.72 -0.38 1.71
CA TYR A 38 -5.51 0.11 2.35
C TYR A 38 -4.79 1.10 1.42
N VAL A 39 -4.58 0.67 0.18
CA VAL A 39 -3.94 1.49 -0.84
C VAL A 39 -4.76 2.75 -1.13
N ASP A 40 -6.07 2.63 -1.06
CA ASP A 40 -6.97 3.76 -1.31
C ASP A 40 -6.60 4.97 -0.46
N ARG A 41 -6.43 4.77 0.84
CA ARG A 41 -6.08 5.87 1.72
C ARG A 41 -4.57 6.09 1.74
N PHE A 42 -3.82 5.02 1.57
CA PHE A 42 -2.37 5.10 1.56
C PHE A 42 -1.90 6.06 0.46
N TYR A 43 -2.42 5.86 -0.73
CA TYR A 43 -2.06 6.66 -1.89
C TYR A 43 -2.46 8.12 -1.72
N LYS A 44 -3.70 8.37 -1.31
CA LYS A 44 -4.20 9.74 -1.21
C LYS A 44 -3.46 10.50 -0.10
N THR A 45 -3.02 9.79 0.92
CA THR A 45 -2.25 10.41 2.00
C THR A 45 -0.84 10.73 1.52
N LEU A 46 -0.25 9.82 0.75
CA LEU A 46 1.06 10.06 0.14
C LEU A 46 1.04 11.32 -0.70
N ARG A 47 -0.06 11.52 -1.42
CA ARG A 47 -0.21 12.68 -2.28
C ARG A 47 -0.24 13.97 -1.46
N ALA A 48 -0.61 13.85 -0.19
CA ALA A 48 -0.71 15.00 0.69
C ALA A 48 0.55 15.16 1.54
N GLU A 49 1.38 14.11 1.59
CA GLU A 49 2.63 14.15 2.35
C GLU A 49 3.54 15.26 1.87
N GLN A 50 4.31 15.80 2.79
CA GLN A 50 5.24 16.88 2.49
C GLN A 50 6.63 16.33 2.17
N ALA A 51 6.79 15.87 0.94
CA ALA A 51 8.03 15.24 0.50
C ALA A 51 8.11 15.27 -1.03
N SER A 52 9.32 15.17 -1.56
CA SER A 52 9.52 15.20 -3.00
C SER A 52 9.12 13.85 -3.61
N GLN A 53 8.58 13.89 -4.83
CA GLN A 53 7.96 12.72 -5.45
C GLN A 53 8.89 11.49 -5.43
N GLU A 54 10.14 11.67 -5.84
CA GLU A 54 11.08 10.55 -5.92
C GLU A 54 11.36 9.99 -4.53
N VAL A 55 11.31 10.86 -3.52
CA VAL A 55 11.50 10.44 -2.14
C VAL A 55 10.28 9.68 -1.67
N LYS A 56 9.11 10.17 -2.06
CA LYS A 56 7.85 9.49 -1.75
C LYS A 56 7.85 8.08 -2.30
N ASN A 57 8.34 7.91 -3.52
CA ASN A 57 8.42 6.59 -4.13
C ASN A 57 9.31 5.69 -3.28
N ALA A 58 10.53 6.16 -3.03
CA ALA A 58 11.52 5.38 -2.27
C ALA A 58 10.97 4.98 -0.91
N ALA A 59 10.26 5.89 -0.27
CA ALA A 59 9.60 5.60 0.99
C ALA A 59 8.53 4.54 0.81
N THR A 60 7.67 4.74 -0.18
CA THR A 60 6.57 3.82 -0.46
C THR A 60 7.08 2.42 -0.77
N GLU A 61 8.17 2.35 -1.51
CA GLU A 61 8.76 1.07 -1.93
C GLU A 61 8.99 0.16 -0.72
N THR A 62 9.39 0.74 0.40
CA THR A 62 9.62 -0.02 1.62
C THR A 62 8.41 0.02 2.54
N LEU A 63 7.84 1.20 2.72
CA LEU A 63 6.77 1.42 3.70
C LEU A 63 5.52 0.61 3.40
N LEU A 64 5.17 0.49 2.12
CA LEU A 64 3.96 -0.24 1.74
C LEU A 64 4.00 -1.67 2.24
N VAL A 65 5.17 -2.28 2.13
CA VAL A 65 5.36 -3.67 2.55
C VAL A 65 5.50 -3.75 4.07
N GLN A 66 6.17 -2.75 4.64
CA GLN A 66 6.46 -2.73 6.06
C GLN A 66 5.20 -2.43 6.88
N ASN A 67 4.35 -1.54 6.37
CA ASN A 67 3.14 -1.14 7.08
C ASN A 67 2.00 -2.11 6.85
N ALA A 68 2.28 -3.20 6.14
CA ALA A 68 1.29 -4.22 5.88
C ALA A 68 1.37 -5.31 6.93
N ASN A 69 0.31 -6.08 7.08
CA ASN A 69 0.29 -7.17 8.06
C ASN A 69 1.35 -8.20 7.71
N PRO A 70 1.94 -8.90 8.70
CA PRO A 70 2.96 -9.92 8.47
C PRO A 70 2.51 -10.91 7.39
N ASP A 71 1.26 -11.34 7.50
CA ASP A 71 0.66 -12.25 6.53
C ASP A 71 0.67 -11.64 5.14
N CYS A 72 0.15 -10.42 5.03
CA CYS A 72 0.05 -9.74 3.75
C CYS A 72 1.43 -9.50 3.16
N LYS A 73 2.37 -9.10 4.02
CA LYS A 73 3.75 -8.87 3.62
C LYS A 73 4.37 -10.14 3.06
N THR A 74 3.99 -11.27 3.64
CA THR A 74 4.47 -12.58 3.18
C THR A 74 3.90 -12.90 1.80
N ILE A 75 2.69 -12.42 1.53
CA ILE A 75 2.05 -12.60 0.25
C ILE A 75 2.67 -11.65 -0.78
N LEU A 76 2.92 -10.41 -0.35
CA LEU A 76 3.54 -9.40 -1.21
C LEU A 76 4.91 -9.85 -1.67
N LYS A 77 5.69 -10.41 -0.74
CA LYS A 77 7.03 -10.88 -1.06
C LYS A 77 6.98 -12.10 -1.97
N ALA A 78 5.87 -12.83 -1.91
CA ALA A 78 5.69 -14.02 -2.75
C ALA A 78 5.55 -13.62 -4.22
N LEU A 79 4.95 -12.44 -4.46
CA LEU A 79 4.86 -11.89 -5.80
C LEU A 79 6.24 -11.69 -6.40
N GLY A 80 7.10 -11.03 -5.62
CA GLY A 80 8.44 -10.75 -6.07
C GLY A 80 8.62 -9.29 -6.40
N PRO A 81 9.88 -8.82 -6.47
CA PRO A 81 10.19 -7.41 -6.75
C PRO A 81 9.86 -7.03 -8.19
N ALA A 82 9.62 -8.03 -9.02
CA ALA A 82 9.32 -7.81 -10.43
C ALA A 82 7.82 -7.60 -10.65
N ALA A 83 7.03 -7.91 -9.62
CA ALA A 83 5.58 -7.78 -9.71
C ALA A 83 5.15 -6.33 -9.55
N THR A 84 3.89 -6.05 -9.84
CA THR A 84 3.40 -4.68 -9.77
C THR A 84 2.25 -4.55 -8.77
N LEU A 85 1.71 -3.33 -8.65
CA LEU A 85 0.71 -3.01 -7.66
C LEU A 85 -0.54 -3.87 -7.83
N GLU A 86 -1.01 -4.00 -9.08
CA GLU A 86 -2.21 -4.75 -9.40
C GLU A 86 -2.11 -6.20 -8.90
N GLU A 87 -0.91 -6.76 -8.97
CA GLU A 87 -0.69 -8.13 -8.58
C GLU A 87 -0.80 -8.28 -7.08
N MET A 88 -0.36 -7.25 -6.36
CA MET A 88 -0.47 -7.21 -4.90
C MET A 88 -1.93 -7.10 -4.49
N MET A 89 -2.62 -6.15 -5.12
CA MET A 89 -4.00 -5.85 -4.79
C MET A 89 -4.89 -7.06 -5.01
N THR A 90 -4.64 -7.77 -6.10
CA THR A 90 -5.42 -8.97 -6.42
C THR A 90 -4.97 -10.15 -5.55
N ALA A 91 -3.68 -10.17 -5.18
CA ALA A 91 -3.12 -11.24 -4.36
C ALA A 91 -3.79 -11.30 -3.00
N CYS A 92 -4.09 -10.13 -2.44
CA CYS A 92 -4.72 -10.03 -1.13
C CYS A 92 -6.23 -10.28 -1.23
N GLN A 93 -6.74 -10.41 -2.44
CA GLN A 93 -8.17 -10.63 -2.65
C GLN A 93 -8.47 -12.13 -2.68
N GLY A 94 -7.77 -12.85 -3.54
CA GLY A 94 -8.03 -14.27 -3.70
C GLY A 94 -9.25 -14.50 -4.58
N VAL A 95 -9.01 -14.92 -5.81
CA VAL A 95 -10.09 -15.11 -6.77
C VAL A 95 -10.68 -16.52 -6.66
N GLY A 96 -12.00 -16.58 -6.64
CA GLY A 96 -12.68 -17.86 -6.55
C GLY A 96 -13.27 -18.27 -7.89
N GLY A 97 -13.51 -17.28 -8.73
CA GLY A 97 -14.06 -17.55 -10.04
C GLY A 97 -14.97 -16.43 -10.51
N PRO A 98 -14.95 -16.11 -11.81
CA PRO A 98 -15.81 -15.06 -12.39
C PRO A 98 -17.27 -15.52 -12.50
N GLY A 99 -17.54 -16.73 -12.06
CA GLY A 99 -18.89 -17.27 -12.12
C GLY A 99 -18.88 -18.68 -12.68
N HIS A 100 -19.14 -18.80 -13.97
CA HIS A 100 -19.08 -20.08 -14.66
C HIS A 100 -18.06 -20.01 -15.79
N LYS A 101 -16.93 -20.64 -15.59
CA LYS A 101 -15.86 -20.63 -16.58
C LYS A 101 -14.92 -21.79 -16.33
N ALA A 102 -15.09 -22.86 -17.09
CA ALA A 102 -14.25 -24.04 -16.95
C ALA A 102 -12.90 -23.83 -17.61
N ARG A 103 -12.16 -22.84 -17.11
CA ARG A 103 -10.85 -22.54 -17.64
C ARG A 103 -9.81 -23.45 -17.02
N VAL A 104 -9.66 -24.62 -17.62
CA VAL A 104 -8.65 -25.58 -17.22
C VAL A 104 -7.89 -26.06 -18.45
N LEU A 105 -6.57 -26.13 -18.35
CA LEU A 105 -5.74 -26.50 -19.48
C LEU A 105 -4.78 -27.60 -19.08
N ILE B 1 3.50 -0.25 -4.51
CA ILE B 1 4.91 -0.50 -4.87
C ILE B 1 5.72 0.79 -4.70
N THR B 2 5.61 1.72 -5.64
CA THR B 2 6.15 3.05 -5.43
C THR B 2 5.01 4.06 -5.60
N PHE B 3 5.19 5.30 -5.17
CA PHE B 3 4.11 6.28 -5.27
C PHE B 3 3.82 6.60 -6.74
C MK8 B 4 3.73 5.91 -9.56
N MK8 B 4 4.87 6.63 -7.55
O MK8 B 4 2.71 6.29 -10.13
CA MK8 B 4 4.76 6.90 -9.00
CB MK8 B 4 6.13 6.67 -9.69
CD MK8 B 4 5.42 7.16 -12.11
CE MK8 B 4 5.19 5.80 -12.28
CG MK8 B 4 6.35 7.52 -10.95
CB1 MK8 B 4 4.32 8.35 -9.22
H MK8 B 4 5.76 6.47 -7.17
HB MK8 B 4 6.91 6.90 -8.98
HBA MK8 B 4 6.21 5.63 -9.97
HD MK8 B 4 4.46 7.63 -11.95
HDA MK8 B 4 5.85 7.56 -13.03
HE MK8 B 4 5.96 5.09 -12.01
HG MK8 B 4 6.18 8.56 -10.70
HGA MK8 B 4 7.37 7.40 -11.28
HB1 MK8 B 4 3.37 8.51 -8.74
HB1A MK8 B 4 5.05 9.02 -8.81
HB1B MK8 B 4 4.22 8.54 -10.28
N ASP B 5 4.00 4.62 -9.32
CA ASP B 5 3.16 3.53 -9.82
C ASP B 5 1.73 3.68 -9.32
N LEU B 6 1.58 4.12 -8.08
CA LEU B 6 0.27 4.36 -7.51
C LEU B 6 -0.50 5.36 -8.35
N LEU B 7 0.18 6.42 -8.72
CA LEU B 7 -0.40 7.46 -9.56
C LEU B 7 -0.86 6.89 -10.90
C MK8 B 8 -1.48 4.65 -12.84
N MK8 B 8 0.03 6.14 -11.57
O MK8 B 8 -2.31 4.62 -13.74
CA MK8 B 8 -0.25 5.57 -12.92
CB MK8 B 8 0.94 4.77 -13.45
CD MK8 B 8 2.98 6.24 -13.15
CE MK8 B 8 3.98 5.35 -12.79
CG MK8 B 8 1.99 5.65 -14.13
CB1 MK8 B 8 -0.55 6.70 -13.90
H MK8 B 8 0.90 5.96 -11.15
HB MK8 B 8 1.41 4.24 -12.63
HBA MK8 B 8 0.59 4.04 -14.17
HD MK8 B 8 3.44 7.11 -13.59
HDA MK8 B 8 2.45 6.53 -12.25
HE MK8 B 8 3.81 4.30 -12.90
HG MK8 B 8 2.54 5.05 -14.85
HGA MK8 B 8 1.48 6.46 -14.65
HB1 MK8 B 8 -1.37 7.29 -13.52
HB1A MK8 B 8 0.33 7.32 -14.00
HB1B MK8 B 8 -0.82 6.28 -14.85
N TYR B 9 -1.59 3.92 -11.74
CA TYR B 9 -2.69 2.97 -11.57
C TYR B 9 -4.03 3.70 -11.47
N TYR B 10 -4.13 4.65 -10.55
CA TYR B 10 -5.38 5.37 -10.34
C TYR B 10 -5.69 6.34 -11.48
N GLY B 11 -4.66 6.97 -12.02
CA GLY B 11 -4.86 8.01 -13.01
C GLY B 11 -5.03 7.48 -14.41
N LYS B 12 -4.32 6.42 -14.75
CA LYS B 12 -4.32 5.92 -16.11
C LYS B 12 -4.54 4.41 -16.12
N LYS B 13 -4.28 3.82 -17.26
CA LYS B 13 -4.40 2.38 -17.44
C LYS B 13 -3.36 1.91 -18.45
N LYS B 14 -3.21 0.60 -18.59
CA LYS B 14 -2.27 0.06 -19.55
C LYS B 14 -2.99 -0.25 -20.86
N SER A 12 -18.61 16.22 24.56
CA SER A 12 -17.39 15.86 25.32
C SER A 12 -16.14 16.11 24.48
N GLY A 13 -16.28 16.05 23.16
CA GLY A 13 -15.16 16.32 22.29
C GLY A 13 -15.18 15.46 21.04
N LEU A 14 -15.63 16.04 19.94
CA LEU A 14 -15.63 15.36 18.65
C LEU A 14 -15.23 16.35 17.56
N VAL A 15 -14.40 15.89 16.64
CA VAL A 15 -13.95 16.72 15.53
C VAL A 15 -14.28 16.06 14.20
N PRO A 16 -15.45 16.41 13.62
CA PRO A 16 -15.94 15.83 12.37
C PRO A 16 -15.20 16.39 11.15
N ARG A 17 -13.89 16.26 11.15
CA ARG A 17 -13.07 16.76 10.05
C ARG A 17 -11.85 15.88 9.86
N GLY A 18 -11.95 14.64 10.33
CA GLY A 18 -10.84 13.71 10.24
C GLY A 18 -9.80 13.96 11.32
N SER A 19 -8.66 14.50 10.92
CA SER A 19 -7.60 14.82 11.86
C SER A 19 -6.50 15.65 11.19
N HIS A 20 -6.47 15.62 9.85
CA HIS A 20 -5.44 16.30 9.07
C HIS A 20 -4.07 15.70 9.35
N MET A 21 -4.07 14.43 9.77
CA MET A 21 -2.84 13.74 10.10
C MET A 21 -2.08 13.41 8.83
N THR A 22 -1.18 14.30 8.44
CA THR A 22 -0.39 14.11 7.24
C THR A 22 0.86 13.31 7.57
N SER A 23 0.67 12.04 7.84
CA SER A 23 1.76 11.15 8.18
C SER A 23 1.49 9.76 7.60
N ILE A 24 2.13 9.47 6.47
CA ILE A 24 1.95 8.20 5.78
C ILE A 24 2.46 7.03 6.63
N LEU A 25 3.33 7.34 7.59
CA LEU A 25 3.95 6.32 8.44
C LEU A 25 2.91 5.56 9.27
N ASP A 26 1.79 6.20 9.56
CA ASP A 26 0.76 5.59 10.39
C ASP A 26 -0.36 4.99 9.55
N ILE A 27 -0.18 5.02 8.23
CA ILE A 27 -1.12 4.36 7.34
C ILE A 27 -0.77 2.87 7.26
N ARG A 28 -1.56 2.05 7.95
CA ARG A 28 -1.25 0.64 8.10
C ARG A 28 -2.49 -0.22 7.82
N GLN A 29 -2.27 -1.46 7.43
CA GLN A 29 -3.35 -2.34 7.01
C GLN A 29 -3.95 -3.10 8.19
N GLY A 30 -5.27 -3.28 8.16
CA GLY A 30 -5.94 -4.11 9.15
C GLY A 30 -5.77 -5.59 8.84
N PRO A 31 -5.82 -6.47 9.86
CA PRO A 31 -5.56 -7.90 9.71
C PRO A 31 -6.46 -8.58 8.68
N LYS A 32 -7.71 -8.14 8.61
CA LYS A 32 -8.65 -8.68 7.64
C LYS A 32 -9.13 -7.58 6.69
N GLU A 33 -8.32 -6.53 6.56
CA GLU A 33 -8.66 -5.41 5.71
C GLU A 33 -8.07 -5.59 4.31
N PRO A 34 -8.93 -5.56 3.27
CA PRO A 34 -8.50 -5.67 1.88
C PRO A 34 -7.43 -4.65 1.49
N PHE A 35 -6.46 -5.12 0.73
CA PHE A 35 -5.29 -4.33 0.36
C PHE A 35 -5.68 -3.09 -0.45
N ARG A 36 -6.79 -3.18 -1.18
CA ARG A 36 -7.28 -2.05 -1.97
C ARG A 36 -7.65 -0.87 -1.07
N ASP A 37 -8.33 -1.16 0.04
CA ASP A 37 -8.78 -0.13 0.95
C ASP A 37 -7.60 0.50 1.66
N TYR A 38 -6.57 -0.31 1.87
CA TYR A 38 -5.33 0.16 2.45
C TYR A 38 -4.61 1.09 1.47
N VAL A 39 -4.53 0.66 0.21
CA VAL A 39 -3.88 1.44 -0.84
C VAL A 39 -4.58 2.77 -1.07
N ASP A 40 -5.92 2.76 -1.05
CA ASP A 40 -6.69 3.98 -1.31
C ASP A 40 -6.26 5.09 -0.37
N ARG A 41 -6.19 4.79 0.93
CA ARG A 41 -5.84 5.80 1.91
C ARG A 41 -4.34 6.07 1.90
N PHE A 42 -3.55 5.03 1.67
CA PHE A 42 -2.10 5.16 1.59
C PHE A 42 -1.75 6.13 0.46
N TYR A 43 -2.26 5.83 -0.72
CA TYR A 43 -2.00 6.64 -1.89
C TYR A 43 -2.49 8.07 -1.73
N LYS A 44 -3.74 8.23 -1.28
CA LYS A 44 -4.34 9.56 -1.21
C LYS A 44 -3.67 10.42 -0.13
N THR A 45 -3.23 9.79 0.97
CA THR A 45 -2.51 10.49 2.02
C THR A 45 -1.12 10.85 1.53
N LEU A 46 -0.54 9.97 0.74
CA LEU A 46 0.81 10.15 0.23
C LEU A 46 0.85 11.28 -0.80
N ARG A 47 -0.28 11.54 -1.44
CA ARG A 47 -0.39 12.70 -2.35
C ARG A 47 -0.36 13.99 -1.53
N ALA A 48 -0.82 13.89 -0.29
CA ALA A 48 -0.88 15.04 0.62
C ALA A 48 0.48 15.26 1.28
N GLU A 49 1.23 14.17 1.46
CA GLU A 49 2.59 14.25 1.99
C GLU A 49 3.40 15.22 1.14
N GLN A 50 3.97 16.23 1.79
CA GLN A 50 4.62 17.33 1.08
C GLN A 50 6.07 17.02 0.71
N ALA A 51 6.41 15.74 0.72
CA ALA A 51 7.70 15.32 0.19
C ALA A 51 7.65 15.33 -1.33
N SER A 52 8.80 15.28 -1.96
CA SER A 52 8.87 15.23 -3.41
C SER A 52 8.57 13.81 -3.92
N GLN A 53 8.71 13.58 -5.22
CA GLN A 53 8.36 12.29 -5.79
C GLN A 53 9.28 11.17 -5.32
N GLU A 54 10.57 11.33 -5.56
CA GLU A 54 11.55 10.26 -5.33
C GLU A 54 11.58 9.85 -3.86
N VAL A 55 11.53 10.83 -2.96
CA VAL A 55 11.51 10.53 -1.53
C VAL A 55 10.29 9.72 -1.15
N LYS A 56 9.13 10.12 -1.67
CA LYS A 56 7.88 9.41 -1.37
C LYS A 56 7.86 8.04 -2.04
N ASN A 57 8.42 7.95 -3.24
CA ASN A 57 8.49 6.67 -3.95
C ASN A 57 9.26 5.65 -3.14
N ALA A 58 10.44 6.05 -2.66
CA ALA A 58 11.29 5.16 -1.89
C ALA A 58 10.61 4.73 -0.60
N ALA A 59 9.86 5.67 -0.03
CA ALA A 59 9.09 5.39 1.16
C ALA A 59 7.97 4.38 0.85
N THR A 60 7.33 4.56 -0.29
CA THR A 60 6.22 3.69 -0.69
C THR A 60 6.64 2.24 -0.76
N GLU A 61 7.70 1.99 -1.53
CA GLU A 61 8.16 0.63 -1.78
C GLU A 61 8.42 -0.14 -0.48
N THR A 62 8.84 0.58 0.54
CA THR A 62 9.15 -0.02 1.82
C THR A 62 7.94 -0.04 2.76
N LEU A 63 7.29 1.10 2.91
CA LEU A 63 6.16 1.26 3.82
C LEU A 63 4.99 0.36 3.43
N LEU A 64 4.72 0.25 2.14
CA LEU A 64 3.60 -0.53 1.65
C LEU A 64 3.72 -1.99 2.11
N VAL A 65 4.94 -2.49 2.07
CA VAL A 65 5.23 -3.85 2.50
C VAL A 65 5.32 -3.94 4.03
N GLN A 66 5.99 -2.97 4.62
CA GLN A 66 6.25 -2.95 6.05
C GLN A 66 4.97 -2.76 6.86
N ASN A 67 4.13 -1.84 6.42
CA ASN A 67 2.92 -1.48 7.13
C ASN A 67 1.79 -2.46 6.81
N ALA A 68 2.09 -3.44 5.99
CA ALA A 68 1.17 -4.54 5.72
C ALA A 68 1.34 -5.64 6.76
N ASN A 69 0.31 -6.45 6.93
CA ASN A 69 0.33 -7.51 7.92
C ASN A 69 1.30 -8.62 7.50
N PRO A 70 1.95 -9.30 8.46
CA PRO A 70 3.00 -10.29 8.16
C PRO A 70 2.56 -11.30 7.10
N ASP A 71 1.34 -11.79 7.22
CA ASP A 71 0.78 -12.76 6.28
C ASP A 71 0.66 -12.16 4.88
N CYS A 72 0.20 -10.92 4.82
CA CYS A 72 0.06 -10.23 3.54
C CYS A 72 1.44 -9.87 2.99
N LYS A 73 2.34 -9.51 3.89
CA LYS A 73 3.73 -9.23 3.53
C LYS A 73 4.36 -10.46 2.90
N THR A 74 3.96 -11.63 3.39
CA THR A 74 4.41 -12.89 2.83
C THR A 74 3.94 -13.02 1.37
N ILE A 75 2.71 -12.60 1.12
CA ILE A 75 2.14 -12.64 -0.22
C ILE A 75 2.82 -11.61 -1.11
N LEU A 76 3.14 -10.46 -0.53
CA LEU A 76 3.82 -9.38 -1.26
C LEU A 76 5.19 -9.85 -1.75
N LYS A 77 5.86 -10.68 -0.95
CA LYS A 77 7.14 -11.25 -1.34
C LYS A 77 6.95 -12.32 -2.42
N ALA A 78 5.77 -12.93 -2.43
CA ALA A 78 5.45 -13.96 -3.40
C ALA A 78 5.30 -13.36 -4.80
N LEU A 79 4.82 -12.13 -4.88
CA LEU A 79 4.73 -11.43 -6.15
C LEU A 79 6.12 -11.05 -6.63
N GLY A 80 6.87 -10.39 -5.76
CA GLY A 80 8.18 -9.91 -6.13
C GLY A 80 8.15 -8.45 -6.56
N PRO A 81 9.30 -7.77 -6.55
CA PRO A 81 9.38 -6.35 -6.92
C PRO A 81 9.27 -6.14 -8.43
N ALA A 82 9.13 -7.23 -9.16
CA ALA A 82 9.02 -7.17 -10.62
C ALA A 82 7.56 -7.18 -11.06
N ALA A 83 6.65 -7.07 -10.11
CA ALA A 83 5.23 -7.06 -10.41
C ALA A 83 4.66 -5.65 -10.28
N THR A 84 3.36 -5.51 -10.50
CA THR A 84 2.70 -4.22 -10.39
C THR A 84 1.89 -4.13 -9.10
N LEU A 85 1.55 -2.92 -8.68
CA LEU A 85 0.74 -2.72 -7.49
C LEU A 85 -0.50 -3.61 -7.52
N GLU A 86 -1.12 -3.68 -8.69
CA GLU A 86 -2.37 -4.41 -8.88
C GLU A 86 -2.20 -5.90 -8.52
N GLU A 87 -1.00 -6.42 -8.71
CA GLU A 87 -0.72 -7.81 -8.39
C GLU A 87 -0.75 -8.02 -6.87
N MET A 88 -0.22 -7.05 -6.13
CA MET A 88 -0.26 -7.10 -4.67
C MET A 88 -1.70 -7.03 -4.18
N MET A 89 -2.46 -6.13 -4.79
CA MET A 89 -3.82 -5.83 -4.34
C MET A 89 -4.70 -7.07 -4.40
N THR A 90 -4.77 -7.69 -5.56
CA THR A 90 -5.65 -8.83 -5.76
C THR A 90 -5.15 -10.07 -5.03
N ALA A 91 -3.84 -10.19 -4.90
CA ALA A 91 -3.24 -11.33 -4.23
C ALA A 91 -3.60 -11.33 -2.75
N CYS A 92 -3.45 -10.18 -2.10
CA CYS A 92 -3.71 -10.07 -0.66
C CYS A 92 -5.20 -10.10 -0.37
N GLN A 93 -6.01 -9.86 -1.39
CA GLN A 93 -7.47 -9.88 -1.23
C GLN A 93 -8.02 -11.29 -1.34
N GLY A 94 -7.15 -12.22 -1.72
CA GLY A 94 -7.54 -13.62 -1.81
C GLY A 94 -8.60 -13.87 -2.84
N VAL A 95 -8.31 -13.56 -4.10
CA VAL A 95 -9.29 -13.69 -5.17
C VAL A 95 -9.63 -15.16 -5.44
N GLY A 96 -8.85 -16.07 -4.85
CA GLY A 96 -9.14 -17.48 -4.93
C GLY A 96 -10.37 -17.85 -4.13
N GLY A 97 -11.02 -16.85 -3.55
CA GLY A 97 -12.24 -17.05 -2.81
C GLY A 97 -11.97 -17.30 -1.35
N PRO A 98 -12.26 -16.32 -0.48
CA PRO A 98 -11.98 -16.40 0.95
C PRO A 98 -12.99 -17.25 1.72
N GLY A 99 -13.38 -18.39 1.14
CA GLY A 99 -14.27 -19.30 1.81
C GLY A 99 -15.73 -18.93 1.70
N HIS A 100 -16.19 -18.70 0.46
CA HIS A 100 -17.61 -18.45 0.17
C HIS A 100 -18.09 -17.15 0.80
N LYS A 101 -18.47 -17.23 2.07
CA LYS A 101 -19.01 -16.09 2.81
C LYS A 101 -17.89 -15.12 3.18
N ALA A 102 -16.71 -15.68 3.45
CA ALA A 102 -15.50 -14.93 3.82
C ALA A 102 -15.65 -14.30 5.20
N ARG A 103 -16.57 -13.34 5.30
CA ARG A 103 -16.80 -12.63 6.54
C ARG A 103 -18.28 -12.67 6.88
N VAL A 104 -18.58 -12.71 8.17
CA VAL A 104 -19.96 -12.91 8.63
C VAL A 104 -20.79 -11.64 8.55
N LEU A 105 -21.05 -11.19 7.33
CA LEU A 105 -21.92 -10.06 7.10
C LEU A 105 -23.06 -10.49 6.18
N ILE B 1 7.20 -0.72 -7.18
CA ILE B 1 6.02 -0.55 -6.30
C ILE B 1 6.16 0.75 -5.51
N THR B 2 6.45 1.82 -6.24
CA THR B 2 6.67 3.11 -5.62
C THR B 2 5.40 3.96 -5.74
N PHE B 3 5.42 5.18 -5.22
CA PHE B 3 4.29 6.09 -5.39
C PHE B 3 4.02 6.30 -6.88
C MK8 B 4 4.11 5.18 -9.63
N MK8 B 4 5.10 6.27 -7.67
O MK8 B 4 3.25 5.39 -10.48
CA MK8 B 4 5.03 6.34 -9.15
CB MK8 B 4 6.45 6.25 -9.75
CD MK8 B 4 6.46 4.65 -11.72
CE MK8 B 4 6.42 5.82 -12.49
CG MK8 B 4 6.82 4.86 -10.26
CB1 MK8 B 4 4.44 7.67 -9.58
H MK8 B 4 5.98 6.19 -7.24
HB MK8 B 4 6.51 6.94 -10.57
HBA MK8 B 4 7.16 6.54 -8.99
HD MK8 B 4 7.18 3.99 -12.18
HDA MK8 B 4 5.48 4.19 -11.77
HE MK8 B 4 7.22 6.54 -12.38
HG MK8 B 4 7.88 4.73 -10.14
HGA MK8 B 4 6.29 4.13 -9.66
HB1 MK8 B 4 3.46 7.78 -9.15
HB1A MK8 B 4 5.08 8.47 -9.25
HB1B MK8 B 4 4.36 7.69 -10.66
N ASP B 5 4.28 3.99 -9.04
CA ASP B 5 3.48 2.82 -9.42
C ASP B 5 2.03 3.10 -9.09
N LEU B 6 1.82 3.75 -7.96
CA LEU B 6 0.49 4.14 -7.49
C LEU B 6 -0.15 5.14 -8.44
N LEU B 7 0.58 6.19 -8.76
CA LEU B 7 0.07 7.24 -9.64
C LEU B 7 -0.26 6.69 -11.01
C MK8 B 8 -0.58 4.33 -13.01
N MK8 B 8 0.67 5.93 -11.59
O MK8 B 8 -1.15 4.04 -14.06
CA MK8 B 8 0.55 5.38 -12.97
CB MK8 B 8 1.87 4.74 -13.37
CD MK8 B 8 4.35 5.15 -13.52
CE MK8 B 8 5.38 6.06 -13.38
CG MK8 B 8 2.97 5.78 -13.44
CB1 MK8 B 8 0.23 6.49 -13.97
H MK8 B 8 1.48 5.73 -11.07
HB MK8 B 8 2.14 3.98 -12.64
HBA MK8 B 8 1.77 4.28 -14.35
HD MK8 B 8 4.44 4.41 -12.75
HDA MK8 B 8 4.45 4.67 -14.49
HE MK8 B 8 5.37 6.97 -13.94
HG MK8 B 8 2.82 6.40 -14.31
HGA MK8 B 8 2.92 6.40 -12.55
HB1 MK8 B 8 -0.70 6.97 -13.68
HB1A MK8 B 8 1.03 7.21 -13.97
HB1B MK8 B 8 0.13 6.06 -14.95
N TYR B 9 -0.89 3.75 -11.84
CA TYR B 9 -1.99 2.80 -11.72
C TYR B 9 -3.32 3.51 -11.93
N TYR B 10 -3.57 4.54 -11.12
CA TYR B 10 -4.78 5.33 -11.24
C TYR B 10 -4.76 6.19 -12.50
N GLY B 11 -3.72 7.01 -12.64
CA GLY B 11 -3.60 7.89 -13.80
C GLY B 11 -4.85 8.73 -14.02
N LYS B 12 -5.39 9.29 -12.94
CA LYS B 12 -6.64 10.01 -13.02
C LYS B 12 -6.43 11.51 -13.21
N LYS B 13 -5.98 11.89 -14.39
CA LYS B 13 -6.07 13.27 -14.82
C LYS B 13 -7.05 13.36 -15.98
N LYS B 14 -6.57 12.95 -17.15
CA LYS B 14 -7.40 12.89 -18.35
C LYS B 14 -6.86 11.83 -19.29
N SER A 12 -17.73 -2.24 35.24
CA SER A 12 -17.26 -0.92 35.73
C SER A 12 -15.92 -0.59 35.09
N GLY A 13 -15.97 0.15 34.00
CA GLY A 13 -14.75 0.53 33.31
C GLY A 13 -14.95 1.72 32.41
N LEU A 14 -13.85 2.34 32.00
CA LEU A 14 -13.91 3.50 31.12
C LEU A 14 -13.81 3.05 29.67
N VAL A 15 -14.32 3.88 28.76
CA VAL A 15 -14.31 3.56 27.35
C VAL A 15 -13.07 4.14 26.67
N PRO A 16 -12.17 3.27 26.18
CA PRO A 16 -10.98 3.69 25.45
C PRO A 16 -11.32 4.18 24.06
N ARG A 17 -11.05 5.45 23.80
CA ARG A 17 -11.35 6.05 22.51
C ARG A 17 -10.44 5.49 21.40
N GLY A 18 -11.07 5.06 20.31
CA GLY A 18 -10.31 4.53 19.19
C GLY A 18 -9.98 5.63 18.20
N SER A 19 -9.07 6.51 18.59
CA SER A 19 -8.70 7.64 17.76
C SER A 19 -7.23 7.55 17.36
N HIS A 20 -6.96 7.83 16.09
CA HIS A 20 -5.59 7.85 15.59
C HIS A 20 -5.38 9.09 14.73
N MET A 21 -4.14 9.52 14.63
CA MET A 21 -3.81 10.69 13.83
C MET A 21 -3.68 10.30 12.36
N THR A 22 -3.17 11.21 11.55
CA THR A 22 -2.95 10.93 10.14
C THR A 22 -1.56 11.43 9.73
N SER A 23 -0.53 10.75 10.21
CA SER A 23 0.84 11.10 9.87
C SER A 23 1.52 9.95 9.15
N ILE A 24 0.91 9.54 8.03
CA ILE A 24 1.37 8.45 7.11
C ILE A 24 1.54 7.08 7.79
N LEU A 25 2.22 7.03 8.93
CA LEU A 25 2.47 5.78 9.63
C LEU A 25 1.21 5.26 10.29
N ASP A 26 0.17 6.08 10.29
CA ASP A 26 -1.12 5.68 10.84
C ASP A 26 -1.87 4.84 9.84
N ILE A 27 -1.41 4.85 8.59
CA ILE A 27 -2.06 4.11 7.53
C ILE A 27 -1.52 2.68 7.51
N ARG A 28 -2.02 1.88 8.43
CA ARG A 28 -1.61 0.49 8.54
C ARG A 28 -2.76 -0.41 8.12
N GLN A 29 -2.45 -1.52 7.49
CA GLN A 29 -3.47 -2.44 7.04
C GLN A 29 -3.96 -3.28 8.22
N GLY A 30 -5.21 -3.09 8.60
CA GLY A 30 -5.79 -3.86 9.66
C GLY A 30 -5.97 -5.32 9.27
N PRO A 31 -6.23 -6.21 10.24
CA PRO A 31 -6.33 -7.65 9.99
C PRO A 31 -7.54 -8.01 9.13
N LYS A 32 -8.46 -7.08 9.01
CA LYS A 32 -9.65 -7.28 8.20
C LYS A 32 -9.68 -6.28 7.06
N GLU A 33 -8.58 -5.55 6.90
CA GLU A 33 -8.48 -4.49 5.91
C GLU A 33 -8.18 -5.07 4.53
N PRO A 34 -8.95 -4.67 3.51
CA PRO A 34 -8.68 -5.04 2.13
C PRO A 34 -7.53 -4.22 1.57
N PHE A 35 -6.68 -4.86 0.78
CA PHE A 35 -5.49 -4.22 0.23
C PHE A 35 -5.87 -3.06 -0.67
N ARG A 36 -7.03 -3.16 -1.31
CA ARG A 36 -7.53 -2.10 -2.17
C ARG A 36 -7.87 -0.86 -1.34
N ASP A 37 -8.50 -1.09 -0.18
CA ASP A 37 -8.86 0.00 0.72
C ASP A 37 -7.65 0.51 1.46
N TYR A 38 -6.68 -0.38 1.67
CA TYR A 38 -5.42 -0.02 2.27
C TYR A 38 -4.67 0.96 1.36
N VAL A 39 -4.54 0.60 0.09
CA VAL A 39 -3.93 1.48 -0.91
C VAL A 39 -4.74 2.76 -1.06
N ASP A 40 -6.05 2.64 -1.01
CA ASP A 40 -6.96 3.79 -1.11
C ASP A 40 -6.56 4.90 -0.15
N ARG A 41 -6.34 4.54 1.11
CA ARG A 41 -5.99 5.51 2.13
C ARG A 41 -4.53 5.91 2.03
N PHE A 42 -3.68 4.91 1.80
CA PHE A 42 -2.24 5.09 1.75
C PHE A 42 -1.86 6.07 0.65
N TYR A 43 -2.36 5.82 -0.56
CA TYR A 43 -2.09 6.68 -1.71
C TYR A 43 -2.55 8.13 -1.44
N LYS A 44 -3.69 8.27 -0.79
CA LYS A 44 -4.25 9.59 -0.50
C LYS A 44 -3.37 10.39 0.45
N THR A 45 -2.99 9.77 1.55
CA THR A 45 -2.17 10.45 2.55
C THR A 45 -0.75 10.64 2.04
N LEU A 46 -0.31 9.72 1.18
CA LEU A 46 1.02 9.80 0.59
C LEU A 46 1.10 10.99 -0.38
N ARG A 47 -0.03 11.36 -0.95
CA ARG A 47 -0.13 12.59 -1.73
C ARG A 47 0.03 13.81 -0.83
N ALA A 48 -0.49 13.71 0.38
CA ALA A 48 -0.43 14.81 1.35
C ALA A 48 0.98 14.97 1.92
N GLU A 49 1.72 13.86 1.96
CA GLU A 49 3.12 13.89 2.39
C GLU A 49 3.91 14.88 1.56
N GLN A 50 4.60 15.79 2.21
CA GLN A 50 5.35 16.81 1.52
C GLN A 50 6.80 16.35 1.29
N ALA A 51 7.05 15.80 0.11
CA ALA A 51 8.35 15.26 -0.21
C ALA A 51 8.56 15.30 -1.72
N SER A 52 9.79 15.06 -2.16
CA SER A 52 10.08 14.99 -3.58
C SER A 52 9.49 13.72 -4.17
N GLN A 53 9.23 13.73 -5.47
CA GLN A 53 8.47 12.65 -6.10
C GLN A 53 9.15 11.29 -5.90
N GLU A 54 10.44 11.22 -6.20
CA GLU A 54 11.17 9.96 -6.12
C GLU A 54 11.31 9.50 -4.67
N VAL A 55 11.46 10.46 -3.76
CA VAL A 55 11.49 10.16 -2.33
C VAL A 55 10.20 9.46 -1.92
N LYS A 56 9.08 9.98 -2.42
CA LYS A 56 7.78 9.36 -2.19
C LYS A 56 7.79 7.93 -2.69
N ASN A 57 8.24 7.75 -3.94
CA ASN A 57 8.24 6.45 -4.59
C ASN A 57 9.00 5.42 -3.77
N ALA A 58 10.22 5.75 -3.37
CA ALA A 58 11.07 4.83 -2.62
C ALA A 58 10.43 4.47 -1.29
N ALA A 59 9.85 5.47 -0.63
CA ALA A 59 9.19 5.26 0.64
C ALA A 59 7.99 4.34 0.49
N THR A 60 7.21 4.56 -0.58
CA THR A 60 6.02 3.77 -0.85
C THR A 60 6.34 2.28 -0.89
N GLU A 61 7.40 1.95 -1.60
CA GLU A 61 7.84 0.57 -1.77
C GLU A 61 8.04 -0.12 -0.42
N THR A 62 8.61 0.61 0.53
CA THR A 62 8.89 0.05 1.83
C THR A 62 7.67 0.13 2.74
N LEU A 63 7.03 1.30 2.78
CA LEU A 63 5.89 1.53 3.66
C LEU A 63 4.73 0.60 3.34
N LEU A 64 4.54 0.32 2.06
CA LEU A 64 3.45 -0.56 1.61
C LEU A 64 3.57 -1.93 2.25
N VAL A 65 4.79 -2.46 2.26
CA VAL A 65 5.04 -3.78 2.81
C VAL A 65 5.12 -3.72 4.34
N GLN A 66 5.68 -2.63 4.84
CA GLN A 66 5.93 -2.45 6.26
C GLN A 66 4.63 -2.28 7.06
N ASN A 67 3.66 -1.58 6.49
CA ASN A 67 2.43 -1.29 7.22
C ASN A 67 1.35 -2.34 6.92
N ALA A 68 1.72 -3.38 6.19
CA ALA A 68 0.80 -4.46 5.88
C ALA A 68 0.78 -5.49 7.00
N ASN A 69 -0.23 -6.36 6.98
CA ASN A 69 -0.32 -7.44 7.96
C ASN A 69 0.80 -8.46 7.71
N PRO A 70 1.24 -9.19 8.74
CA PRO A 70 2.28 -10.22 8.59
C PRO A 70 1.97 -11.16 7.43
N ASP A 71 0.70 -11.55 7.35
CA ASP A 71 0.22 -12.43 6.29
C ASP A 71 0.38 -11.76 4.93
N CYS A 72 -0.15 -10.55 4.80
CA CYS A 72 -0.11 -9.81 3.54
C CYS A 72 1.33 -9.53 3.11
N LYS A 73 2.15 -9.14 4.08
CA LYS A 73 3.56 -8.84 3.83
C LYS A 73 4.29 -10.06 3.28
N THR A 74 3.93 -11.23 3.78
CA THR A 74 4.49 -12.49 3.31
C THR A 74 4.10 -12.73 1.85
N ILE A 75 2.85 -12.38 1.53
CA ILE A 75 2.34 -12.55 0.17
C ILE A 75 3.00 -11.55 -0.79
N LEU A 76 3.25 -10.35 -0.28
CA LEU A 76 3.92 -9.30 -1.05
C LEU A 76 5.32 -9.75 -1.46
N LYS A 77 5.97 -10.50 -0.58
CA LYS A 77 7.29 -11.07 -0.85
C LYS A 77 7.20 -12.17 -1.90
N ALA A 78 6.05 -12.82 -1.97
CA ALA A 78 5.84 -13.93 -2.90
C ALA A 78 5.78 -13.43 -4.34
N LEU A 79 5.30 -12.21 -4.52
CA LEU A 79 5.32 -11.59 -5.83
C LEU A 79 6.76 -11.31 -6.25
N GLY A 80 7.44 -10.50 -5.46
CA GLY A 80 8.74 -10.01 -5.82
C GLY A 80 8.66 -8.61 -6.40
N PRO A 81 9.78 -7.88 -6.44
CA PRO A 81 9.82 -6.50 -6.94
C PRO A 81 9.53 -6.40 -8.44
N ALA A 82 9.49 -7.54 -9.11
CA ALA A 82 9.23 -7.58 -10.55
C ALA A 82 7.73 -7.49 -10.85
N ALA A 83 6.92 -7.55 -9.80
CA ALA A 83 5.47 -7.45 -9.94
C ALA A 83 5.00 -6.02 -9.70
N THR A 84 3.74 -5.75 -10.02
CA THR A 84 3.21 -4.41 -9.93
C THR A 84 2.12 -4.31 -8.85
N LEU A 85 1.53 -3.13 -8.72
CA LEU A 85 0.57 -2.84 -7.66
C LEU A 85 -0.63 -3.80 -7.70
N GLU A 86 -1.20 -3.97 -8.89
CA GLU A 86 -2.44 -4.72 -9.01
C GLU A 86 -2.23 -6.21 -8.71
N GLU A 87 -1.00 -6.68 -8.88
CA GLU A 87 -0.68 -8.06 -8.59
C GLU A 87 -0.82 -8.27 -7.09
N MET A 88 -0.39 -7.26 -6.34
CA MET A 88 -0.47 -7.28 -4.89
C MET A 88 -1.92 -7.20 -4.43
N MET A 89 -2.68 -6.33 -5.07
CA MET A 89 -4.07 -6.07 -4.71
C MET A 89 -4.90 -7.34 -4.82
N THR A 90 -4.64 -8.11 -5.86
CA THR A 90 -5.33 -9.38 -6.07
C THR A 90 -4.64 -10.50 -5.29
N ALA A 91 -3.34 -10.39 -5.09
CA ALA A 91 -2.58 -11.38 -4.32
C ALA A 91 -3.15 -11.52 -2.92
N CYS A 92 -3.46 -10.38 -2.31
CA CYS A 92 -4.01 -10.34 -0.97
C CYS A 92 -5.46 -10.87 -0.94
N GLN A 93 -6.02 -11.10 -2.12
CA GLN A 93 -7.37 -11.61 -2.23
C GLN A 93 -7.36 -13.14 -2.39
N GLY A 94 -6.22 -13.74 -2.12
CA GLY A 94 -6.12 -15.19 -2.14
C GLY A 94 -5.55 -15.73 -3.44
N VAL A 95 -4.37 -15.25 -3.82
CA VAL A 95 -3.69 -15.75 -5.01
C VAL A 95 -2.24 -16.06 -4.71
N GLY A 96 -1.48 -15.01 -4.44
CA GLY A 96 -0.08 -15.17 -4.08
C GLY A 96 0.83 -15.24 -5.29
N GLY A 97 0.36 -15.88 -6.34
CA GLY A 97 1.16 -16.02 -7.54
C GLY A 97 0.30 -16.25 -8.77
N PRO A 98 0.06 -15.20 -9.56
CA PRO A 98 -0.72 -15.31 -10.80
C PRO A 98 -0.16 -16.35 -11.76
N GLY A 99 -0.93 -17.40 -12.00
CA GLY A 99 -0.51 -18.46 -12.91
C GLY A 99 0.55 -19.35 -12.31
N HIS A 100 1.76 -19.27 -12.82
CA HIS A 100 2.86 -20.10 -12.34
C HIS A 100 4.17 -19.33 -12.48
N LYS A 101 4.73 -18.92 -11.35
CA LYS A 101 5.91 -18.07 -11.32
C LYS A 101 7.19 -18.89 -11.48
N ALA A 102 7.27 -19.66 -12.56
CA ALA A 102 8.44 -20.50 -12.78
C ALA A 102 9.25 -19.99 -13.96
N ARG A 103 10.37 -19.36 -13.66
CA ARG A 103 11.26 -18.85 -14.69
C ARG A 103 12.69 -18.78 -14.16
N VAL A 104 13.59 -18.20 -14.95
CA VAL A 104 15.00 -18.03 -14.57
C VAL A 104 15.78 -19.31 -14.75
N LEU A 105 16.68 -19.30 -15.72
CA LEU A 105 17.53 -20.44 -16.02
C LEU A 105 18.97 -19.99 -16.09
N ILE B 1 3.12 -0.67 -4.81
CA ILE B 1 4.44 -0.42 -5.38
C ILE B 1 4.69 1.09 -5.36
N THR B 2 5.90 1.51 -5.70
CA THR B 2 6.30 2.92 -5.69
C THR B 2 5.17 3.88 -6.11
N PHE B 3 5.12 5.01 -5.40
CA PHE B 3 4.07 6.01 -5.52
C PHE B 3 3.86 6.45 -6.97
C MK8 B 4 3.74 5.93 -9.80
N MK8 B 4 4.93 6.46 -7.76
O MK8 B 4 2.81 6.42 -10.43
CA MK8 B 4 4.85 6.80 -9.20
CB MK8 B 4 6.19 6.50 -9.91
CD MK8 B 4 6.29 5.87 -12.38
CE MK8 B 4 5.27 4.93 -12.30
CG MK8 B 4 6.18 7.00 -11.36
CB1 MK8 B 4 4.52 8.28 -9.36
H MK8 B 4 5.81 6.24 -7.37
HB MK8 B 4 6.99 6.97 -9.37
HBA MK8 B 4 6.34 5.42 -9.93
HD MK8 B 4 6.27 6.30 -13.37
HDA MK8 B 4 7.23 5.36 -12.23
HE MK8 B 4 5.41 4.05 -11.70
HG MK8 B 4 5.26 7.52 -11.53
HGA MK8 B 4 7.01 7.68 -11.49
HB1 MK8 B 4 4.29 8.49 -10.40
HB1A MK8 B 4 3.68 8.53 -8.75
HB1B MK8 B 4 5.38 8.87 -9.06
N ASP B 5 3.85 4.63 -9.54
CA ASP B 5 2.92 3.65 -10.08
C ASP B 5 1.54 3.85 -9.52
N LEU B 6 1.46 4.26 -8.25
CA LEU B 6 0.18 4.57 -7.62
C LEU B 6 -0.49 5.70 -8.38
N LEU B 7 0.28 6.73 -8.67
CA LEU B 7 -0.21 7.88 -9.42
C LEU B 7 -0.64 7.49 -10.83
C MK8 B 8 -1.10 5.43 -13.07
N MK8 B 8 0.26 6.83 -11.55
O MK8 B 8 -1.75 5.31 -14.10
CA MK8 B 8 0.05 6.45 -12.96
CB MK8 B 8 1.34 5.85 -13.51
CD MK8 B 8 3.83 6.24 -13.75
CE MK8 B 8 4.07 5.12 -12.97
CG MK8 B 8 2.47 6.87 -13.48
CB1 MK8 B 8 -0.29 7.68 -13.79
H MK8 B 8 1.10 6.57 -11.11
HB MK8 B 8 1.63 5.00 -12.90
HBA MK8 B 8 1.20 5.51 -14.53
HD MK8 B 8 3.88 5.94 -14.78
HDA MK8 B 8 4.60 6.97 -13.54
HE MK8 B 8 3.29 4.38 -12.88
HG MK8 B 8 2.29 7.61 -14.24
HGA MK8 B 8 2.48 7.35 -12.51
HB1 MK8 B 8 -1.16 8.17 -13.38
HB1A MK8 B 8 0.55 8.36 -13.78
HB1B MK8 B 8 -0.50 7.38 -14.81
N TYR B 9 -1.34 4.71 -11.98
CA TYR B 9 -2.44 3.77 -11.90
C TYR B 9 -3.78 4.50 -11.95
N TYR B 10 -3.96 5.47 -11.05
CA TYR B 10 -5.17 6.24 -10.99
C TYR B 10 -5.29 7.21 -12.18
N GLY B 11 -4.16 7.79 -12.57
CA GLY B 11 -4.17 8.72 -13.68
C GLY B 11 -4.24 10.16 -13.21
N LYS B 12 -5.26 10.46 -12.41
CA LYS B 12 -5.42 11.79 -11.84
C LYS B 12 -4.43 12.00 -10.70
N LYS B 13 -3.17 12.23 -11.07
CA LYS B 13 -2.09 12.30 -10.10
C LYS B 13 -1.92 13.71 -9.53
N LYS B 14 -2.95 14.54 -9.64
CA LYS B 14 -2.94 15.87 -9.05
C LYS B 14 -4.37 16.44 -9.01
N SER A 12 11.64 10.37 21.05
CA SER A 12 10.26 9.89 21.24
C SER A 12 9.51 9.96 19.91
N GLY A 13 8.18 10.01 19.96
CA GLY A 13 7.38 10.08 18.75
C GLY A 13 7.55 11.41 18.03
N LEU A 14 7.27 11.39 16.73
CA LEU A 14 7.42 12.58 15.90
C LEU A 14 6.37 13.64 16.28
N VAL A 15 6.79 14.62 17.06
CA VAL A 15 5.92 15.68 17.56
C VAL A 15 4.68 15.08 18.23
N PRO A 16 4.82 14.67 19.50
CA PRO A 16 3.76 13.95 20.23
C PRO A 16 2.51 14.79 20.50
N ARG A 17 1.64 14.87 19.51
CA ARG A 17 0.36 15.54 19.65
C ARG A 17 -0.62 15.09 18.56
N GLY A 18 -0.25 15.30 17.32
CA GLY A 18 -1.06 14.85 16.21
C GLY A 18 -0.33 13.82 15.37
N SER A 19 0.41 12.95 16.04
CA SER A 19 1.25 11.96 15.38
C SER A 19 0.40 10.86 14.75
N HIS A 20 -0.88 10.82 15.11
CA HIS A 20 -1.77 9.79 14.60
C HIS A 20 -2.69 10.36 13.51
N MET A 21 -2.29 11.48 12.93
CA MET A 21 -3.07 12.11 11.88
C MET A 21 -2.26 12.22 10.59
N THR A 22 -1.53 13.33 10.49
CA THR A 22 -0.76 13.61 9.29
C THR A 22 0.61 12.95 9.34
N SER A 23 0.61 11.64 9.20
CA SER A 23 1.85 10.88 9.16
C SER A 23 1.62 9.57 8.40
N ILE A 24 2.40 9.37 7.35
CA ILE A 24 2.29 8.17 6.53
C ILE A 24 2.75 6.94 7.32
N LEU A 25 3.47 7.18 8.41
CA LEU A 25 3.95 6.10 9.28
C LEU A 25 2.80 5.52 10.10
N ASP A 26 1.75 6.30 10.26
CA ASP A 26 0.57 5.85 11.00
C ASP A 26 -0.34 5.02 10.10
N ILE A 27 -0.14 5.15 8.80
CA ILE A 27 -0.93 4.39 7.83
C ILE A 27 -0.46 2.94 7.80
N ARG A 28 -1.17 2.10 8.53
CA ARG A 28 -0.81 0.69 8.65
C ARG A 28 -2.02 -0.18 8.36
N GLN A 29 -1.78 -1.30 7.69
CA GLN A 29 -2.87 -2.16 7.25
C GLN A 29 -3.49 -2.88 8.44
N GLY A 30 -4.81 -2.83 8.52
CA GLY A 30 -5.53 -3.54 9.56
C GLY A 30 -5.44 -5.05 9.36
N PRO A 31 -5.64 -5.84 10.43
CA PRO A 31 -5.49 -7.30 10.38
C PRO A 31 -6.32 -7.97 9.30
N LYS A 32 -7.51 -7.43 9.05
CA LYS A 32 -8.38 -7.97 8.01
C LYS A 32 -8.79 -6.87 7.04
N GLU A 33 -7.99 -5.81 6.99
CA GLU A 33 -8.22 -4.73 6.05
C GLU A 33 -7.70 -5.13 4.69
N PRO A 34 -8.54 -5.05 3.65
CA PRO A 34 -8.13 -5.37 2.28
C PRO A 34 -7.01 -4.46 1.82
N PHE A 35 -6.03 -5.04 1.13
CA PHE A 35 -4.92 -4.27 0.59
C PHE A 35 -5.44 -3.18 -0.34
N ARG A 36 -6.64 -3.41 -0.89
CA ARG A 36 -7.34 -2.43 -1.70
C ARG A 36 -7.65 -1.19 -0.87
N ASP A 37 -8.28 -1.40 0.29
CA ASP A 37 -8.60 -0.32 1.21
C ASP A 37 -7.35 0.35 1.74
N TYR A 38 -6.32 -0.46 1.98
CA TYR A 38 -5.05 0.02 2.50
C TYR A 38 -4.40 0.96 1.49
N VAL A 39 -4.27 0.51 0.25
CA VAL A 39 -3.70 1.34 -0.81
C VAL A 39 -4.56 2.57 -1.06
N ASP A 40 -5.88 2.39 -1.02
CA ASP A 40 -6.82 3.47 -1.30
C ASP A 40 -6.52 4.71 -0.46
N ARG A 41 -6.32 4.51 0.85
CA ARG A 41 -6.05 5.63 1.74
C ARG A 41 -4.56 5.97 1.77
N PHE A 42 -3.71 4.96 1.65
CA PHE A 42 -2.27 5.17 1.65
C PHE A 42 -1.86 6.09 0.49
N TYR A 43 -2.30 5.73 -0.70
CA TYR A 43 -2.03 6.49 -1.91
C TYR A 43 -2.46 7.95 -1.78
N LYS A 44 -3.67 8.16 -1.25
CA LYS A 44 -4.19 9.52 -1.10
C LYS A 44 -3.40 10.29 -0.03
N THR A 45 -2.92 9.58 0.98
CA THR A 45 -2.11 10.20 2.02
C THR A 45 -0.77 10.67 1.45
N LEU A 46 -0.22 9.90 0.53
CA LEU A 46 1.04 10.27 -0.12
C LEU A 46 0.85 11.50 -1.00
N ARG A 47 -0.35 11.66 -1.58
CA ARG A 47 -0.65 12.83 -2.38
C ARG A 47 -0.84 14.06 -1.49
N ALA A 48 -0.90 13.83 -0.18
CA ALA A 48 -1.03 14.91 0.79
C ALA A 48 0.31 15.20 1.45
N GLU A 49 1.33 14.46 1.03
CA GLU A 49 2.68 14.63 1.56
C GLU A 49 3.35 15.86 0.94
N GLN A 50 4.27 16.45 1.68
CA GLN A 50 4.98 17.63 1.21
C GLN A 50 6.45 17.30 0.91
N ALA A 51 6.72 16.06 0.55
CA ALA A 51 8.08 15.64 0.20
C ALA A 51 8.25 15.53 -1.30
N SER A 52 9.51 15.46 -1.74
CA SER A 52 9.82 15.27 -3.14
C SER A 52 9.33 13.90 -3.62
N GLN A 53 8.79 13.85 -4.84
CA GLN A 53 8.13 12.64 -5.32
C GLN A 53 9.02 11.41 -5.18
N GLU A 54 10.23 11.48 -5.73
CA GLU A 54 11.18 10.39 -5.68
C GLU A 54 11.44 9.91 -4.24
N VAL A 55 11.53 10.86 -3.30
CA VAL A 55 11.74 10.54 -1.90
C VAL A 55 10.54 9.77 -1.37
N LYS A 56 9.35 10.19 -1.79
CA LYS A 56 8.12 9.53 -1.38
C LYS A 56 8.06 8.11 -1.93
N ASN A 57 8.55 7.90 -3.15
CA ASN A 57 8.51 6.58 -3.77
C ASN A 57 9.45 5.63 -3.04
N ALA A 58 10.65 6.11 -2.75
CA ALA A 58 11.65 5.31 -2.06
C ALA A 58 11.14 4.88 -0.69
N ALA A 59 10.37 5.76 -0.07
CA ALA A 59 9.79 5.48 1.23
C ALA A 59 8.61 4.53 1.15
N THR A 60 7.70 4.79 0.20
CA THR A 60 6.49 3.98 0.08
C THR A 60 6.83 2.53 -0.27
N GLU A 61 7.87 2.33 -1.07
CA GLU A 61 8.31 1.00 -1.46
C GLU A 61 8.60 0.14 -0.23
N THR A 62 9.15 0.76 0.81
CA THR A 62 9.46 0.06 2.04
C THR A 62 8.26 0.06 2.99
N LEU A 63 7.60 1.21 3.14
CA LEU A 63 6.52 1.37 4.11
C LEU A 63 5.30 0.54 3.73
N LEU A 64 5.02 0.45 2.43
CA LEU A 64 3.88 -0.31 1.94
C LEU A 64 3.96 -1.77 2.38
N VAL A 65 5.17 -2.32 2.33
CA VAL A 65 5.40 -3.69 2.75
C VAL A 65 5.52 -3.80 4.26
N GLN A 66 6.23 -2.85 4.87
CA GLN A 66 6.49 -2.86 6.29
C GLN A 66 5.22 -2.71 7.13
N ASN A 67 4.37 -1.76 6.72
CA ASN A 67 3.16 -1.43 7.49
C ASN A 67 2.02 -2.39 7.17
N ALA A 68 2.31 -3.39 6.34
CA ALA A 68 1.37 -4.45 6.05
C ALA A 68 1.49 -5.57 7.08
N ASN A 69 0.43 -6.35 7.24
CA ASN A 69 0.42 -7.45 8.20
C ASN A 69 1.42 -8.53 7.79
N PRO A 70 1.95 -9.32 8.75
CA PRO A 70 2.98 -10.32 8.47
C PRO A 70 2.58 -11.26 7.34
N ASP A 71 1.33 -11.72 7.37
CA ASP A 71 0.81 -12.62 6.36
C ASP A 71 0.78 -11.95 4.99
N CYS A 72 0.31 -10.70 4.94
CA CYS A 72 0.23 -9.96 3.70
C CYS A 72 1.62 -9.64 3.18
N LYS A 73 2.50 -9.27 4.10
CA LYS A 73 3.90 -8.98 3.78
C LYS A 73 4.55 -10.19 3.10
N THR A 74 4.21 -11.37 3.60
CA THR A 74 4.71 -12.61 3.03
C THR A 74 4.21 -12.79 1.60
N ILE A 75 2.94 -12.47 1.38
CA ILE A 75 2.33 -12.58 0.06
C ILE A 75 2.95 -11.56 -0.91
N LEU A 76 3.20 -10.36 -0.40
CA LEU A 76 3.84 -9.31 -1.19
C LEU A 76 5.20 -9.77 -1.70
N LYS A 77 5.95 -10.45 -0.83
CA LYS A 77 7.25 -10.99 -1.20
C LYS A 77 7.10 -12.20 -2.12
N ALA A 78 5.97 -12.89 -2.00
CA ALA A 78 5.69 -14.04 -2.85
C ALA A 78 5.47 -13.60 -4.30
N LEU A 79 4.90 -12.42 -4.49
CA LEU A 79 4.75 -11.85 -5.82
C LEU A 79 6.11 -11.59 -6.46
N GLY A 80 6.93 -10.83 -5.75
CA GLY A 80 8.23 -10.46 -6.26
C GLY A 80 8.36 -8.96 -6.42
N PRO A 81 9.59 -8.43 -6.46
CA PRO A 81 9.82 -6.99 -6.59
C PRO A 81 9.51 -6.45 -7.98
N ALA A 82 9.44 -7.36 -8.96
CA ALA A 82 9.20 -6.98 -10.34
C ALA A 82 7.70 -6.98 -10.65
N ALA A 83 6.90 -7.39 -9.67
CA ALA A 83 5.45 -7.43 -9.83
C ALA A 83 4.86 -6.04 -9.67
N THR A 84 3.62 -5.86 -10.10
CA THR A 84 3.00 -4.56 -10.09
C THR A 84 1.96 -4.45 -8.98
N LEU A 85 1.36 -3.28 -8.83
CA LEU A 85 0.37 -3.04 -7.79
C LEU A 85 -0.79 -4.03 -7.89
N GLU A 86 -1.33 -4.17 -9.10
CA GLU A 86 -2.52 -5.00 -9.34
C GLU A 86 -2.30 -6.44 -8.88
N GLU A 87 -1.05 -6.89 -8.87
CA GLU A 87 -0.74 -8.24 -8.45
C GLU A 87 -1.04 -8.40 -6.97
N MET A 88 -0.64 -7.39 -6.20
CA MET A 88 -0.88 -7.37 -4.76
C MET A 88 -2.36 -7.24 -4.47
N MET A 89 -3.01 -6.36 -5.24
CA MET A 89 -4.44 -6.11 -5.10
C MET A 89 -5.23 -7.40 -5.28
N THR A 90 -4.86 -8.16 -6.30
CA THR A 90 -5.53 -9.41 -6.60
C THR A 90 -5.07 -10.52 -5.65
N ALA A 91 -3.82 -10.44 -5.22
CA ALA A 91 -3.26 -11.41 -4.28
C ALA A 91 -4.06 -11.39 -2.97
N CYS A 92 -4.39 -10.19 -2.52
CA CYS A 92 -5.15 -10.01 -1.30
C CYS A 92 -6.63 -10.36 -1.51
N GLN A 93 -7.15 -10.04 -2.69
CA GLN A 93 -8.58 -10.19 -2.95
C GLN A 93 -8.94 -11.65 -3.22
N GLY A 94 -8.03 -12.38 -3.87
CA GLY A 94 -8.33 -13.74 -4.29
C GLY A 94 -8.30 -14.73 -3.15
N VAL A 95 -7.27 -14.67 -2.32
CA VAL A 95 -7.11 -15.61 -1.24
C VAL A 95 -7.89 -15.15 0.00
N GLY A 96 -7.67 -13.89 0.35
CA GLY A 96 -8.37 -13.29 1.47
C GLY A 96 -7.76 -13.67 2.80
N GLY A 97 -6.68 -14.43 2.76
CA GLY A 97 -6.05 -14.90 3.97
C GLY A 97 -5.41 -16.26 3.76
N PRO A 98 -4.26 -16.52 4.40
CA PRO A 98 -3.54 -17.80 4.31
C PRO A 98 -4.49 -19.00 4.32
N GLY A 99 -4.55 -19.71 3.19
CA GLY A 99 -5.43 -20.85 3.06
C GLY A 99 -4.89 -22.07 3.77
N HIS A 100 -3.81 -22.63 3.25
CA HIS A 100 -3.18 -23.79 3.86
C HIS A 100 -2.09 -23.30 4.81
N LYS A 101 -2.36 -23.38 6.10
CA LYS A 101 -1.46 -22.83 7.09
C LYS A 101 -1.43 -23.69 8.36
N ALA A 102 -0.30 -24.32 8.61
CA ALA A 102 -0.07 -25.01 9.87
C ALA A 102 1.28 -24.56 10.47
N ARG A 103 2.34 -25.26 10.12
CA ARG A 103 3.69 -24.88 10.53
C ARG A 103 4.44 -24.33 9.32
N VAL A 104 4.98 -25.25 8.51
CA VAL A 104 5.57 -24.89 7.24
C VAL A 104 4.61 -25.29 6.12
N LEU A 105 3.66 -26.13 6.49
CA LEU A 105 2.63 -26.60 5.57
C LEU A 105 1.59 -25.51 5.38
N ILE B 1 3.31 -0.22 -6.71
CA ILE B 1 4.21 -0.51 -5.58
C ILE B 1 4.87 0.77 -5.08
N THR B 2 5.54 1.50 -5.97
CA THR B 2 6.02 2.83 -5.65
C THR B 2 4.89 3.82 -5.90
N PHE B 3 4.98 5.01 -5.31
CA PHE B 3 3.94 6.01 -5.46
C PHE B 3 3.72 6.34 -6.94
C MK8 B 4 3.68 5.53 -9.74
N MK8 B 4 4.80 6.29 -7.73
O MK8 B 4 2.72 5.93 -10.39
CA MK8 B 4 4.73 6.51 -9.20
CB MK8 B 4 6.09 6.22 -9.85
CD MK8 B 4 6.27 5.38 -12.25
CE MK8 B 4 5.26 4.44 -12.15
CG MK8 B 4 6.09 6.59 -11.34
CB1 MK8 B 4 4.34 7.95 -9.47
H MK8 B 4 5.67 6.09 -7.31
HB MK8 B 4 6.86 6.80 -9.35
HBA MK8 B 4 6.32 5.17 -9.76
HD MK8 B 4 6.31 5.72 -13.28
HDA MK8 B 4 7.20 4.90 -12.00
HE MK8 B 4 5.38 3.59 -11.50
HG MK8 B 4 5.17 7.07 -11.58
HGA MK8 B 4 6.91 7.29 -11.52
HB1 MK8 B 4 3.45 8.20 -8.91
HB1A MK8 B 4 5.14 8.62 -9.19
HB1B MK8 B 4 4.13 8.08 -10.53
N ASP B 5 3.89 4.25 -9.44
CA ASP B 5 3.03 3.18 -9.93
C ASP B 5 1.60 3.39 -9.49
N LEU B 6 1.44 3.87 -8.26
CA LEU B 6 0.14 4.19 -7.70
C LEU B 6 -0.54 5.27 -8.54
N LEU B 7 0.20 6.33 -8.81
CA LEU B 7 -0.31 7.45 -9.59
C LEU B 7 -0.72 6.99 -10.99
C MK8 B 8 -1.12 4.96 -13.22
N MK8 B 8 0.22 6.34 -11.68
O MK8 B 8 -1.76 4.88 -14.27
CA MK8 B 8 0.06 5.94 -13.10
CB MK8 B 8 1.35 5.30 -13.58
CD MK8 B 8 3.86 5.66 -13.71
CE MK8 B 8 4.07 4.58 -12.87
CG MK8 B 8 2.50 6.32 -13.53
CB1 MK8 B 8 -0.21 7.18 -13.96
H MK8 B 8 1.06 6.12 -11.22
HB MK8 B 8 1.60 4.47 -12.93
HBA MK8 B 8 1.24 4.96 -14.59
HD MK8 B 8 3.94 5.30 -14.73
HDA MK8 B 8 4.62 6.38 -13.53
HE MK8 B 8 3.28 3.84 -12.75
HG MK8 B 8 2.36 7.04 -14.32
HGA MK8 B 8 2.48 6.82 -12.58
HB1 MK8 B 8 0.61 7.87 -13.84
HB1A MK8 B 8 -0.28 6.87 -14.99
HB1B MK8 B 8 -1.13 7.63 -13.65
N TYR B 9 -1.39 4.24 -12.14
CA TYR B 9 -2.51 3.32 -12.10
C TYR B 9 -3.84 4.06 -12.06
N TYR B 10 -4.01 4.94 -11.09
CA TYR B 10 -5.25 5.70 -10.93
C TYR B 10 -5.43 6.76 -12.02
N GLY B 11 -4.32 7.36 -12.43
CA GLY B 11 -4.36 8.41 -13.43
C GLY B 11 -4.72 7.89 -14.80
N LYS B 12 -4.04 6.85 -15.24
CA LYS B 12 -4.28 6.28 -16.55
C LYS B 12 -4.35 4.76 -16.49
N LYS B 13 -5.45 4.27 -15.93
CA LYS B 13 -5.71 2.84 -15.90
C LYS B 13 -5.86 2.31 -17.33
N LYS B 14 -6.75 2.93 -18.10
CA LYS B 14 -6.94 2.60 -19.50
C LYS B 14 -7.43 3.83 -20.25
N SER A 12 -1.10 11.23 28.29
CA SER A 12 -2.33 10.66 28.88
C SER A 12 -3.55 11.14 28.10
N GLY A 13 -4.58 10.32 28.06
CA GLY A 13 -5.82 10.72 27.44
C GLY A 13 -5.91 10.37 25.96
N LEU A 14 -4.75 10.21 25.33
CA LEU A 14 -4.66 9.89 23.90
C LEU A 14 -5.39 10.94 23.07
N VAL A 15 -4.69 12.01 22.75
CA VAL A 15 -5.24 13.10 21.97
C VAL A 15 -5.43 12.64 20.52
N PRO A 16 -6.67 12.68 20.02
CA PRO A 16 -7.01 12.23 18.66
C PRO A 16 -6.31 13.07 17.58
N ARG A 17 -6.04 14.32 17.90
CA ARG A 17 -5.39 15.22 16.97
C ARG A 17 -4.23 15.95 17.66
N GLY A 18 -3.16 15.21 17.91
CA GLY A 18 -1.98 15.80 18.53
C GLY A 18 -1.24 16.70 17.58
N SER A 19 -1.39 16.43 16.28
CA SER A 19 -0.80 17.24 15.24
C SER A 19 -1.57 17.08 13.94
N HIS A 20 -1.12 17.73 12.88
CA HIS A 20 -1.73 17.59 11.56
C HIS A 20 -1.77 16.12 11.12
N MET A 21 -2.89 15.69 10.56
CA MET A 21 -3.03 14.34 10.07
C MET A 21 -2.40 14.21 8.70
N THR A 22 -1.09 14.05 8.69
CA THR A 22 -0.33 13.85 7.47
C THR A 22 0.90 13.02 7.78
N SER A 23 0.68 11.73 8.01
CA SER A 23 1.76 10.82 8.34
C SER A 23 1.50 9.46 7.73
N ILE A 24 2.05 9.25 6.53
CA ILE A 24 1.90 7.98 5.82
C ILE A 24 2.45 6.82 6.66
N LEU A 25 3.33 7.14 7.61
CA LEU A 25 3.93 6.14 8.48
C LEU A 25 2.89 5.46 9.38
N ASP A 26 1.82 6.19 9.71
CA ASP A 26 0.80 5.67 10.61
C ASP A 26 -0.26 4.89 9.83
N ILE A 27 -0.22 5.01 8.51
CA ILE A 27 -1.16 4.30 7.66
C ILE A 27 -0.77 2.83 7.58
N ARG A 28 -1.21 2.07 8.57
CA ARG A 28 -0.92 0.66 8.64
C ARG A 28 -2.15 -0.15 8.33
N GLN A 29 -1.94 -1.29 7.71
CA GLN A 29 -3.04 -2.10 7.19
C GLN A 29 -3.75 -2.81 8.34
N GLY A 30 -5.07 -2.74 8.34
CA GLY A 30 -5.84 -3.41 9.37
C GLY A 30 -5.89 -4.91 9.15
N PRO A 31 -6.03 -5.70 10.21
CA PRO A 31 -6.06 -7.18 10.12
C PRO A 31 -7.30 -7.69 9.38
N LYS A 32 -8.30 -6.82 9.25
CA LYS A 32 -9.51 -7.15 8.52
C LYS A 32 -9.62 -6.25 7.29
N GLU A 33 -8.56 -5.50 7.01
CA GLU A 33 -8.58 -4.54 5.93
C GLU A 33 -7.88 -5.10 4.68
N PRO A 34 -8.63 -5.27 3.59
CA PRO A 34 -8.08 -5.70 2.30
C PRO A 34 -7.06 -4.69 1.76
N PHE A 35 -6.06 -5.22 1.07
CA PHE A 35 -4.95 -4.42 0.56
C PHE A 35 -5.45 -3.30 -0.37
N ARG A 36 -6.57 -3.53 -1.04
CA ARG A 36 -7.13 -2.52 -1.93
C ARG A 36 -7.65 -1.32 -1.16
N ASP A 37 -8.27 -1.56 -0.02
CA ASP A 37 -8.77 -0.48 0.84
C ASP A 37 -7.61 0.19 1.55
N TYR A 38 -6.56 -0.58 1.78
CA TYR A 38 -5.34 -0.08 2.40
C TYR A 38 -4.66 0.90 1.45
N VAL A 39 -4.47 0.48 0.21
CA VAL A 39 -3.84 1.32 -0.81
C VAL A 39 -4.67 2.57 -1.10
N ASP A 40 -5.99 2.45 -1.06
CA ASP A 40 -6.87 3.58 -1.34
C ASP A 40 -6.54 4.77 -0.45
N ARG A 41 -6.42 4.53 0.84
CA ARG A 41 -6.11 5.61 1.77
C ARG A 41 -4.62 5.86 1.85
N PHE A 42 -3.83 4.83 1.55
CA PHE A 42 -2.37 4.97 1.52
C PHE A 42 -1.99 5.99 0.45
N TYR A 43 -2.47 5.76 -0.76
CA TYR A 43 -2.15 6.61 -1.90
C TYR A 43 -2.59 8.06 -1.66
N LYS A 44 -3.81 8.23 -1.15
CA LYS A 44 -4.37 9.56 -0.93
C LYS A 44 -3.59 10.34 0.13
N THR A 45 -3.20 9.66 1.19
CA THR A 45 -2.42 10.29 2.25
C THR A 45 -1.00 10.55 1.77
N LEU A 46 -0.51 9.69 0.89
CA LEU A 46 0.82 9.82 0.34
C LEU A 46 0.91 11.02 -0.60
N ARG A 47 -0.22 11.37 -1.23
CA ARG A 47 -0.29 12.61 -2.00
C ARG A 47 -0.06 13.80 -1.07
N ALA A 48 -0.67 13.74 0.11
CA ALA A 48 -0.62 14.82 1.08
C ALA A 48 0.78 14.98 1.67
N GLU A 49 1.52 13.86 1.75
CA GLU A 49 2.91 13.88 2.21
C GLU A 49 3.69 14.96 1.47
N GLN A 50 4.17 15.95 2.22
CA GLN A 50 4.86 17.08 1.63
C GLN A 50 6.34 16.76 1.44
N ALA A 51 6.60 15.94 0.44
CA ALA A 51 7.95 15.57 0.06
C ALA A 51 8.06 15.52 -1.44
N SER A 52 9.27 15.48 -1.96
CA SER A 52 9.49 15.34 -3.39
C SER A 52 8.94 14.00 -3.86
N GLN A 53 8.53 13.91 -5.12
CA GLN A 53 7.99 12.68 -5.66
C GLN A 53 9.00 11.56 -5.44
N GLU A 54 10.24 11.80 -5.86
CA GLU A 54 11.30 10.80 -5.81
C GLU A 54 11.53 10.32 -4.38
N VAL A 55 11.53 11.26 -3.45
CA VAL A 55 11.74 10.95 -2.04
C VAL A 55 10.62 10.05 -1.52
N LYS A 56 9.38 10.42 -1.84
CA LYS A 56 8.24 9.65 -1.39
C LYS A 56 8.22 8.27 -2.03
N ASN A 57 8.63 8.19 -3.30
CA ASN A 57 8.68 6.92 -4.01
C ASN A 57 9.57 5.92 -3.28
N ALA A 58 10.79 6.35 -2.96
CA ALA A 58 11.77 5.49 -2.33
C ALA A 58 11.26 4.95 -1.01
N ALA A 59 10.61 5.82 -0.25
CA ALA A 59 10.01 5.42 1.01
C ALA A 59 8.87 4.44 0.77
N THR A 60 7.97 4.80 -0.14
CA THR A 60 6.76 4.02 -0.42
C THR A 60 7.05 2.58 -0.77
N GLU A 61 7.99 2.35 -1.68
CA GLU A 61 8.33 1.00 -2.11
C GLU A 61 8.65 0.11 -0.90
N THR A 62 9.14 0.74 0.15
CA THR A 62 9.55 0.05 1.34
C THR A 62 8.38 -0.08 2.34
N LEU A 63 7.81 1.06 2.75
CA LEU A 63 6.82 1.06 3.83
C LEU A 63 5.47 0.52 3.38
N LEU A 64 5.24 0.43 2.07
CA LEU A 64 4.04 -0.20 1.55
C LEU A 64 4.00 -1.66 2.00
N VAL A 65 5.16 -2.30 1.97
CA VAL A 65 5.31 -3.67 2.44
C VAL A 65 5.39 -3.72 3.96
N GLN A 66 6.10 -2.75 4.55
CA GLN A 66 6.32 -2.70 5.99
C GLN A 66 5.00 -2.63 6.76
N ASN A 67 4.12 -1.74 6.33
CA ASN A 67 2.88 -1.45 7.05
C ASN A 67 1.79 -2.49 6.76
N ALA A 68 2.12 -3.46 5.91
CA ALA A 68 1.18 -4.51 5.56
C ALA A 68 1.20 -5.62 6.61
N ASN A 69 0.06 -6.31 6.77
CA ASN A 69 -0.06 -7.40 7.74
C ASN A 69 0.87 -8.54 7.39
N PRO A 70 1.29 -9.36 8.38
CA PRO A 70 2.20 -10.48 8.14
C PRO A 70 1.74 -11.39 7.01
N ASP A 71 0.45 -11.73 7.05
CA ASP A 71 -0.17 -12.57 6.04
C ASP A 71 0.01 -11.98 4.65
N CYS A 72 -0.34 -10.71 4.51
CA CYS A 72 -0.24 -10.01 3.24
C CYS A 72 1.22 -9.84 2.84
N LYS A 73 2.03 -9.45 3.81
CA LYS A 73 3.46 -9.22 3.61
C LYS A 73 4.14 -10.45 3.02
N THR A 74 3.76 -11.62 3.51
CA THR A 74 4.31 -12.88 3.05
C THR A 74 4.00 -13.10 1.56
N ILE A 75 2.78 -12.74 1.17
CA ILE A 75 2.35 -12.90 -0.21
C ILE A 75 3.07 -11.91 -1.12
N LEU A 76 3.26 -10.69 -0.62
CA LEU A 76 3.94 -9.65 -1.38
C LEU A 76 5.37 -10.06 -1.69
N LYS A 77 6.04 -10.65 -0.71
CA LYS A 77 7.41 -11.12 -0.88
C LYS A 77 7.46 -12.30 -1.84
N ALA A 78 6.43 -13.14 -1.80
CA ALA A 78 6.34 -14.28 -2.69
C ALA A 78 6.16 -13.83 -4.14
N LEU A 79 5.34 -12.79 -4.32
CA LEU A 79 5.16 -12.19 -5.64
C LEU A 79 6.46 -11.61 -6.14
N GLY A 80 7.09 -10.81 -5.29
CA GLY A 80 8.34 -10.18 -5.66
C GLY A 80 8.16 -8.71 -5.99
N PRO A 81 9.20 -7.89 -5.86
CA PRO A 81 9.13 -6.46 -6.10
C PRO A 81 9.05 -6.12 -7.59
N ALA A 82 9.13 -7.15 -8.43
CA ALA A 82 9.07 -6.96 -9.87
C ALA A 82 7.65 -7.10 -10.39
N ALA A 83 6.76 -7.56 -9.51
CA ALA A 83 5.34 -7.65 -9.83
C ALA A 83 4.69 -6.30 -9.59
N THR A 84 3.50 -6.10 -10.12
CA THR A 84 2.88 -4.78 -10.15
C THR A 84 1.95 -4.56 -8.96
N LEU A 85 1.57 -3.30 -8.76
CA LEU A 85 0.64 -2.94 -7.69
C LEU A 85 -0.64 -3.75 -7.78
N GLU A 86 -1.19 -3.84 -8.99
CA GLU A 86 -2.45 -4.54 -9.21
C GLU A 86 -2.32 -6.01 -8.81
N GLU A 87 -1.16 -6.60 -9.04
CA GLU A 87 -0.93 -7.98 -8.66
C GLU A 87 -0.95 -8.11 -7.14
N MET A 88 -0.39 -7.13 -6.46
CA MET A 88 -0.39 -7.10 -5.00
C MET A 88 -1.82 -6.98 -4.47
N MET A 89 -2.58 -6.07 -5.07
CA MET A 89 -3.94 -5.79 -4.66
C MET A 89 -4.83 -7.01 -4.86
N THR A 90 -4.59 -7.73 -5.96
CA THR A 90 -5.36 -8.90 -6.29
C THR A 90 -4.93 -10.12 -5.45
N ALA A 91 -3.62 -10.24 -5.22
CA ALA A 91 -3.09 -11.34 -4.44
C ALA A 91 -3.53 -11.25 -2.98
N CYS A 92 -3.86 -10.04 -2.55
CA CYS A 92 -4.29 -9.82 -1.18
C CYS A 92 -5.77 -9.42 -1.12
N GLN A 93 -6.51 -9.74 -2.17
CA GLN A 93 -7.95 -9.50 -2.17
C GLN A 93 -8.71 -10.83 -2.11
N GLY A 94 -8.03 -11.89 -2.53
CA GLY A 94 -8.64 -13.21 -2.51
C GLY A 94 -8.36 -13.93 -1.20
N VAL A 95 -8.58 -13.23 -0.11
CA VAL A 95 -8.30 -13.77 1.22
C VAL A 95 -9.24 -14.91 1.54
N GLY A 96 -10.52 -14.67 1.28
CA GLY A 96 -11.54 -15.64 1.55
C GLY A 96 -12.01 -15.59 2.98
N GLY A 97 -11.06 -15.54 3.91
CA GLY A 97 -11.40 -15.52 5.32
C GLY A 97 -10.86 -16.73 6.05
N PRO A 98 -9.60 -16.67 6.52
CA PRO A 98 -8.96 -17.78 7.23
C PRO A 98 -9.47 -17.96 8.65
N GLY A 99 -10.54 -17.24 9.00
CA GLY A 99 -11.10 -17.33 10.32
C GLY A 99 -11.04 -16.02 11.07
N HIS A 100 -9.82 -15.56 11.33
CA HIS A 100 -9.58 -14.33 12.10
C HIS A 100 -10.10 -14.50 13.53
N LYS A 101 -9.18 -14.74 14.46
CA LYS A 101 -9.52 -14.99 15.87
C LYS A 101 -10.47 -13.92 16.43
N ALA A 102 -11.57 -14.38 17.02
CA ALA A 102 -12.57 -13.50 17.59
C ALA A 102 -13.57 -14.29 18.43
N ARG A 103 -14.70 -13.67 18.76
CA ARG A 103 -15.79 -14.31 19.51
C ARG A 103 -15.41 -14.54 20.96
N VAL A 104 -15.24 -13.44 21.70
CA VAL A 104 -15.03 -13.53 23.13
C VAL A 104 -16.37 -13.68 23.84
N LEU A 105 -17.42 -13.11 23.25
CA LEU A 105 -18.78 -13.31 23.73
C LEU A 105 -19.56 -14.17 22.74
N ILE B 1 7.16 0.07 -7.70
CA ILE B 1 6.01 0.02 -6.75
C ILE B 1 6.08 1.22 -5.82
N THR B 2 6.23 2.38 -6.43
CA THR B 2 6.44 3.61 -5.72
C THR B 2 5.17 4.47 -5.81
N PHE B 3 5.20 5.69 -5.29
CA PHE B 3 4.07 6.61 -5.41
C PHE B 3 3.75 6.84 -6.89
C MK8 B 4 3.72 5.89 -9.66
N MK8 B 4 4.80 6.86 -7.72
O MK8 B 4 2.71 6.15 -10.31
CA MK8 B 4 4.67 7.00 -9.18
CB MK8 B 4 6.03 6.83 -9.87
CD MK8 B 4 6.28 5.90 -12.23
CE MK8 B 4 5.37 4.87 -12.07
CG MK8 B 4 5.97 7.13 -11.37
CB1 MK8 B 4 4.11 8.37 -9.52
H MK8 B 4 5.70 6.76 -7.33
HB MK8 B 4 6.75 7.51 -9.41
HBA MK8 B 4 6.38 5.81 -9.74
HD MK8 B 4 6.26 6.20 -13.27
HDA MK8 B 4 7.27 5.54 -11.98
HE MK8 B 4 5.60 4.07 -11.38
HG MK8 B 4 4.98 7.47 -11.61
HGA MK8 B 4 6.68 7.90 -11.60
HB1 MK8 B 4 4.85 9.14 -9.27
HB1A MK8 B 4 3.89 8.42 -10.58
HB1B MK8 B 4 3.21 8.55 -8.96
N ASP B 5 4.06 4.65 -9.30
CA ASP B 5 3.29 3.47 -9.73
C ASP B 5 1.84 3.58 -9.28
N LEU B 6 1.66 4.07 -8.06
CA LEU B 6 0.34 4.30 -7.52
C LEU B 6 -0.46 5.27 -8.39
N LEU B 7 0.17 6.38 -8.73
CA LEU B 7 -0.45 7.40 -9.56
C LEU B 7 -0.82 6.85 -10.93
C MK8 B 8 -1.01 4.62 -13.03
N MK8 B 8 0.16 6.24 -11.59
O MK8 B 8 -1.59 4.35 -14.08
CA MK8 B 8 0.04 5.75 -12.98
CB MK8 B 8 1.39 5.23 -13.44
CD MK8 B 8 3.84 5.84 -13.66
CE MK8 B 8 4.17 4.83 -12.77
CG MK8 B 8 2.42 6.37 -13.49
CB1 MK8 B 8 -0.38 6.88 -13.90
H MK8 B 8 1.02 6.12 -11.12
HB MK8 B 8 1.75 4.47 -12.77
HBA MK8 B 8 1.31 4.82 -14.44
HD MK8 B 8 3.93 5.44 -14.66
HDA MK8 B 8 4.52 6.65 -13.53
HE MK8 B 8 3.48 4.03 -12.61
HG MK8 B 8 2.18 7.02 -14.30
HGA MK8 B 8 2.36 6.91 -12.55
HB1 MK8 B 8 -0.47 6.51 -14.91
HB1A MK8 B 8 -1.33 7.28 -13.58
HB1B MK8 B 8 0.38 7.66 -13.88
N TYR B 9 -1.21 3.96 -11.90
CA TYR B 9 -2.23 2.91 -11.82
C TYR B 9 -3.63 3.49 -11.88
N TYR B 10 -3.91 4.42 -10.98
CA TYR B 10 -5.22 5.03 -10.88
C TYR B 10 -5.50 5.94 -12.07
N GLY B 11 -4.53 6.80 -12.40
CA GLY B 11 -4.69 7.69 -13.53
C GLY B 11 -4.11 7.11 -14.80
N LYS B 12 -4.67 5.97 -15.22
CA LYS B 12 -4.13 5.23 -16.36
C LYS B 12 -4.77 5.67 -17.68
N LYS B 13 -5.79 6.51 -17.60
CA LYS B 13 -6.45 6.99 -18.80
C LYS B 13 -5.93 8.37 -19.21
N LYS B 14 -5.87 8.59 -20.51
CA LYS B 14 -5.47 9.87 -21.06
C LYS B 14 -6.70 10.75 -21.23
N SER A 12 20.09 16.54 1.75
CA SER A 12 18.70 16.96 1.47
C SER A 12 17.71 15.89 1.92
N GLY A 13 17.26 16.00 3.16
CA GLY A 13 16.33 15.03 3.69
C GLY A 13 15.80 15.42 5.05
N LEU A 14 15.13 14.47 5.72
CA LEU A 14 14.56 14.69 7.04
C LEU A 14 13.52 15.81 7.02
N VAL A 15 12.26 15.43 6.86
CA VAL A 15 11.17 16.39 6.84
C VAL A 15 10.22 16.16 8.02
N PRO A 16 10.52 16.74 9.18
CA PRO A 16 9.67 16.66 10.36
C PRO A 16 8.67 17.81 10.41
N ARG A 17 8.36 18.33 9.24
CA ARG A 17 7.45 19.46 9.11
C ARG A 17 6.19 19.03 8.35
N GLY A 18 5.18 18.61 9.10
CA GLY A 18 3.93 18.20 8.51
C GLY A 18 2.76 18.93 9.12
N SER A 19 2.91 19.33 10.38
CA SER A 19 1.88 20.06 11.11
C SER A 19 0.63 19.21 11.30
N HIS A 20 0.84 17.99 11.80
CA HIS A 20 -0.23 17.02 12.07
C HIS A 20 -0.89 16.53 10.78
N MET A 21 -1.45 15.31 10.85
CA MET A 21 -2.21 14.69 9.75
C MET A 21 -1.29 14.22 8.61
N THR A 22 -0.27 14.99 8.34
CA THR A 22 0.69 14.69 7.29
C THR A 22 1.71 13.65 7.77
N SER A 23 1.29 12.40 7.83
CA SER A 23 2.15 11.31 8.28
C SER A 23 1.70 9.98 7.69
N ILE A 24 2.26 9.64 6.53
CA ILE A 24 1.97 8.37 5.86
C ILE A 24 2.40 7.17 6.72
N LEU A 25 3.29 7.42 7.68
CA LEU A 25 3.78 6.38 8.57
C LEU A 25 2.67 5.86 9.48
N ASP A 26 1.61 6.65 9.63
CA ASP A 26 0.48 6.28 10.46
C ASP A 26 -0.50 5.41 9.68
N ILE A 27 -0.31 5.36 8.36
CA ILE A 27 -1.17 4.59 7.50
C ILE A 27 -0.66 3.16 7.38
N ARG A 28 -1.38 2.24 8.00
CA ARG A 28 -0.99 0.84 8.03
C ARG A 28 -2.20 -0.07 7.88
N GLN A 29 -1.98 -1.27 7.36
CA GLN A 29 -3.06 -2.19 7.04
C GLN A 29 -3.50 -2.96 8.28
N GLY A 30 -4.80 -2.95 8.55
CA GLY A 30 -5.33 -3.68 9.68
C GLY A 30 -5.45 -5.16 9.39
N PRO A 31 -5.63 -6.00 10.42
CA PRO A 31 -5.67 -7.46 10.27
C PRO A 31 -6.72 -7.93 9.26
N LYS A 32 -7.92 -7.38 9.35
CA LYS A 32 -9.01 -7.80 8.47
C LYS A 32 -9.21 -6.80 7.33
N GLU A 33 -8.29 -5.85 7.23
CA GLU A 33 -8.33 -4.85 6.18
C GLU A 33 -7.77 -5.41 4.89
N PRO A 34 -8.57 -5.46 3.82
CA PRO A 34 -8.10 -5.87 2.49
C PRO A 34 -7.07 -4.89 1.95
N PHE A 35 -6.05 -5.44 1.31
CA PHE A 35 -4.95 -4.65 0.76
C PHE A 35 -5.46 -3.64 -0.27
N ARG A 36 -6.55 -3.98 -0.95
CA ARG A 36 -7.14 -3.10 -1.95
C ARG A 36 -7.65 -1.82 -1.29
N ASP A 37 -8.12 -1.95 -0.05
CA ASP A 37 -8.69 -0.81 0.67
C ASP A 37 -7.57 0.02 1.28
N TYR A 38 -6.52 -0.69 1.69
CA TYR A 38 -5.35 -0.08 2.30
C TYR A 38 -4.65 0.86 1.30
N VAL A 39 -4.44 0.37 0.08
CA VAL A 39 -3.80 1.16 -0.96
C VAL A 39 -4.59 2.41 -1.31
N ASP A 40 -5.91 2.27 -1.37
CA ASP A 40 -6.78 3.38 -1.74
C ASP A 40 -6.53 4.58 -0.83
N ARG A 41 -6.45 4.34 0.47
CA ARG A 41 -6.23 5.41 1.43
C ARG A 41 -4.75 5.79 1.50
N PHE A 42 -3.89 4.78 1.41
CA PHE A 42 -2.44 4.99 1.42
C PHE A 42 -2.04 5.96 0.32
N TYR A 43 -2.52 5.68 -0.89
CA TYR A 43 -2.26 6.53 -2.05
C TYR A 43 -2.74 7.96 -1.82
N LYS A 44 -3.86 8.13 -1.14
CA LYS A 44 -4.41 9.45 -0.87
C LYS A 44 -3.44 10.27 -0.02
N THR A 45 -2.96 9.66 1.07
CA THR A 45 -2.06 10.33 1.99
C THR A 45 -0.74 10.68 1.32
N LEU A 46 -0.24 9.78 0.46
CA LEU A 46 1.00 10.02 -0.27
C LEU A 46 0.96 11.33 -1.05
N ARG A 47 -0.21 11.67 -1.56
CA ARG A 47 -0.36 12.90 -2.34
C ARG A 47 -0.27 14.13 -1.44
N ALA A 48 -0.61 13.95 -0.16
CA ALA A 48 -0.62 15.07 0.79
C ALA A 48 0.73 15.20 1.50
N GLU A 49 1.47 14.09 1.57
CA GLU A 49 2.79 14.08 2.20
C GLU A 49 3.70 15.15 1.63
N GLN A 50 4.26 15.97 2.51
CA GLN A 50 5.12 17.07 2.10
C GLN A 50 6.56 16.60 1.92
N ALA A 51 6.76 15.76 0.92
CA ALA A 51 8.09 15.24 0.62
C ALA A 51 8.36 15.31 -0.88
N SER A 52 9.62 15.13 -1.25
CA SER A 52 10.00 15.13 -2.65
C SER A 52 9.47 13.87 -3.35
N GLN A 53 9.11 13.98 -4.62
CA GLN A 53 8.45 12.88 -5.31
C GLN A 53 9.23 11.57 -5.22
N GLU A 54 10.51 11.62 -5.57
CA GLU A 54 11.37 10.43 -5.53
C GLU A 54 11.41 9.84 -4.12
N VAL A 55 11.45 10.72 -3.13
CA VAL A 55 11.47 10.32 -1.73
C VAL A 55 10.17 9.61 -1.38
N LYS A 56 9.05 10.12 -1.92
CA LYS A 56 7.75 9.48 -1.74
C LYS A 56 7.78 8.05 -2.27
N ASN A 57 8.35 7.88 -3.46
CA ASN A 57 8.37 6.55 -4.09
C ASN A 57 9.22 5.60 -3.27
N ALA A 58 10.40 6.06 -2.87
CA ALA A 58 11.32 5.26 -2.08
C ALA A 58 10.72 4.90 -0.72
N ALA A 59 10.05 5.86 -0.10
CA ALA A 59 9.40 5.64 1.18
C ALA A 59 8.26 4.65 1.04
N THR A 60 7.49 4.80 -0.04
CA THR A 60 6.38 3.90 -0.31
C THR A 60 6.88 2.47 -0.47
N GLU A 61 8.00 2.31 -1.15
CA GLU A 61 8.55 0.99 -1.45
C GLU A 61 8.84 0.19 -0.19
N THR A 62 9.12 0.88 0.91
CA THR A 62 9.33 0.20 2.18
C THR A 62 8.04 0.15 2.99
N LEU A 63 7.37 1.30 3.12
CA LEU A 63 6.15 1.40 3.92
C LEU A 63 5.05 0.47 3.41
N LEU A 64 4.97 0.33 2.09
CA LEU A 64 3.97 -0.53 1.45
C LEU A 64 4.05 -1.94 2.01
N VAL A 65 5.28 -2.44 2.12
CA VAL A 65 5.52 -3.78 2.64
C VAL A 65 5.49 -3.79 4.18
N GLN A 66 6.15 -2.81 4.79
CA GLN A 66 6.32 -2.76 6.24
C GLN A 66 4.98 -2.58 6.97
N ASN A 67 4.11 -1.75 6.42
CA ASN A 67 2.85 -1.43 7.07
C ASN A 67 1.76 -2.44 6.70
N ALA A 68 2.18 -3.56 6.15
CA ALA A 68 1.26 -4.63 5.81
C ALA A 68 1.35 -5.76 6.82
N ASN A 69 0.24 -6.46 7.03
CA ASN A 69 0.21 -7.60 7.96
C ASN A 69 1.16 -8.69 7.50
N PRO A 70 1.71 -9.50 8.43
CA PRO A 70 2.69 -10.54 8.08
C PRO A 70 2.23 -11.42 6.92
N ASP A 71 0.96 -11.82 6.96
CA ASP A 71 0.36 -12.63 5.91
C ASP A 71 0.45 -11.91 4.57
N CYS A 72 -0.06 -10.68 4.55
CA CYS A 72 -0.08 -9.87 3.34
C CYS A 72 1.35 -9.60 2.86
N LYS A 73 2.22 -9.26 3.80
CA LYS A 73 3.62 -8.96 3.51
C LYS A 73 4.30 -10.14 2.83
N THR A 74 4.01 -11.33 3.32
CA THR A 74 4.57 -12.55 2.76
C THR A 74 4.04 -12.78 1.33
N ILE A 75 2.80 -12.40 1.10
CA ILE A 75 2.23 -12.50 -0.23
C ILE A 75 2.84 -11.44 -1.15
N LEU A 76 3.08 -10.25 -0.59
CA LEU A 76 3.72 -9.17 -1.33
C LEU A 76 5.08 -9.60 -1.83
N LYS A 77 5.87 -10.19 -0.95
CA LYS A 77 7.21 -10.66 -1.31
C LYS A 77 7.12 -11.86 -2.25
N ALA A 78 6.02 -12.62 -2.15
CA ALA A 78 5.78 -13.76 -3.02
C ALA A 78 5.63 -13.31 -4.47
N LEU A 79 5.04 -12.12 -4.68
CA LEU A 79 4.96 -11.54 -6.01
C LEU A 79 6.36 -11.22 -6.52
N GLY A 80 7.14 -10.54 -5.69
CA GLY A 80 8.48 -10.17 -6.08
C GLY A 80 8.59 -8.68 -6.37
N PRO A 81 9.82 -8.14 -6.38
CA PRO A 81 10.06 -6.71 -6.63
C PRO A 81 9.95 -6.36 -8.12
N ALA A 82 9.69 -7.38 -8.94
CA ALA A 82 9.58 -7.19 -10.37
C ALA A 82 8.12 -7.24 -10.82
N ALA A 83 7.22 -7.11 -9.85
CA ALA A 83 5.79 -7.14 -10.12
C ALA A 83 5.20 -5.73 -10.09
N THR A 84 3.90 -5.63 -10.29
CA THR A 84 3.21 -4.35 -10.30
C THR A 84 2.13 -4.33 -9.22
N LEU A 85 1.73 -3.14 -8.77
CA LEU A 85 0.75 -2.99 -7.69
C LEU A 85 -0.48 -3.86 -7.94
N GLU A 86 -0.91 -3.90 -9.19
CA GLU A 86 -2.08 -4.64 -9.63
C GLU A 86 -2.03 -6.11 -9.19
N GLU A 87 -0.82 -6.66 -9.10
CA GLU A 87 -0.64 -8.04 -8.71
C GLU A 87 -1.11 -8.25 -7.27
N MET A 88 -0.62 -7.38 -6.39
CA MET A 88 -0.93 -7.46 -4.97
C MET A 88 -2.38 -7.13 -4.70
N MET A 89 -2.94 -6.21 -5.49
CA MET A 89 -4.35 -5.81 -5.33
C MET A 89 -5.27 -7.03 -5.39
N THR A 90 -4.93 -7.95 -6.29
CA THR A 90 -5.67 -9.20 -6.40
C THR A 90 -5.15 -10.24 -5.41
N ALA A 91 -3.83 -10.29 -5.26
CA ALA A 91 -3.18 -11.30 -4.42
C ALA A 91 -3.61 -11.17 -2.94
N CYS A 92 -3.72 -9.95 -2.47
CA CYS A 92 -4.01 -9.70 -1.06
C CYS A 92 -5.42 -9.16 -0.85
N GLN A 93 -6.29 -9.41 -1.83
CA GLN A 93 -7.68 -8.95 -1.74
C GLN A 93 -8.43 -9.67 -0.61
N GLY A 94 -7.94 -10.85 -0.25
CA GLY A 94 -8.58 -11.65 0.77
C GLY A 94 -8.64 -13.10 0.36
N VAL A 95 -9.44 -13.38 -0.67
CA VAL A 95 -9.54 -14.71 -1.23
C VAL A 95 -8.44 -14.92 -2.27
N GLY A 96 -7.84 -16.11 -2.28
CA GLY A 96 -6.75 -16.38 -3.20
C GLY A 96 -7.04 -17.58 -4.07
N GLY A 97 -8.30 -17.74 -4.45
CA GLY A 97 -8.68 -18.85 -5.29
C GLY A 97 -9.90 -18.55 -6.15
N PRO A 98 -9.72 -17.79 -7.25
CA PRO A 98 -10.81 -17.45 -8.16
C PRO A 98 -10.99 -18.49 -9.27
N GLY A 99 -10.68 -19.74 -8.96
CA GLY A 99 -10.80 -20.81 -9.93
C GLY A 99 -9.89 -21.97 -9.59
N HIS A 100 -9.20 -22.50 -10.59
CA HIS A 100 -8.27 -23.60 -10.37
C HIS A 100 -6.88 -23.19 -10.80
N LYS A 101 -6.74 -22.84 -12.06
CA LYS A 101 -5.52 -22.24 -12.58
C LYS A 101 -5.75 -20.75 -12.78
N ALA A 102 -5.64 -20.01 -11.70
CA ALA A 102 -5.93 -18.57 -11.71
C ALA A 102 -5.09 -17.85 -12.76
N ARG A 103 -3.78 -17.84 -12.56
CA ARG A 103 -2.88 -17.22 -13.52
C ARG A 103 -1.60 -18.04 -13.64
N VAL A 104 -0.70 -17.61 -14.51
CA VAL A 104 0.58 -18.26 -14.72
C VAL A 104 0.37 -19.68 -15.25
N LEU A 105 -0.19 -19.76 -16.44
CA LEU A 105 -0.42 -21.04 -17.10
C LEU A 105 -0.01 -20.93 -18.57
N ILE B 1 3.72 -0.83 -4.35
CA ILE B 1 5.06 -0.72 -4.95
C ILE B 1 5.26 0.68 -5.54
N THR B 2 6.02 1.50 -4.79
CA THR B 2 6.22 2.95 -5.04
C THR B 2 4.94 3.72 -5.38
N PHE B 3 5.04 5.04 -5.28
CA PHE B 3 3.95 5.95 -5.58
C PHE B 3 3.69 5.98 -7.08
C MK8 B 4 3.64 4.88 -9.85
N MK8 B 4 4.78 5.81 -7.85
O MK8 B 4 2.79 5.28 -10.64
CA MK8 B 4 4.74 5.84 -9.34
CB MK8 B 4 6.15 5.51 -9.91
CD MK8 B 4 5.72 4.20 -12.06
CE MK8 B 4 5.82 5.44 -12.69
CG MK8 B 4 6.23 4.16 -10.62
CB1 MK8 B 4 4.41 7.27 -9.79
H MK8 B 4 5.62 5.64 -7.40
HB MK8 B 4 6.43 6.28 -10.62
HBA MK8 B 4 6.86 5.51 -9.09
HD MK8 B 4 6.29 3.50 -12.65
HDA MK8 B 4 4.68 3.90 -12.06
HE MK8 B 4 6.70 6.06 -12.51
HG MK8 B 4 7.26 3.84 -10.63
HGA MK8 B 4 5.64 3.45 -10.06
HB1 MK8 B 4 4.36 7.30 -10.87
HB1A MK8 B 4 3.44 7.55 -9.37
HB1B MK8 B 4 5.16 7.95 -9.44
N ASP B 5 3.65 3.63 -9.38
CA ASP B 5 2.67 2.64 -9.83
C ASP B 5 1.28 3.12 -9.46
N LEU B 6 1.17 3.61 -8.23
CA LEU B 6 -0.09 4.14 -7.71
C LEU B 6 -0.66 5.23 -8.60
N LEU B 7 0.15 6.24 -8.88
CA LEU B 7 -0.31 7.38 -9.66
C LEU B 7 -0.71 6.97 -11.06
C MK8 B 8 -1.31 4.86 -13.19
N MK8 B 8 0.14 6.18 -11.71
O MK8 B 8 -2.11 4.97 -14.12
CA MK8 B 8 -0.06 5.74 -13.12
CB MK8 B 8 1.18 4.98 -13.59
CD MK8 B 8 3.69 5.11 -13.77
CE MK8 B 8 4.82 5.90 -13.53
CG MK8 B 8 2.39 5.89 -13.60
CB1 MK8 B 8 -0.25 6.95 -14.03
H MK8 B 8 0.94 5.85 -11.23
HB MK8 B 8 1.36 4.15 -12.91
HBA MK8 B 8 1.01 4.60 -14.58
HD MK8 B 8 3.70 4.29 -13.08
HDA MK8 B 8 3.73 4.74 -14.79
HE MK8 B 8 4.91 6.85 -14.01
HG MK8 B 8 2.30 6.59 -14.42
HGA MK8 B 8 2.44 6.43 -12.66
HB1 MK8 B 8 -1.13 7.49 -13.72
HB1A MK8 B 8 0.61 7.60 -13.95
HB1B MK8 B 8 -0.36 6.62 -15.04
N TYR B 9 -1.48 4.03 -12.18
CA TYR B 9 -2.63 3.14 -12.07
C TYR B 9 -3.93 3.94 -11.97
N TYR B 10 -3.96 4.90 -11.07
CA TYR B 10 -5.15 5.74 -10.89
C TYR B 10 -5.33 6.68 -12.06
N GLY B 11 -4.22 7.12 -12.64
CA GLY B 11 -4.27 7.99 -13.79
C GLY B 11 -4.97 7.34 -14.96
N LYS B 12 -4.33 6.34 -15.54
CA LYS B 12 -4.90 5.57 -16.63
C LYS B 12 -4.49 4.12 -16.51
N LYS B 13 -3.22 3.88 -16.74
CA LYS B 13 -2.65 2.54 -16.67
C LYS B 13 -1.19 2.61 -16.23
N LYS B 14 -0.71 1.53 -15.63
CA LYS B 14 0.68 1.45 -15.23
C LYS B 14 1.47 0.66 -16.27
N SER A 12 18.47 14.70 15.13
CA SER A 12 18.32 15.96 14.38
C SER A 12 16.89 16.10 13.84
N GLY A 13 16.35 15.01 13.31
CA GLY A 13 15.00 15.02 12.79
C GLY A 13 14.32 13.69 12.98
N LEU A 14 13.64 13.53 14.11
CA LEU A 14 12.94 12.28 14.40
C LEU A 14 11.59 12.28 13.69
N VAL A 15 11.06 13.47 13.47
CA VAL A 15 9.80 13.63 12.79
C VAL A 15 10.04 14.05 11.33
N PRO A 16 9.40 13.33 10.38
CA PRO A 16 9.55 13.60 8.94
C PRO A 16 9.00 14.97 8.53
N ARG A 17 7.80 15.28 9.00
CA ARG A 17 7.19 16.59 8.75
C ARG A 17 6.09 16.83 9.77
N GLY A 18 5.32 17.92 9.62
CA GLY A 18 4.22 18.19 10.52
C GLY A 18 3.30 17.01 10.67
N SER A 19 3.45 16.28 11.77
CA SER A 19 2.78 15.00 11.93
C SER A 19 1.67 15.07 12.97
N HIS A 20 0.48 15.38 12.52
CA HIS A 20 -0.71 15.29 13.36
C HIS A 20 -1.67 14.29 12.76
N MET A 21 -1.95 14.46 11.47
CA MET A 21 -2.71 13.49 10.71
C MET A 21 -1.97 13.20 9.41
N THR A 22 -0.71 13.60 9.40
CA THR A 22 0.16 13.43 8.25
C THR A 22 1.43 12.70 8.71
N SER A 23 1.82 11.66 7.99
CA SER A 23 2.91 10.81 8.43
C SER A 23 3.15 9.65 7.46
N ILE A 24 2.06 9.16 6.87
CA ILE A 24 2.03 7.95 6.01
C ILE A 24 2.47 6.67 6.75
N LEU A 25 3.40 6.81 7.68
CA LEU A 25 3.91 5.68 8.45
C LEU A 25 2.81 5.07 9.31
N ASP A 26 1.86 5.89 9.73
CA ASP A 26 0.78 5.44 10.62
C ASP A 26 -0.36 4.83 9.81
N ILE A 27 -0.26 4.89 8.48
CA ILE A 27 -1.27 4.30 7.63
C ILE A 27 -1.03 2.80 7.46
N ARG A 28 -1.51 2.05 8.45
CA ARG A 28 -1.33 0.61 8.45
C ARG A 28 -2.63 -0.08 8.04
N GLN A 29 -2.49 -1.18 7.33
CA GLN A 29 -3.63 -1.96 6.88
C GLN A 29 -4.29 -2.67 8.06
N GLY A 30 -5.62 -2.71 8.06
CA GLY A 30 -6.33 -3.44 9.08
C GLY A 30 -6.20 -4.94 8.87
N PRO A 31 -6.16 -5.73 9.96
CA PRO A 31 -5.97 -7.19 9.88
C PRO A 31 -7.06 -7.88 9.06
N LYS A 32 -8.23 -7.28 9.04
CA LYS A 32 -9.35 -7.80 8.27
C LYS A 32 -9.70 -6.86 7.12
N GLU A 33 -8.85 -5.87 6.92
CA GLU A 33 -9.11 -4.83 5.92
C GLU A 33 -8.51 -5.23 4.58
N PRO A 34 -9.28 -5.07 3.50
CA PRO A 34 -8.82 -5.37 2.14
C PRO A 34 -7.71 -4.43 1.70
N PHE A 35 -6.67 -5.02 1.11
CA PHE A 35 -5.50 -4.28 0.63
C PHE A 35 -5.90 -3.19 -0.36
N ARG A 36 -7.03 -3.40 -1.02
CA ARG A 36 -7.55 -2.44 -1.99
C ARG A 36 -7.84 -1.11 -1.32
N ASP A 37 -8.60 -1.14 -0.24
CA ASP A 37 -8.99 0.09 0.47
C ASP A 37 -7.79 0.67 1.20
N TYR A 38 -6.86 -0.21 1.58
CA TYR A 38 -5.62 0.20 2.20
C TYR A 38 -4.84 1.12 1.26
N VAL A 39 -4.71 0.70 0.01
CA VAL A 39 -4.07 1.51 -1.02
C VAL A 39 -4.83 2.81 -1.24
N ASP A 40 -6.16 2.71 -1.26
CA ASP A 40 -7.02 3.86 -1.49
C ASP A 40 -6.69 5.01 -0.55
N ARG A 41 -6.46 4.69 0.72
CA ARG A 41 -6.14 5.71 1.71
C ARG A 41 -4.64 6.02 1.72
N PHE A 42 -3.82 4.97 1.55
CA PHE A 42 -2.36 5.12 1.54
C PHE A 42 -1.94 6.10 0.45
N TYR A 43 -2.46 5.89 -0.76
CA TYR A 43 -2.13 6.72 -1.89
C TYR A 43 -2.53 8.18 -1.65
N LYS A 44 -3.72 8.40 -1.11
CA LYS A 44 -4.20 9.76 -0.87
C LYS A 44 -3.34 10.47 0.18
N THR A 45 -3.06 9.78 1.27
CA THR A 45 -2.22 10.36 2.32
C THR A 45 -0.82 10.63 1.79
N LEU A 46 -0.27 9.67 1.06
CA LEU A 46 1.07 9.80 0.49
C LEU A 46 1.13 10.97 -0.49
N ARG A 47 0.06 11.15 -1.26
CA ARG A 47 -0.04 12.27 -2.17
C ARG A 47 0.04 13.59 -1.39
N ALA A 48 -0.55 13.60 -0.20
CA ALA A 48 -0.59 14.80 0.63
C ALA A 48 0.67 14.96 1.47
N GLU A 49 1.41 13.87 1.68
CA GLU A 49 2.66 13.90 2.43
C GLU A 49 3.62 14.96 1.90
N GLN A 50 4.40 15.55 2.78
CA GLN A 50 5.34 16.60 2.41
C GLN A 50 6.70 16.00 2.08
N ALA A 51 6.90 15.66 0.81
CA ALA A 51 8.15 15.08 0.33
C ALA A 51 8.19 15.18 -1.18
N SER A 52 9.39 15.01 -1.75
CA SER A 52 9.54 15.00 -3.19
C SER A 52 9.02 13.69 -3.75
N GLN A 53 8.66 13.67 -5.03
CA GLN A 53 8.09 12.48 -5.63
C GLN A 53 9.02 11.27 -5.47
N GLU A 54 10.31 11.48 -5.71
CA GLU A 54 11.29 10.39 -5.68
C GLU A 54 11.35 9.74 -4.30
N VAL A 55 11.44 10.54 -3.25
CA VAL A 55 11.48 10.00 -1.90
C VAL A 55 10.15 9.30 -1.59
N LYS A 56 9.07 9.82 -2.16
CA LYS A 56 7.76 9.22 -1.98
C LYS A 56 7.72 7.83 -2.60
N ASN A 57 8.39 7.65 -3.73
CA ASN A 57 8.46 6.32 -4.35
C ASN A 57 9.34 5.42 -3.53
N ALA A 58 10.58 5.87 -3.30
CA ALA A 58 11.61 5.05 -2.67
C ALA A 58 11.18 4.54 -1.31
N ALA A 59 10.58 5.42 -0.52
CA ALA A 59 10.10 5.04 0.80
C ALA A 59 8.94 4.06 0.67
N THR A 60 7.97 4.42 -0.15
CA THR A 60 6.74 3.64 -0.30
C THR A 60 6.99 2.24 -0.82
N GLU A 61 7.89 2.11 -1.80
CA GLU A 61 8.27 0.79 -2.31
C GLU A 61 8.59 -0.15 -1.16
N THR A 62 9.19 0.43 -0.14
CA THR A 62 9.64 -0.29 1.02
C THR A 62 8.53 -0.46 2.05
N LEU A 63 7.99 0.68 2.52
CA LEU A 63 7.11 0.67 3.69
C LEU A 63 5.66 0.29 3.36
N LEU A 64 5.30 0.28 2.08
CA LEU A 64 4.00 -0.24 1.66
C LEU A 64 3.84 -1.68 2.16
N VAL A 65 4.91 -2.46 2.01
CA VAL A 65 4.93 -3.84 2.46
C VAL A 65 5.00 -3.89 3.99
N GLN A 66 5.73 -2.94 4.55
CA GLN A 66 5.91 -2.85 5.99
C GLN A 66 4.60 -2.53 6.71
N ASN A 67 3.82 -1.61 6.15
CA ASN A 67 2.56 -1.20 6.73
C ASN A 67 1.47 -2.22 6.45
N ALA A 68 1.81 -3.25 5.68
CA ALA A 68 0.91 -4.35 5.43
C ALA A 68 1.09 -5.41 6.50
N ASN A 69 -0.01 -5.98 6.95
CA ASN A 69 0.01 -6.98 8.01
C ASN A 69 0.78 -8.23 7.58
N PRO A 70 1.47 -8.89 8.54
CA PRO A 70 2.42 -9.97 8.23
C PRO A 70 1.87 -11.01 7.26
N ASP A 71 0.60 -11.33 7.41
CA ASP A 71 -0.07 -12.28 6.53
C ASP A 71 0.01 -11.83 5.07
N CYS A 72 -0.42 -10.60 4.83
CA CYS A 72 -0.38 -10.03 3.49
C CYS A 72 1.07 -9.79 3.06
N LYS A 73 1.89 -9.35 4.02
CA LYS A 73 3.30 -9.07 3.78
C LYS A 73 4.04 -10.33 3.30
N THR A 74 3.62 -11.48 3.81
CA THR A 74 4.18 -12.76 3.39
C THR A 74 3.87 -13.00 1.91
N ILE A 75 2.65 -12.64 1.52
CA ILE A 75 2.21 -12.81 0.14
C ILE A 75 2.90 -11.81 -0.79
N LEU A 76 3.09 -10.58 -0.31
CA LEU A 76 3.72 -9.53 -1.09
C LEU A 76 5.13 -9.91 -1.51
N LYS A 77 5.80 -10.67 -0.65
CA LYS A 77 7.16 -11.13 -0.94
C LYS A 77 7.17 -12.13 -2.09
N ALA A 78 6.05 -12.82 -2.28
CA ALA A 78 5.93 -13.80 -3.36
C ALA A 78 5.90 -13.11 -4.71
N LEU A 79 5.41 -11.86 -4.73
CA LEU A 79 5.44 -11.05 -5.94
C LEU A 79 6.86 -10.56 -6.22
N GLY A 80 7.46 -9.95 -5.23
CA GLY A 80 8.77 -9.38 -5.38
C GLY A 80 8.72 -7.97 -5.94
N PRO A 81 9.88 -7.39 -6.27
CA PRO A 81 9.96 -6.03 -6.82
C PRO A 81 9.73 -5.99 -8.34
N ALA A 82 9.50 -7.16 -8.91
CA ALA A 82 9.30 -7.30 -10.34
C ALA A 82 7.82 -7.33 -10.71
N ALA A 83 7.00 -6.78 -9.83
CA ALA A 83 5.56 -6.76 -10.03
C ALA A 83 4.99 -5.37 -9.77
N THR A 84 3.73 -5.18 -10.12
CA THR A 84 3.09 -3.87 -10.01
C THR A 84 1.96 -3.93 -8.99
N LEU A 85 1.41 -2.78 -8.63
CA LEU A 85 0.44 -2.66 -7.54
C LEU A 85 -0.70 -3.68 -7.64
N GLU A 86 -1.23 -3.85 -8.85
CA GLU A 86 -2.38 -4.71 -9.07
C GLU A 86 -2.09 -6.16 -8.64
N GLU A 87 -0.81 -6.53 -8.67
CA GLU A 87 -0.40 -7.86 -8.27
C GLU A 87 -0.63 -8.05 -6.77
N MET A 88 -0.15 -7.10 -5.98
CA MET A 88 -0.26 -7.15 -4.53
C MET A 88 -1.71 -7.08 -4.09
N MET A 89 -2.49 -6.25 -4.77
CA MET A 89 -3.89 -6.06 -4.42
C MET A 89 -4.65 -7.36 -4.59
N THR A 90 -4.54 -7.97 -5.76
CA THR A 90 -5.21 -9.22 -6.07
C THR A 90 -4.63 -10.36 -5.22
N ALA A 91 -3.34 -10.25 -4.91
CA ALA A 91 -2.64 -11.24 -4.11
C ALA A 91 -3.25 -11.34 -2.71
N CYS A 92 -3.41 -10.20 -2.06
CA CYS A 92 -3.93 -10.16 -0.70
C CYS A 92 -5.43 -10.44 -0.69
N GLN A 93 -6.10 -10.06 -1.76
CA GLN A 93 -7.55 -10.23 -1.87
C GLN A 93 -7.93 -11.62 -2.34
N GLY A 94 -6.95 -12.51 -2.42
CA GLY A 94 -7.21 -13.87 -2.81
C GLY A 94 -5.95 -14.71 -2.82
N VAL A 95 -5.57 -15.17 -4.00
CA VAL A 95 -4.35 -15.95 -4.17
C VAL A 95 -3.22 -15.07 -4.68
N GLY A 96 -2.03 -15.27 -4.15
CA GLY A 96 -0.89 -14.51 -4.57
C GLY A 96 0.40 -15.32 -4.52
N GLY A 97 0.32 -16.55 -5.01
CA GLY A 97 1.48 -17.41 -5.00
C GLY A 97 1.70 -18.08 -6.33
N PRO A 98 1.20 -19.32 -6.49
CA PRO A 98 1.33 -20.08 -7.74
C PRO A 98 0.40 -19.55 -8.83
N GLY A 99 0.64 -18.34 -9.28
CA GLY A 99 -0.15 -17.76 -10.34
C GLY A 99 0.69 -16.94 -11.29
N HIS A 100 2.00 -16.95 -11.08
CA HIS A 100 2.93 -16.21 -11.93
C HIS A 100 4.23 -16.98 -12.11
N LYS A 101 4.45 -17.45 -13.32
CA LYS A 101 5.66 -18.20 -13.62
C LYS A 101 6.81 -17.26 -13.96
N ALA A 102 7.39 -16.69 -12.92
CA ALA A 102 8.56 -15.85 -13.05
C ALA A 102 9.78 -16.55 -12.46
N ARG A 103 9.76 -17.88 -12.54
CA ARG A 103 10.81 -18.71 -11.96
C ARG A 103 11.44 -19.58 -13.03
N VAL A 104 12.74 -19.44 -13.23
CA VAL A 104 13.45 -20.26 -14.22
C VAL A 104 14.34 -21.28 -13.54
N LEU A 105 14.46 -21.19 -12.22
CA LEU A 105 15.28 -22.11 -11.46
C LEU A 105 14.39 -23.02 -10.62
N ILE B 1 3.31 -0.15 -6.41
CA ILE B 1 4.30 -0.41 -5.35
C ILE B 1 5.06 0.87 -5.00
N THR B 2 5.40 1.67 -6.02
CA THR B 2 5.96 2.99 -5.78
C THR B 2 4.82 4.00 -5.86
N PHE B 3 5.08 5.28 -5.59
CA PHE B 3 4.05 6.30 -5.69
C PHE B 3 3.68 6.53 -7.16
C MK8 B 4 3.61 5.51 -9.94
N MK8 B 4 4.70 6.53 -8.03
O MK8 B 4 2.69 5.71 -10.71
CA MK8 B 4 4.52 6.67 -9.48
CB MK8 B 4 5.89 6.67 -10.20
CD MK8 B 4 5.75 5.12 -12.21
CE MK8 B 4 5.61 6.29 -12.94
CG MK8 B 4 6.29 5.31 -10.79
CB1 MK8 B 4 3.85 7.99 -9.81
H MK8 B 4 5.61 6.43 -7.67
HB MK8 B 4 5.88 7.39 -11.00
HBA MK8 B 4 6.66 6.94 -9.49
HD MK8 B 4 6.43 4.47 -12.75
HDA MK8 B 4 4.78 4.64 -12.16
HE MK8 B 4 6.39 7.05 -12.89
HG MK8 B 4 7.36 5.23 -10.81
HGA MK8 B 4 5.88 4.54 -10.15
HB1 MK8 B 4 3.73 8.07 -10.88
HB1A MK8 B 4 2.89 8.03 -9.34
HB1B MK8 B 4 4.47 8.80 -9.45
N ASP B 5 3.88 4.31 -9.41
CA ASP B 5 3.08 3.13 -9.74
C ASP B 5 1.64 3.33 -9.26
N LEU B 6 1.50 4.02 -8.14
CA LEU B 6 0.19 4.33 -7.59
C LEU B 6 -0.56 5.35 -8.46
N LEU B 7 0.11 6.46 -8.78
CA LEU B 7 -0.51 7.51 -9.58
C LEU B 7 -0.92 6.96 -10.95
C MK8 B 8 -1.34 4.56 -12.86
N MK8 B 8 -0.02 6.22 -11.59
O MK8 B 8 -2.01 4.27 -13.84
CA MK8 B 8 -0.25 5.64 -12.94
CB MK8 B 8 1.07 5.04 -13.44
CD MK8 B 8 3.50 5.55 -13.84
CE MK8 B 8 4.51 6.51 -13.74
CG MK8 B 8 2.11 6.12 -13.64
CB1 MK8 B 8 -0.68 6.72 -13.92
H MK8 B 8 0.84 6.06 -11.15
HB MK8 B 8 1.43 4.32 -12.72
HBA MK8 B 8 0.89 4.54 -14.38
HD MK8 B 8 3.68 4.79 -13.09
HDA MK8 B 8 3.55 5.10 -14.82
HE MK8 B 8 4.41 7.43 -14.30
HG MK8 B 8 1.85 6.70 -14.51
HGA MK8 B 8 2.11 6.76 -12.77
HB1 MK8 B 8 -0.82 6.29 -14.89
HB1A MK8 B 8 -1.61 7.15 -13.59
HB1B MK8 B 8 0.08 7.49 -13.98
N TYR B 9 -1.51 3.97 -11.67
CA TYR B 9 -2.57 3.00 -11.46
C TYR B 9 -3.93 3.67 -11.55
N TYR B 10 -4.11 4.74 -10.78
CA TYR B 10 -5.36 5.51 -10.81
C TYR B 10 -5.48 6.29 -12.12
N GLY B 11 -4.35 6.74 -12.64
CA GLY B 11 -4.34 7.46 -13.91
C GLY B 11 -4.99 8.82 -13.79
N LYS B 12 -4.42 9.68 -12.94
CA LYS B 12 -4.98 10.99 -12.67
C LYS B 12 -6.47 10.88 -12.37
N LYS B 13 -6.78 10.24 -11.24
CA LYS B 13 -8.15 9.88 -10.91
C LYS B 13 -9.09 11.08 -10.92
N LYS B 14 -10.04 11.04 -11.82
CA LYS B 14 -11.12 12.01 -11.85
C LYS B 14 -12.45 11.28 -11.73
N SER A 12 10.70 12.90 9.34
CA SER A 12 11.17 14.20 9.88
C SER A 12 10.03 14.95 10.55
N GLY A 13 10.32 15.56 11.70
CA GLY A 13 9.32 16.31 12.42
C GLY A 13 9.57 17.80 12.38
N LEU A 14 10.03 18.28 11.23
CA LEU A 14 10.32 19.70 11.05
C LEU A 14 9.06 20.43 10.57
N VAL A 15 8.60 21.37 11.39
CA VAL A 15 7.36 22.11 11.12
C VAL A 15 6.16 21.18 11.23
N PRO A 16 5.48 21.19 12.40
CA PRO A 16 4.33 20.34 12.66
C PRO A 16 3.16 20.64 11.73
N ARG A 17 2.65 19.60 11.09
CA ARG A 17 1.52 19.73 10.19
C ARG A 17 0.24 19.26 10.87
N GLY A 18 -0.14 19.94 11.95
CA GLY A 18 -1.36 19.60 12.66
C GLY A 18 -2.60 20.03 11.90
N SER A 19 -2.83 19.40 10.77
CA SER A 19 -3.98 19.73 9.92
C SER A 19 -4.52 18.47 9.25
N HIS A 20 -5.38 17.75 9.97
CA HIS A 20 -6.08 16.57 9.46
C HIS A 20 -5.16 15.35 9.37
N MET A 21 -4.21 15.38 8.44
CA MET A 21 -3.32 14.24 8.24
C MET A 21 -1.89 14.69 7.98
N THR A 22 -0.94 13.94 8.51
CA THR A 22 0.47 14.24 8.36
C THR A 22 1.32 13.03 8.77
N SER A 23 0.77 11.85 8.57
CA SER A 23 1.43 10.63 9.01
C SER A 23 1.12 9.46 8.10
N ILE A 24 1.77 9.40 6.95
CA ILE A 24 1.65 8.25 6.06
C ILE A 24 2.22 6.99 6.74
N LEU A 25 3.05 7.23 7.74
CA LEU A 25 3.70 6.15 8.49
C LEU A 25 2.68 5.40 9.33
N ASP A 26 1.59 6.08 9.69
CA ASP A 26 0.57 5.50 10.56
C ASP A 26 -0.45 4.72 9.73
N ILE A 27 -0.40 4.91 8.41
CA ILE A 27 -1.29 4.21 7.51
C ILE A 27 -0.85 2.75 7.38
N ARG A 28 -1.50 1.89 8.14
CA ARG A 28 -1.11 0.49 8.21
C ARG A 28 -2.32 -0.41 7.99
N GLN A 29 -2.09 -1.57 7.38
CA GLN A 29 -3.17 -2.45 6.96
C GLN A 29 -3.48 -3.47 8.05
N GLY A 30 -4.76 -3.76 8.23
CA GLY A 30 -5.17 -4.75 9.19
C GLY A 30 -5.23 -6.14 8.58
N PRO A 31 -5.17 -7.20 9.41
CA PRO A 31 -5.22 -8.58 8.93
C PRO A 31 -6.60 -8.94 8.38
N LYS A 32 -7.60 -8.20 8.85
CA LYS A 32 -8.97 -8.36 8.38
C LYS A 32 -9.29 -7.28 7.34
N GLU A 33 -8.26 -6.60 6.87
CA GLU A 33 -8.45 -5.50 5.94
C GLU A 33 -7.80 -5.79 4.58
N PRO A 34 -8.55 -5.57 3.49
CA PRO A 34 -8.06 -5.75 2.12
C PRO A 34 -7.01 -4.72 1.72
N PHE A 35 -6.03 -5.16 0.93
CA PHE A 35 -4.92 -4.32 0.50
C PHE A 35 -5.39 -3.15 -0.36
N ARG A 36 -6.48 -3.36 -1.09
CA ARG A 36 -7.01 -2.32 -1.96
C ARG A 36 -7.61 -1.15 -1.15
N ASP A 37 -8.16 -1.47 0.02
CA ASP A 37 -8.68 -0.45 0.92
C ASP A 37 -7.50 0.35 1.48
N TYR A 38 -6.45 -0.39 1.79
CA TYR A 38 -5.22 0.17 2.34
C TYR A 38 -4.56 1.14 1.36
N VAL A 39 -4.42 0.70 0.10
CA VAL A 39 -3.79 1.51 -0.93
C VAL A 39 -4.50 2.84 -1.16
N ASP A 40 -5.83 2.82 -1.12
CA ASP A 40 -6.61 4.04 -1.39
C ASP A 40 -6.23 5.17 -0.46
N ARG A 41 -6.19 4.89 0.84
CA ARG A 41 -5.87 5.93 1.81
C ARG A 41 -4.37 6.18 1.87
N PHE A 42 -3.58 5.14 1.56
CA PHE A 42 -2.14 5.28 1.50
C PHE A 42 -1.77 6.29 0.41
N TYR A 43 -2.27 6.04 -0.78
CA TYR A 43 -2.02 6.89 -1.94
C TYR A 43 -2.49 8.33 -1.69
N LYS A 44 -3.73 8.47 -1.21
CA LYS A 44 -4.33 9.78 -0.99
C LYS A 44 -3.58 10.58 0.07
N THR A 45 -3.09 9.89 1.10
CA THR A 45 -2.34 10.56 2.16
C THR A 45 -0.92 10.89 1.69
N LEU A 46 -0.29 9.94 1.01
CA LEU A 46 1.07 10.14 0.52
C LEU A 46 1.11 11.25 -0.52
N ARG A 47 0.02 11.42 -1.24
CA ARG A 47 -0.11 12.51 -2.20
C ARG A 47 -0.14 13.86 -1.49
N ALA A 48 -0.49 13.85 -0.21
CA ALA A 48 -0.56 15.07 0.58
C ALA A 48 0.71 15.27 1.42
N GLU A 49 1.40 14.18 1.73
CA GLU A 49 2.66 14.24 2.47
C GLU A 49 3.65 15.18 1.78
N GLN A 50 4.34 15.99 2.55
CA GLN A 50 5.27 16.96 2.01
C GLN A 50 6.64 16.34 1.80
N ALA A 51 6.91 15.97 0.56
CA ALA A 51 8.16 15.32 0.19
C ALA A 51 8.30 15.26 -1.32
N SER A 52 9.53 15.25 -1.81
CA SER A 52 9.79 15.03 -3.22
C SER A 52 9.26 13.65 -3.62
N GLN A 53 8.63 13.58 -4.79
CA GLN A 53 7.90 12.38 -5.19
C GLN A 53 8.82 11.20 -5.42
N GLU A 54 10.05 11.45 -5.81
CA GLU A 54 11.05 10.40 -5.97
C GLU A 54 11.48 9.89 -4.60
N VAL A 55 11.36 10.76 -3.60
CA VAL A 55 11.58 10.34 -2.22
C VAL A 55 10.35 9.59 -1.73
N LYS A 56 9.18 10.07 -2.12
CA LYS A 56 7.92 9.41 -1.81
C LYS A 56 7.92 7.97 -2.32
N ASN A 57 8.25 7.80 -3.60
CA ASN A 57 8.24 6.47 -4.21
C ASN A 57 9.36 5.61 -3.65
N ALA A 58 10.49 6.23 -3.33
CA ALA A 58 11.62 5.50 -2.75
C ALA A 58 11.25 4.94 -1.38
N ALA A 59 10.46 5.70 -0.64
CA ALA A 59 10.03 5.28 0.69
C ALA A 59 8.94 4.21 0.61
N THR A 60 7.94 4.44 -0.24
CA THR A 60 6.78 3.57 -0.31
C THR A 60 7.14 2.15 -0.78
N GLU A 61 8.12 2.04 -1.68
CA GLU A 61 8.56 0.73 -2.17
C GLU A 61 8.91 -0.19 -1.01
N THR A 62 9.35 0.42 0.07
CA THR A 62 9.75 -0.29 1.25
C THR A 62 8.59 -0.46 2.23
N LEU A 63 8.00 0.65 2.64
CA LEU A 63 7.08 0.64 3.77
C LEU A 63 5.64 0.24 3.38
N LEU A 64 5.34 0.24 2.08
CA LEU A 64 4.02 -0.21 1.60
C LEU A 64 3.77 -1.65 2.05
N VAL A 65 4.73 -2.54 1.75
CA VAL A 65 4.64 -3.94 2.14
C VAL A 65 4.80 -4.07 3.65
N GLN A 66 5.58 -3.16 4.21
CA GLN A 66 5.88 -3.13 5.63
C GLN A 66 4.64 -2.94 6.48
N ASN A 67 3.85 -1.91 6.16
CA ASN A 67 2.68 -1.56 6.97
C ASN A 67 1.52 -2.50 6.70
N ALA A 68 1.67 -3.35 5.69
CA ALA A 68 0.67 -4.38 5.40
C ALA A 68 0.65 -5.41 6.51
N ASN A 69 -0.46 -6.12 6.64
CA ASN A 69 -0.61 -7.12 7.69
C ASN A 69 0.33 -8.31 7.43
N PRO A 70 0.71 -9.05 8.48
CA PRO A 70 1.69 -10.13 8.39
C PRO A 70 1.42 -11.10 7.24
N ASP A 71 0.16 -11.51 7.12
CA ASP A 71 -0.27 -12.44 6.09
C ASP A 71 -0.02 -11.87 4.69
N CYS A 72 -0.53 -10.67 4.45
CA CYS A 72 -0.39 -10.00 3.17
C CYS A 72 1.09 -9.71 2.88
N LYS A 73 1.78 -9.21 3.89
CA LYS A 73 3.19 -8.84 3.77
C LYS A 73 4.04 -10.03 3.31
N THR A 74 3.72 -11.21 3.84
CA THR A 74 4.43 -12.42 3.46
C THR A 74 4.19 -12.74 1.98
N ILE A 75 2.95 -12.57 1.55
CA ILE A 75 2.57 -12.86 0.17
C ILE A 75 3.18 -11.84 -0.79
N LEU A 76 3.21 -10.58 -0.37
CA LEU A 76 3.79 -9.51 -1.18
C LEU A 76 5.28 -9.76 -1.41
N LYS A 77 5.95 -10.29 -0.39
CA LYS A 77 7.36 -10.63 -0.51
C LYS A 77 7.56 -11.85 -1.40
N ALA A 78 6.54 -12.71 -1.46
CA ALA A 78 6.58 -13.89 -2.31
C ALA A 78 6.44 -13.49 -3.77
N LEU A 79 5.66 -12.44 -4.01
CA LEU A 79 5.51 -11.89 -5.35
C LEU A 79 6.83 -11.26 -5.81
N GLY A 80 7.47 -10.54 -4.90
CA GLY A 80 8.76 -9.94 -5.18
C GLY A 80 8.64 -8.53 -5.72
N PRO A 81 9.78 -7.87 -5.96
CA PRO A 81 9.81 -6.49 -6.45
C PRO A 81 9.57 -6.39 -7.96
N ALA A 82 9.46 -7.54 -8.62
CA ALA A 82 9.21 -7.58 -10.05
C ALA A 82 7.72 -7.73 -10.32
N ALA A 83 6.93 -7.64 -9.26
CA ALA A 83 5.48 -7.72 -9.37
C ALA A 83 4.89 -6.32 -9.26
N THR A 84 3.77 -6.10 -9.94
CA THR A 84 3.19 -4.78 -10.06
C THR A 84 2.14 -4.50 -8.98
N LEU A 85 1.64 -3.27 -8.93
CA LEU A 85 0.67 -2.87 -7.91
C LEU A 85 -0.59 -3.72 -7.99
N GLU A 86 -1.06 -3.96 -9.21
CA GLU A 86 -2.28 -4.74 -9.41
C GLU A 86 -2.08 -6.19 -8.98
N GLU A 87 -0.85 -6.70 -9.12
CA GLU A 87 -0.54 -8.05 -8.64
C GLU A 87 -0.56 -8.09 -7.13
N MET A 88 -0.16 -7.00 -6.49
CA MET A 88 -0.24 -6.89 -5.03
C MET A 88 -1.69 -7.07 -4.58
N MET A 89 -2.57 -6.30 -5.22
CA MET A 89 -4.00 -6.32 -4.90
C MET A 89 -4.61 -7.69 -5.19
N THR A 90 -4.20 -8.28 -6.32
CA THR A 90 -4.70 -9.58 -6.74
C THR A 90 -4.32 -10.68 -5.75
N ALA A 91 -3.15 -10.56 -5.16
CA ALA A 91 -2.70 -11.53 -4.18
C ALA A 91 -3.55 -11.45 -2.91
N CYS A 92 -3.74 -10.23 -2.42
CA CYS A 92 -4.47 -10.02 -1.19
C CYS A 92 -5.98 -10.14 -1.41
N GLN A 93 -6.40 -10.37 -2.65
CA GLN A 93 -7.82 -10.53 -2.94
C GLN A 93 -8.26 -11.95 -2.56
N GLY A 94 -7.27 -12.82 -2.31
CA GLY A 94 -7.58 -14.17 -1.89
C GLY A 94 -6.75 -15.21 -2.63
N VAL A 95 -5.44 -15.09 -2.58
CA VAL A 95 -4.56 -16.09 -3.18
C VAL A 95 -4.32 -17.22 -2.18
N GLY A 96 -4.05 -18.42 -2.67
CA GLY A 96 -3.93 -19.59 -1.81
C GLY A 96 -2.60 -19.68 -1.08
N GLY A 97 -2.06 -18.53 -0.69
CA GLY A 97 -0.83 -18.49 0.08
C GLY A 97 0.36 -19.09 -0.63
N PRO A 98 1.08 -18.29 -1.45
CA PRO A 98 2.28 -18.74 -2.13
C PRO A 98 3.50 -18.61 -1.21
N GLY A 99 3.56 -19.47 -0.20
CA GLY A 99 4.63 -19.39 0.78
C GLY A 99 5.89 -20.09 0.32
N HIS A 100 5.98 -20.35 -0.97
CA HIS A 100 7.16 -20.99 -1.56
C HIS A 100 7.44 -20.39 -2.94
N LYS A 101 8.12 -19.25 -2.95
CA LYS A 101 8.41 -18.58 -4.21
C LYS A 101 9.64 -19.16 -4.89
N ALA A 102 9.43 -20.22 -5.66
CA ALA A 102 10.50 -20.82 -6.44
C ALA A 102 10.31 -20.48 -7.91
N ARG A 103 11.34 -19.93 -8.53
CA ARG A 103 11.24 -19.53 -9.93
C ARG A 103 12.19 -20.33 -10.80
N VAL A 104 12.84 -21.32 -10.18
CA VAL A 104 13.78 -22.23 -10.87
C VAL A 104 14.89 -21.43 -11.55
N LEU A 105 15.28 -20.34 -10.90
CA LEU A 105 16.35 -19.48 -11.38
C LEU A 105 16.62 -18.39 -10.34
N ILE B 1 3.65 -0.26 -7.34
CA ILE B 1 4.15 -0.56 -5.99
C ILE B 1 4.83 0.67 -5.39
N THR B 2 5.30 1.56 -6.25
CA THR B 2 5.81 2.84 -5.80
C THR B 2 4.72 3.89 -5.97
N PHE B 3 4.96 5.12 -5.54
CA PHE B 3 3.96 6.17 -5.68
C PHE B 3 3.70 6.44 -7.16
C MK8 B 4 3.55 5.55 -9.95
N MK8 B 4 4.75 6.28 -7.97
O MK8 B 4 2.64 6.00 -10.66
CA MK8 B 4 4.69 6.46 -9.43
CB MK8 B 4 6.03 6.03 -10.05
CD MK8 B 4 5.40 6.14 -12.48
CE MK8 B 4 5.13 7.12 -13.40
CG MK8 B 4 6.32 6.65 -11.40
CB1 MK8 B 4 4.40 7.92 -9.78
H MK8 B 4 5.60 6.02 -7.56
HB MK8 B 4 6.83 6.32 -9.39
HBA MK8 B 4 6.04 4.96 -10.16
HD MK8 B 4 5.86 5.31 -12.99
HDA MK8 B 4 4.47 5.83 -12.03
HE MK8 B 4 5.86 7.90 -13.54
HG MK8 B 4 6.20 7.72 -11.32
HGA MK8 B 4 7.34 6.41 -11.67
HB1 MK8 B 4 4.32 8.03 -10.84
HB1A MK8 B 4 3.48 8.23 -9.31
HB1B MK8 B 4 5.21 8.54 -9.41
N ASP B 5 3.61 4.28 -9.56
CA ASP B 5 2.59 3.30 -9.96
C ASP B 5 1.22 3.72 -9.47
N LEU B 6 1.17 4.17 -8.22
CA LEU B 6 -0.08 4.55 -7.58
C LEU B 6 -0.79 5.64 -8.36
N LEU B 7 -0.05 6.69 -8.70
CA LEU B 7 -0.61 7.80 -9.45
C LEU B 7 -1.19 7.32 -10.77
C MK8 B 8 -1.79 5.11 -12.87
N MK8 B 8 -0.35 6.63 -11.55
O MK8 B 8 -2.47 4.85 -13.87
CA MK8 B 8 -0.69 6.19 -12.93
CB MK8 B 8 0.57 5.63 -13.56
CD MK8 B 8 3.01 6.14 -13.97
CE MK8 B 8 3.96 7.13 -14.14
CG MK8 B 8 1.66 6.69 -13.56
CB1 MK8 B 8 -1.18 7.37 -13.77
H MK8 B 8 0.52 6.39 -11.17
HB MK8 B 8 0.91 4.76 -13.00
HBA MK8 B 8 0.37 5.34 -14.58
HD MK8 B 8 3.37 5.47 -13.21
HDA MK8 B 8 2.90 5.60 -14.90
HE MK8 B 8 3.78 7.92 -14.85
HG MK8 B 8 1.38 7.47 -14.25
HGA MK8 B 8 1.74 7.10 -12.57
HB1 MK8 B 8 -1.41 7.03 -14.76
HB1A MK8 B 8 -2.06 7.79 -13.31
HB1B MK8 B 8 -0.39 8.11 -13.82
N TYR B 9 -1.93 4.47 -11.72
CA TYR B 9 -2.95 3.45 -11.54
C TYR B 9 -4.34 4.10 -11.51
N TYR B 10 -4.53 5.03 -10.59
CA TYR B 10 -5.78 5.75 -10.50
C TYR B 10 -5.94 6.77 -11.62
N GLY B 11 -4.93 7.60 -11.78
CA GLY B 11 -4.96 8.64 -12.79
C GLY B 11 -5.03 10.01 -12.15
N LYS B 12 -6.26 10.45 -11.89
CA LYS B 12 -6.55 11.73 -11.27
C LYS B 12 -5.64 12.85 -11.76
N LYS B 13 -5.88 13.28 -13.00
CA LYS B 13 -5.10 14.35 -13.64
C LYS B 13 -4.99 15.60 -12.77
N LYS B 14 -3.96 16.41 -13.01
CA LYS B 14 -3.77 17.63 -12.27
C LYS B 14 -4.65 18.74 -12.84
N SER A 12 -11.00 -1.28 23.28
CA SER A 12 -9.56 -0.92 23.19
C SER A 12 -8.77 -1.55 24.34
N GLY A 13 -9.34 -2.57 24.97
CA GLY A 13 -8.74 -3.15 26.15
C GLY A 13 -8.58 -2.12 27.26
N LEU A 14 -7.38 -1.61 27.41
CA LEU A 14 -7.10 -0.54 28.35
C LEU A 14 -6.02 0.39 27.79
N VAL A 15 -5.82 0.32 26.48
CA VAL A 15 -4.78 1.10 25.81
C VAL A 15 -5.37 1.94 24.69
N PRO A 16 -5.33 3.27 24.83
CA PRO A 16 -5.80 4.20 23.79
C PRO A 16 -4.78 4.32 22.65
N ARG A 17 -4.71 3.30 21.82
CA ARG A 17 -3.78 3.29 20.70
C ARG A 17 -4.47 3.57 19.37
N GLY A 18 -3.70 4.07 18.42
CA GLY A 18 -4.26 4.45 17.13
C GLY A 18 -4.33 5.95 16.98
N SER A 19 -3.26 6.53 16.45
CA SER A 19 -3.16 7.98 16.32
C SER A 19 -4.11 8.52 15.26
N HIS A 20 -4.09 7.93 14.07
CA HIS A 20 -4.89 8.41 12.94
C HIS A 20 -4.46 9.81 12.54
N MET A 21 -3.28 9.87 11.94
CA MET A 21 -2.69 11.13 11.51
C MET A 21 -2.94 11.33 10.02
N THR A 22 -2.49 12.45 9.50
CA THR A 22 -2.64 12.75 8.07
C THR A 22 -1.33 12.42 7.36
N SER A 23 -0.57 11.50 7.93
CA SER A 23 0.72 11.10 7.41
C SER A 23 0.76 9.60 7.20
N ILE A 24 1.51 9.16 6.19
CA ILE A 24 1.47 7.78 5.71
C ILE A 24 2.03 6.79 6.74
N LEU A 25 2.82 7.29 7.69
CA LEU A 25 3.40 6.43 8.72
C LEU A 25 2.34 5.85 9.65
N ASP A 26 1.18 6.49 9.69
CA ASP A 26 0.09 6.04 10.54
C ASP A 26 -0.75 5.00 9.80
N ILE A 27 -0.65 5.03 8.47
CA ILE A 27 -1.44 4.15 7.63
C ILE A 27 -0.85 2.73 7.63
N ARG A 28 -1.40 1.90 8.49
CA ARG A 28 -0.96 0.51 8.62
C ARG A 28 -2.15 -0.43 8.51
N GLN A 29 -1.93 -1.61 7.95
CA GLN A 29 -3.02 -2.52 7.62
C GLN A 29 -3.39 -3.42 8.81
N GLY A 30 -4.69 -3.65 8.97
CA GLY A 30 -5.17 -4.55 10.01
C GLY A 30 -5.47 -5.93 9.47
N PRO A 31 -5.67 -6.93 10.35
CA PRO A 31 -5.91 -8.32 9.94
C PRO A 31 -7.26 -8.52 9.26
N LYS A 32 -8.27 -7.74 9.67
CA LYS A 32 -9.59 -7.81 9.06
C LYS A 32 -9.71 -6.79 7.95
N GLU A 33 -8.59 -6.14 7.66
CA GLU A 33 -8.57 -5.04 6.73
C GLU A 33 -7.99 -5.46 5.39
N PRO A 34 -8.79 -5.37 4.33
CA PRO A 34 -8.36 -5.77 2.98
C PRO A 34 -7.30 -4.83 2.42
N PHE A 35 -6.37 -5.42 1.67
CA PHE A 35 -5.26 -4.70 1.07
C PHE A 35 -5.76 -3.62 0.11
N ARG A 36 -6.95 -3.82 -0.44
CA ARG A 36 -7.54 -2.87 -1.37
C ARG A 36 -7.88 -1.56 -0.63
N ASP A 37 -8.48 -1.70 0.54
CA ASP A 37 -8.81 -0.53 1.37
C ASP A 37 -7.55 0.17 1.85
N TYR A 38 -6.53 -0.63 2.10
CA TYR A 38 -5.24 -0.12 2.56
C TYR A 38 -4.64 0.82 1.53
N VAL A 39 -4.49 0.33 0.30
CA VAL A 39 -3.91 1.11 -0.78
C VAL A 39 -4.78 2.30 -1.18
N ASP A 40 -6.10 2.12 -1.14
CA ASP A 40 -7.03 3.17 -1.57
C ASP A 40 -6.74 4.49 -0.88
N ARG A 41 -6.59 4.44 0.44
CA ARG A 41 -6.27 5.65 1.22
C ARG A 41 -4.77 5.88 1.29
N PHE A 42 -3.99 4.80 1.25
CA PHE A 42 -2.54 4.89 1.29
C PHE A 42 -2.04 5.82 0.19
N TYR A 43 -2.50 5.55 -1.02
CA TYR A 43 -2.13 6.33 -2.19
C TYR A 43 -2.56 7.79 -2.04
N LYS A 44 -3.80 7.99 -1.61
CA LYS A 44 -4.37 9.32 -1.46
C LYS A 44 -3.60 10.11 -0.40
N THR A 45 -3.08 9.41 0.59
CA THR A 45 -2.28 10.04 1.63
C THR A 45 -0.90 10.44 1.09
N LEU A 46 -0.30 9.58 0.25
CA LEU A 46 1.01 9.86 -0.32
C LEU A 46 1.00 11.11 -1.21
N ARG A 47 -0.16 11.41 -1.79
CA ARG A 47 -0.28 12.62 -2.60
C ARG A 47 -0.14 13.85 -1.72
N ALA A 48 -0.68 13.76 -0.50
CA ALA A 48 -0.69 14.88 0.44
C ALA A 48 0.57 14.90 1.30
N GLU A 49 1.28 13.78 1.36
CA GLU A 49 2.52 13.69 2.10
C GLU A 49 3.52 14.73 1.64
N GLN A 50 3.92 15.60 2.56
CA GLN A 50 4.87 16.65 2.25
C GLN A 50 6.28 16.10 2.23
N ALA A 51 6.69 15.66 1.05
CA ALA A 51 8.01 15.12 0.83
C ALA A 51 8.32 15.16 -0.65
N SER A 52 9.59 15.22 -1.00
CA SER A 52 10.01 15.10 -2.39
C SER A 52 9.52 13.76 -2.92
N GLN A 53 8.94 13.79 -4.12
CA GLN A 53 8.33 12.61 -4.72
C GLN A 53 9.34 11.48 -4.84
N GLU A 54 10.58 11.81 -5.18
CA GLU A 54 11.65 10.82 -5.26
C GLU A 54 11.77 10.05 -3.95
N VAL A 55 11.75 10.79 -2.84
CA VAL A 55 11.83 10.21 -1.52
C VAL A 55 10.57 9.41 -1.21
N LYS A 56 9.42 9.95 -1.61
CA LYS A 56 8.15 9.28 -1.38
C LYS A 56 8.07 7.97 -2.16
N ASN A 57 8.69 7.94 -3.34
CA ASN A 57 8.74 6.72 -4.14
C ASN A 57 9.49 5.64 -3.37
N ALA A 58 10.70 5.96 -2.96
CA ALA A 58 11.57 5.00 -2.27
C ALA A 58 10.96 4.57 -0.94
N ALA A 59 10.20 5.46 -0.31
CA ALA A 59 9.59 5.19 0.96
C ALA A 59 8.46 4.16 0.82
N THR A 60 7.56 4.40 -0.12
CA THR A 60 6.42 3.51 -0.32
C THR A 60 6.86 2.15 -0.87
N GLU A 61 7.92 2.14 -1.69
CA GLU A 61 8.49 0.89 -2.20
C GLU A 61 8.68 -0.12 -1.08
N THR A 62 9.09 0.37 0.08
CA THR A 62 9.27 -0.46 1.25
C THR A 62 8.03 -0.43 2.17
N LEU A 63 7.58 0.77 2.51
CA LEU A 63 6.52 0.98 3.51
C LEU A 63 5.19 0.32 3.10
N LEU A 64 4.92 0.24 1.80
CA LEU A 64 3.70 -0.39 1.32
C LEU A 64 3.64 -1.84 1.79
N VAL A 65 4.77 -2.52 1.70
CA VAL A 65 4.88 -3.90 2.18
C VAL A 65 5.09 -3.91 3.70
N GLN A 66 5.88 -2.97 4.19
CA GLN A 66 6.32 -2.92 5.56
C GLN A 66 5.18 -2.63 6.53
N ASN A 67 4.29 -1.71 6.17
CA ASN A 67 3.19 -1.33 7.06
C ASN A 67 1.95 -2.19 6.81
N ALA A 68 2.09 -3.16 5.90
CA ALA A 68 0.99 -4.07 5.59
C ALA A 68 0.88 -5.16 6.65
N ASN A 69 -0.17 -5.96 6.54
CA ASN A 69 -0.40 -7.06 7.48
C ASN A 69 0.65 -8.15 7.28
N PRO A 70 1.15 -8.79 8.36
CA PRO A 70 2.19 -9.81 8.27
C PRO A 70 1.90 -10.86 7.19
N ASP A 71 0.64 -11.28 7.14
CA ASP A 71 0.21 -12.28 6.15
C ASP A 71 0.38 -11.74 4.73
N CYS A 72 -0.11 -10.54 4.51
CA CYS A 72 0.01 -9.88 3.22
C CYS A 72 1.49 -9.64 2.89
N LYS A 73 2.24 -9.21 3.90
CA LYS A 73 3.67 -8.96 3.77
C LYS A 73 4.41 -10.22 3.32
N THR A 74 3.89 -11.38 3.73
CA THR A 74 4.42 -12.66 3.29
C THR A 74 4.19 -12.87 1.80
N ILE A 75 2.99 -12.55 1.35
CA ILE A 75 2.63 -12.73 -0.06
C ILE A 75 3.36 -11.72 -0.94
N LEU A 76 3.48 -10.49 -0.46
CA LEU A 76 4.11 -9.41 -1.22
C LEU A 76 5.58 -9.73 -1.53
N LYS A 77 6.23 -10.47 -0.63
CA LYS A 77 7.62 -10.87 -0.83
C LYS A 77 7.71 -11.98 -1.88
N ALA A 78 6.64 -12.76 -2.01
CA ALA A 78 6.60 -13.83 -3.00
C ALA A 78 6.44 -13.25 -4.40
N LEU A 79 5.79 -12.09 -4.48
CA LEU A 79 5.63 -11.38 -5.74
C LEU A 79 6.95 -10.71 -6.13
N GLY A 80 7.55 -10.01 -5.17
CA GLY A 80 8.84 -9.41 -5.39
C GLY A 80 8.76 -8.06 -6.09
N PRO A 81 9.91 -7.47 -6.44
CA PRO A 81 9.97 -6.17 -7.11
C PRO A 81 9.71 -6.27 -8.61
N ALA A 82 9.51 -7.49 -9.09
CA ALA A 82 9.28 -7.72 -10.51
C ALA A 82 7.78 -7.72 -10.83
N ALA A 83 6.99 -7.29 -9.86
CA ALA A 83 5.55 -7.19 -10.03
C ALA A 83 5.09 -5.76 -9.83
N THR A 84 3.85 -5.47 -10.21
CA THR A 84 3.35 -4.11 -10.13
C THR A 84 2.29 -3.99 -9.05
N LEU A 85 1.68 -2.83 -8.93
CA LEU A 85 0.66 -2.62 -7.89
C LEU A 85 -0.52 -3.55 -8.07
N GLU A 86 -0.99 -3.71 -9.32
CA GLU A 86 -2.18 -4.51 -9.57
C GLU A 86 -1.93 -5.98 -9.24
N GLU A 87 -0.68 -6.42 -9.31
CA GLU A 87 -0.31 -7.74 -8.83
C GLU A 87 -0.55 -7.84 -7.33
N MET A 88 -0.09 -6.82 -6.61
CA MET A 88 -0.25 -6.76 -5.15
C MET A 88 -1.73 -6.76 -4.80
N MET A 89 -2.48 -5.90 -5.48
CA MET A 89 -3.91 -5.71 -5.23
C MET A 89 -4.66 -7.03 -5.40
N THR A 90 -4.42 -7.71 -6.52
CA THR A 90 -5.15 -8.92 -6.85
C THR A 90 -4.72 -10.08 -5.96
N ALA A 91 -3.47 -10.05 -5.50
CA ALA A 91 -2.92 -11.13 -4.69
C ALA A 91 -3.64 -11.25 -3.34
N CYS A 92 -3.75 -10.14 -2.63
CA CYS A 92 -4.30 -10.16 -1.28
C CYS A 92 -5.62 -9.38 -1.20
N GLN A 93 -6.29 -9.24 -2.35
CA GLN A 93 -7.53 -8.47 -2.44
C GLN A 93 -8.54 -8.85 -1.36
N GLY A 94 -8.71 -10.14 -1.11
CA GLY A 94 -9.68 -10.58 -0.13
C GLY A 94 -9.04 -11.43 0.95
N VAL A 95 -8.25 -10.80 1.81
CA VAL A 95 -7.58 -11.50 2.89
C VAL A 95 -8.59 -11.94 3.95
N GLY A 96 -8.52 -13.20 4.34
CA GLY A 96 -9.47 -13.73 5.31
C GLY A 96 -8.79 -14.47 6.45
N GLY A 97 -7.48 -14.67 6.32
CA GLY A 97 -6.76 -15.42 7.32
C GLY A 97 -6.77 -16.91 7.04
N PRO A 98 -5.62 -17.47 6.63
CA PRO A 98 -5.51 -18.90 6.31
C PRO A 98 -6.00 -19.79 7.44
N GLY A 99 -6.77 -20.82 7.08
CA GLY A 99 -7.27 -21.75 8.07
C GLY A 99 -6.14 -22.42 8.83
N HIS A 100 -6.32 -22.60 10.13
CA HIS A 100 -5.27 -23.11 11.00
C HIS A 100 -5.01 -24.58 10.73
N LYS A 101 -5.93 -25.24 10.02
CA LYS A 101 -5.75 -26.63 9.64
C LYS A 101 -5.61 -26.76 8.13
N ALA A 102 -5.49 -25.61 7.45
CA ALA A 102 -5.31 -25.54 5.99
C ALA A 102 -6.58 -25.94 5.23
N ARG A 103 -7.04 -27.16 5.45
CA ARG A 103 -8.19 -27.69 4.72
C ARG A 103 -9.37 -27.91 5.67
N VAL A 104 -10.55 -27.47 5.25
CA VAL A 104 -11.76 -27.65 6.05
C VAL A 104 -12.99 -27.09 5.31
N LEU A 105 -12.81 -26.74 4.05
CA LEU A 105 -13.86 -26.16 3.24
C LEU A 105 -13.93 -26.85 1.89
N ILE B 1 4.85 -0.72 -4.00
CA ILE B 1 5.76 -0.26 -5.05
C ILE B 1 5.66 1.26 -5.10
N THR B 2 6.63 1.90 -5.73
CA THR B 2 6.71 3.36 -5.75
C THR B 2 5.39 4.02 -6.13
N PHE B 3 5.22 5.21 -5.57
CA PHE B 3 4.05 6.07 -5.73
C PHE B 3 3.68 6.21 -7.20
C MK8 B 4 3.43 5.15 -9.89
N MK8 B 4 4.71 6.17 -8.08
O MK8 B 4 2.42 5.48 -10.52
CA MK8 B 4 4.51 6.20 -9.54
CB MK8 B 4 5.83 5.85 -10.27
CD MK8 B 4 5.81 4.79 -12.60
CE MK8 B 4 4.81 3.87 -12.33
CG MK8 B 4 5.72 6.08 -11.78
CB1 MK8 B 4 4.07 7.60 -9.97
H MK8 B 4 5.61 6.09 -7.72
HB MK8 B 4 6.62 6.47 -9.88
HBA MK8 B 4 6.06 4.82 -10.09
HD MK8 B 4 5.77 5.04 -13.64
HDA MK8 B 4 6.77 4.32 -12.38
HE MK8 B 4 4.99 3.08 -11.62
HG MK8 B 4 4.77 6.54 -12.00
HGA MK8 B 4 6.50 6.75 -12.09
HB1 MK8 B 4 3.24 7.92 -9.34
HB1A MK8 B 4 4.88 8.29 -9.85
HB1B MK8 B 4 3.74 7.58 -11.00
N ASP B 5 3.65 3.91 -9.44
CA ASP B 5 2.77 2.80 -9.81
C ASP B 5 1.37 3.06 -9.29
N LEU B 6 1.31 3.64 -8.11
CA LEU B 6 0.06 3.99 -7.48
C LEU B 6 -0.70 5.01 -8.32
N LEU B 7 0.01 6.04 -8.74
CA LEU B 7 -0.57 7.08 -9.57
C LEU B 7 -1.07 6.52 -10.89
C MK8 B 8 -1.61 4.30 -12.91
N MK8 B 8 -0.19 5.81 -11.60
O MK8 B 8 -2.33 4.12 -13.90
CA MK8 B 8 -0.45 5.31 -12.97
CB MK8 B 8 0.81 4.64 -13.50
CD MK8 B 8 3.28 4.97 -13.87
CE MK8 B 8 3.56 3.96 -12.95
CG MK8 B 8 1.95 5.65 -13.63
CB1 MK8 B 8 -0.81 6.46 -13.89
H MK8 B 8 0.69 5.62 -11.18
HB MK8 B 8 1.11 3.85 -12.82
HBA MK8 B 8 0.62 4.22 -14.48
HD MK8 B 8 3.29 4.53 -14.85
HDA MK8 B 8 4.06 5.71 -13.80
HE MK8 B 8 2.79 3.25 -12.70
HG MK8 B 8 1.74 6.31 -14.45
HGA MK8 B 8 2.00 6.22 -12.71
HB1 MK8 B 8 0.00 7.16 -13.92
HB1A MK8 B 8 -0.99 6.07 -14.88
HB1B MK8 B 8 -1.71 6.95 -13.52
N TYR B 9 -1.77 3.63 -11.78
CA TYR B 9 -2.84 2.66 -11.61
C TYR B 9 -4.21 3.34 -11.55
N TYR B 10 -4.34 4.29 -10.62
CA TYR B 10 -5.59 5.02 -10.45
C TYR B 10 -5.81 6.03 -11.57
N GLY B 11 -4.83 6.88 -11.79
CA GLY B 11 -4.95 7.92 -12.80
C GLY B 11 -4.39 7.50 -14.13
N LYS B 12 -4.79 6.32 -14.57
CA LYS B 12 -4.32 5.73 -15.82
C LYS B 12 -4.70 6.58 -17.03
N LYS B 13 -3.79 7.45 -17.42
CA LYS B 13 -4.00 8.33 -18.55
C LYS B 13 -3.45 7.71 -19.83
N LYS B 14 -4.35 7.39 -20.76
CA LYS B 14 -3.96 6.96 -22.08
C LYS B 14 -5.17 7.01 -23.01
N SER A 12 1.72 16.90 -1.25
CA SER A 12 2.05 18.26 -1.70
C SER A 12 0.82 19.14 -1.57
N GLY A 13 0.95 20.40 -1.95
CA GLY A 13 -0.17 21.32 -1.85
C GLY A 13 0.04 22.56 -2.69
N LEU A 14 -1.04 23.17 -3.14
CA LEU A 14 -0.96 24.36 -3.96
C LEU A 14 -1.11 25.60 -3.10
N VAL A 15 -2.19 25.63 -2.31
CA VAL A 15 -2.46 26.77 -1.44
C VAL A 15 -2.61 26.29 0.01
N PRO A 16 -1.57 26.50 0.82
CA PRO A 16 -1.57 26.09 2.24
C PRO A 16 -2.41 27.03 3.12
N ARG A 17 -3.69 27.17 2.78
CA ARG A 17 -4.60 27.98 3.59
C ARG A 17 -4.91 27.25 4.89
N GLY A 18 -4.87 25.92 4.81
CA GLY A 18 -5.02 25.10 5.98
C GLY A 18 -3.96 24.01 5.99
N SER A 19 -3.25 23.88 7.09
CA SER A 19 -2.18 22.91 7.19
C SER A 19 -2.75 21.50 7.34
N HIS A 20 -1.97 20.52 6.96
CA HIS A 20 -2.40 19.12 7.02
C HIS A 20 -1.49 18.34 7.94
N MET A 21 -2.08 17.71 8.95
CA MET A 21 -1.31 16.91 9.90
C MET A 21 -1.31 15.46 9.46
N THR A 22 -0.88 15.24 8.23
CA THR A 22 -0.87 13.93 7.63
C THR A 22 0.12 13.01 8.33
N SER A 23 -0.41 11.95 8.92
CA SER A 23 0.39 10.95 9.58
C SER A 23 0.42 9.67 8.75
N ILE A 24 1.46 9.51 7.93
CA ILE A 24 1.59 8.33 7.09
C ILE A 24 1.95 7.10 7.93
N LEU A 25 2.38 7.37 9.17
CA LEU A 25 2.76 6.30 10.10
C LEU A 25 1.53 5.55 10.59
N ASP A 26 0.40 6.23 10.64
CA ASP A 26 -0.85 5.60 11.06
C ASP A 26 -1.50 4.88 9.89
N ILE A 27 -0.98 5.13 8.70
CA ILE A 27 -1.48 4.49 7.50
C ILE A 27 -0.83 3.11 7.35
N ARG A 28 -1.50 2.11 7.88
CA ARG A 28 -0.99 0.75 7.90
C ARG A 28 -2.14 -0.22 7.67
N GLN A 29 -1.81 -1.41 7.20
CA GLN A 29 -2.82 -2.41 6.95
C GLN A 29 -3.19 -3.09 8.26
N GLY A 30 -4.41 -2.84 8.72
CA GLY A 30 -4.90 -3.48 9.93
C GLY A 30 -4.98 -4.99 9.79
N PRO A 31 -5.15 -5.72 10.89
CA PRO A 31 -5.06 -7.20 10.92
C PRO A 31 -5.92 -7.87 9.86
N LYS A 32 -7.12 -7.34 9.64
CA LYS A 32 -8.01 -7.88 8.62
C LYS A 32 -8.38 -6.79 7.62
N GLU A 33 -7.51 -5.80 7.51
CA GLU A 33 -7.70 -4.70 6.58
C GLU A 33 -7.46 -5.16 5.14
N PRO A 34 -8.43 -4.96 4.25
CA PRO A 34 -8.27 -5.26 2.83
C PRO A 34 -7.21 -4.34 2.20
N PHE A 35 -6.32 -4.94 1.41
CA PHE A 35 -5.24 -4.20 0.77
C PHE A 35 -5.78 -3.12 -0.17
N ARG A 36 -6.99 -3.36 -0.69
CA ARG A 36 -7.67 -2.39 -1.53
C ARG A 36 -7.90 -1.09 -0.78
N ASP A 37 -8.48 -1.21 0.41
CA ASP A 37 -8.79 -0.06 1.25
C ASP A 37 -7.52 0.60 1.76
N TYR A 38 -6.49 -0.22 1.94
CA TYR A 38 -5.21 0.27 2.43
C TYR A 38 -4.56 1.19 1.42
N VAL A 39 -4.36 0.69 0.20
CA VAL A 39 -3.74 1.47 -0.87
C VAL A 39 -4.54 2.73 -1.17
N ASP A 40 -5.85 2.61 -1.17
CA ASP A 40 -6.74 3.71 -1.51
C ASP A 40 -6.48 4.94 -0.64
N ARG A 41 -6.39 4.73 0.67
CA ARG A 41 -6.17 5.84 1.59
C ARG A 41 -4.67 6.13 1.73
N PHE A 42 -3.85 5.11 1.48
CA PHE A 42 -2.40 5.27 1.52
C PHE A 42 -1.95 6.20 0.41
N TYR A 43 -2.41 5.94 -0.80
CA TYR A 43 -2.05 6.74 -1.96
C TYR A 43 -2.48 8.20 -1.78
N LYS A 44 -3.71 8.43 -1.35
CA LYS A 44 -4.22 9.78 -1.18
C LYS A 44 -3.42 10.57 -0.15
N THR A 45 -3.19 9.95 1.00
CA THR A 45 -2.45 10.60 2.08
C THR A 45 -1.01 10.87 1.64
N LEU A 46 -0.43 9.94 0.89
CA LEU A 46 0.93 10.07 0.40
C LEU A 46 1.02 11.13 -0.69
N ARG A 47 -0.05 11.25 -1.46
CA ARG A 47 -0.20 12.33 -2.44
C ARG A 47 -0.22 13.68 -1.72
N ALA A 48 -0.85 13.69 -0.54
CA ALA A 48 -0.93 14.89 0.28
C ALA A 48 0.39 15.19 0.97
N GLU A 49 1.17 14.14 1.23
CA GLU A 49 2.50 14.28 1.84
C GLU A 49 3.37 15.24 1.05
N GLN A 50 3.94 16.21 1.76
CA GLN A 50 4.83 17.18 1.15
C GLN A 50 6.27 16.67 1.18
N ALA A 51 6.49 15.57 0.48
CA ALA A 51 7.81 14.99 0.36
C ALA A 51 8.25 14.99 -1.09
N SER A 52 9.55 15.10 -1.32
CA SER A 52 10.10 15.06 -2.66
C SER A 52 9.71 13.75 -3.35
N GLN A 53 9.27 13.85 -4.60
CA GLN A 53 8.66 12.72 -5.30
C GLN A 53 9.53 11.46 -5.21
N GLU A 54 10.80 11.60 -5.53
CA GLU A 54 11.73 10.48 -5.53
C GLU A 54 11.81 9.84 -4.15
N VAL A 55 12.02 10.67 -3.12
CA VAL A 55 12.08 10.21 -1.75
C VAL A 55 10.76 9.54 -1.37
N LYS A 56 9.67 10.14 -1.83
CA LYS A 56 8.35 9.61 -1.58
C LYS A 56 8.21 8.21 -2.17
N ASN A 57 8.66 8.05 -3.42
CA ASN A 57 8.57 6.75 -4.09
C ASN A 57 9.28 5.67 -3.29
N ALA A 58 10.51 5.98 -2.90
CA ALA A 58 11.34 5.04 -2.13
C ALA A 58 10.64 4.66 -0.82
N ALA A 59 10.09 5.67 -0.16
CA ALA A 59 9.35 5.45 1.08
C ALA A 59 8.14 4.55 0.83
N THR A 60 7.45 4.81 -0.28
CA THR A 60 6.27 4.05 -0.65
C THR A 60 6.59 2.57 -0.78
N GLU A 61 7.69 2.28 -1.47
CA GLU A 61 8.11 0.91 -1.69
C GLU A 61 8.21 0.16 -0.37
N THR A 62 8.91 0.77 0.57
CA THR A 62 9.15 0.16 1.86
C THR A 62 7.88 0.10 2.70
N LEU A 63 7.21 1.26 2.84
CA LEU A 63 6.03 1.38 3.71
C LEU A 63 4.92 0.42 3.27
N LEU A 64 4.74 0.30 1.97
CA LEU A 64 3.68 -0.54 1.40
C LEU A 64 3.75 -1.96 1.97
N VAL A 65 4.92 -2.55 1.89
CA VAL A 65 5.14 -3.91 2.36
C VAL A 65 5.30 -3.95 3.88
N GLN A 66 6.01 -2.96 4.41
CA GLN A 66 6.33 -2.89 5.83
C GLN A 66 5.08 -2.78 6.70
N ASN A 67 4.16 -1.93 6.27
CA ASN A 67 2.97 -1.63 7.07
C ASN A 67 1.88 -2.68 6.86
N ALA A 68 2.11 -3.56 5.89
CA ALA A 68 1.22 -4.70 5.66
C ALA A 68 1.46 -5.78 6.71
N ASN A 69 0.41 -6.53 7.03
CA ASN A 69 0.50 -7.60 8.04
C ASN A 69 1.40 -8.73 7.54
N PRO A 70 2.00 -9.51 8.45
CA PRO A 70 2.95 -10.57 8.08
C PRO A 70 2.40 -11.50 7.00
N ASP A 71 1.12 -11.87 7.15
CA ASP A 71 0.45 -12.76 6.20
C ASP A 71 0.44 -12.16 4.81
N CYS A 72 0.05 -10.90 4.70
CA CYS A 72 0.01 -10.21 3.42
C CYS A 72 1.43 -9.95 2.92
N LYS A 73 2.30 -9.56 3.85
CA LYS A 73 3.70 -9.24 3.55
C LYS A 73 4.39 -10.44 2.89
N THR A 74 4.11 -11.63 3.38
CA THR A 74 4.69 -12.85 2.83
C THR A 74 4.24 -13.04 1.38
N ILE A 75 2.95 -12.86 1.13
CA ILE A 75 2.39 -13.03 -0.20
C ILE A 75 2.97 -11.98 -1.15
N LEU A 76 3.14 -10.76 -0.65
CA LEU A 76 3.70 -9.68 -1.45
C LEU A 76 5.14 -9.98 -1.85
N LYS A 77 5.90 -10.58 -0.93
CA LYS A 77 7.28 -10.96 -1.21
C LYS A 77 7.34 -12.11 -2.22
N ALA A 78 6.35 -12.98 -2.18
CA ALA A 78 6.25 -14.08 -3.12
C ALA A 78 6.04 -13.55 -4.53
N LEU A 79 5.32 -12.43 -4.62
CA LEU A 79 5.13 -11.74 -5.89
C LEU A 79 6.44 -11.10 -6.34
N GLY A 80 7.05 -10.33 -5.44
CA GLY A 80 8.29 -9.67 -5.75
C GLY A 80 8.09 -8.19 -6.02
N PRO A 81 9.13 -7.38 -5.84
CA PRO A 81 9.06 -5.93 -6.05
C PRO A 81 9.05 -5.55 -7.53
N ALA A 82 9.15 -6.56 -8.39
CA ALA A 82 9.14 -6.34 -9.83
C ALA A 82 7.74 -6.52 -10.38
N ALA A 83 6.79 -6.78 -9.50
CA ALA A 83 5.39 -6.95 -9.87
C ALA A 83 4.66 -5.61 -9.75
N THR A 84 3.39 -5.58 -10.15
CA THR A 84 2.65 -4.33 -10.21
C THR A 84 1.68 -4.20 -9.05
N LEU A 85 1.23 -2.97 -8.78
CA LEU A 85 0.29 -2.71 -7.70
C LEU A 85 -0.93 -3.63 -7.78
N GLU A 86 -1.43 -3.81 -9.00
CA GLU A 86 -2.58 -4.66 -9.25
C GLU A 86 -2.34 -6.07 -8.69
N GLU A 87 -1.16 -6.60 -8.93
CA GLU A 87 -0.81 -7.93 -8.47
C GLU A 87 -0.79 -8.00 -6.94
N MET A 88 -0.35 -6.92 -6.29
CA MET A 88 -0.36 -6.86 -4.83
C MET A 88 -1.79 -6.85 -4.30
N MET A 89 -2.66 -6.11 -4.97
CA MET A 89 -4.04 -5.94 -4.53
C MET A 89 -4.83 -7.24 -4.66
N THR A 90 -4.60 -7.95 -5.76
CA THR A 90 -5.26 -9.22 -6.01
C THR A 90 -4.78 -10.29 -5.02
N ALA A 91 -3.53 -10.16 -4.59
CA ALA A 91 -2.93 -11.11 -3.67
C ALA A 91 -3.73 -11.22 -2.38
N CYS A 92 -4.12 -10.07 -1.84
CA CYS A 92 -4.82 -10.04 -0.58
C CYS A 92 -6.33 -10.26 -0.78
N GLN A 93 -6.81 -10.09 -2.00
CA GLN A 93 -8.24 -10.20 -2.27
C GLN A 93 -8.65 -11.67 -2.38
N GLY A 94 -7.72 -12.53 -2.78
CA GLY A 94 -8.01 -13.95 -2.83
C GLY A 94 -7.23 -14.68 -3.91
N VAL A 95 -5.94 -14.85 -3.69
CA VAL A 95 -5.12 -15.63 -4.61
C VAL A 95 -5.18 -17.10 -4.24
N GLY A 96 -5.27 -17.94 -5.27
CA GLY A 96 -5.27 -19.36 -5.06
C GLY A 96 -5.63 -20.13 -6.31
N GLY A 97 -5.26 -19.59 -7.45
CA GLY A 97 -5.54 -20.24 -8.72
C GLY A 97 -4.27 -20.48 -9.52
N PRO A 98 -3.72 -21.70 -9.48
CA PRO A 98 -2.48 -22.03 -10.20
C PRO A 98 -2.67 -22.08 -11.71
N GLY A 99 -3.92 -22.23 -12.14
CA GLY A 99 -4.20 -22.30 -13.57
C GLY A 99 -4.38 -20.91 -14.16
N HIS A 100 -3.33 -20.11 -14.06
CA HIS A 100 -3.37 -18.73 -14.53
C HIS A 100 -2.73 -18.60 -15.91
N LYS A 101 -3.45 -19.07 -16.93
CA LYS A 101 -2.93 -19.12 -18.29
C LYS A 101 -2.87 -17.73 -18.93
N ALA A 102 -3.40 -16.73 -18.23
CA ALA A 102 -3.36 -15.36 -18.71
C ALA A 102 -1.93 -14.85 -18.82
N ARG A 103 -1.03 -15.49 -18.10
CA ARG A 103 0.38 -15.11 -18.11
C ARG A 103 1.25 -16.32 -17.80
N VAL A 104 1.78 -16.93 -18.84
CA VAL A 104 2.64 -18.10 -18.71
C VAL A 104 3.92 -17.88 -19.51
N LEU A 105 5.04 -17.76 -18.81
CA LEU A 105 6.32 -17.54 -19.46
C LEU A 105 7.13 -18.84 -19.44
N ILE B 1 3.50 -0.31 -7.00
CA ILE B 1 4.65 -0.16 -6.06
C ILE B 1 5.32 1.19 -6.25
N THR B 2 5.96 1.72 -5.20
CA THR B 2 6.39 3.12 -5.15
C THR B 2 5.19 4.05 -5.41
N PHE B 3 5.37 5.34 -5.23
CA PHE B 3 4.27 6.27 -5.45
C PHE B 3 3.95 6.39 -6.94
C MK8 B 4 3.79 5.49 -9.74
N MK8 B 4 4.99 6.28 -7.77
O MK8 B 4 2.82 5.89 -10.37
CA MK8 B 4 4.87 6.45 -9.23
CB MK8 B 4 6.22 6.15 -9.92
CD MK8 B 4 6.40 5.27 -12.30
CE MK8 B 4 5.41 4.31 -12.18
CG MK8 B 4 6.18 6.49 -11.41
CB1 MK8 B 4 4.48 7.90 -9.55
H MK8 B 4 5.88 6.07 -7.39
HB MK8 B 4 7.00 6.72 -9.45
HBA MK8 B 4 6.44 5.10 -9.82
HD MK8 B 4 6.42 5.59 -13.33
HDA MK8 B 4 7.35 4.82 -12.04
HE MK8 B 4 5.58 3.47 -11.53
HG MK8 B 4 5.21 6.91 -11.64
HGA MK8 B 4 6.95 7.23 -11.62
HB1 MK8 B 4 4.26 8.00 -10.60
HB1A MK8 B 4 3.60 8.16 -8.98
HB1B MK8 B 4 5.29 8.56 -9.28
N ASP B 5 3.97 4.19 -9.44
CA ASP B 5 3.06 3.16 -9.94
C ASP B 5 1.65 3.38 -9.40
N LEU B 6 1.57 3.88 -8.17
CA LEU B 6 0.29 4.23 -7.58
C LEU B 6 -0.45 5.24 -8.45
N LEU B 7 0.27 6.29 -8.85
CA LEU B 7 -0.29 7.32 -9.70
C LEU B 7 -0.68 6.75 -11.06
C MK8 B 8 -0.96 4.53 -13.18
N MK8 B 8 0.27 6.07 -11.70
O MK8 B 8 -1.64 4.41 -14.20
CA MK8 B 8 0.15 5.60 -13.10
CB MK8 B 8 1.49 5.01 -13.54
CD MK8 B 8 3.96 5.48 -13.72
CE MK8 B 8 4.21 4.41 -12.88
CG MK8 B 8 2.57 6.07 -13.53
CB1 MK8 B 8 -0.19 6.76 -14.02
H MK8 B 8 1.11 5.89 -11.21
HB MK8 B 8 1.77 4.21 -12.87
HBA MK8 B 8 1.39 4.63 -14.55
HD MK8 B 8 4.05 5.14 -14.73
HDA MK8 B 8 4.69 6.25 -13.52
HE MK8 B 8 3.46 3.66 -12.75
HG MK8 B 8 2.38 6.78 -14.34
HGA MK8 B 8 2.55 6.60 -12.58
HB1 MK8 B 8 0.58 7.50 -13.95
HB1A MK8 B 8 -0.25 6.39 -15.03
HB1B MK8 B 8 -1.14 7.17 -13.73
N TYR B 9 -1.11 3.76 -12.12
CA TYR B 9 -2.15 2.73 -12.06
C TYR B 9 -3.54 3.36 -12.10
N TYR B 10 -3.77 4.29 -11.19
CA TYR B 10 -5.06 4.97 -11.09
C TYR B 10 -5.29 5.88 -12.29
N GLY B 11 -4.22 6.48 -12.79
CA GLY B 11 -4.34 7.32 -13.95
C GLY B 11 -5.03 8.63 -13.64
N LYS B 12 -4.26 9.62 -13.24
CA LYS B 12 -4.81 10.93 -12.91
C LYS B 12 -4.27 11.98 -13.88
N LYS B 13 -4.15 11.57 -15.14
CA LYS B 13 -3.66 12.45 -16.20
C LYS B 13 -4.80 13.32 -16.72
N LYS B 14 -5.42 14.03 -15.80
CA LYS B 14 -6.60 14.82 -16.10
C LYS B 14 -6.29 16.30 -15.88
N SER A 12 -22.14 13.28 13.99
CA SER A 12 -21.34 14.50 14.26
C SER A 12 -19.92 14.32 13.73
N GLY A 13 -19.43 15.31 13.00
CA GLY A 13 -18.10 15.22 12.42
C GLY A 13 -17.06 15.93 13.28
N LEU A 14 -16.58 15.23 14.30
CA LEU A 14 -15.54 15.78 15.17
C LEU A 14 -14.18 15.39 14.61
N VAL A 15 -13.55 16.33 13.92
CA VAL A 15 -12.27 16.08 13.30
C VAL A 15 -11.13 16.26 14.32
N PRO A 16 -10.25 15.26 14.44
CA PRO A 16 -9.03 15.37 15.24
C PRO A 16 -8.10 16.44 14.65
N ARG A 17 -7.90 17.50 15.42
CA ARG A 17 -7.15 18.65 14.94
C ARG A 17 -5.65 18.37 14.92
N GLY A 18 -5.17 17.83 13.80
CA GLY A 18 -3.77 17.53 13.65
C GLY A 18 -3.31 16.45 14.59
N SER A 19 -2.23 16.73 15.33
CA SER A 19 -1.67 15.81 16.33
C SER A 19 -1.49 14.40 15.77
N HIS A 20 -0.40 14.20 15.04
CA HIS A 20 -0.07 12.91 14.43
C HIS A 20 -1.13 12.49 13.42
N MET A 21 -1.20 13.22 12.31
CA MET A 21 -2.15 12.91 11.25
C MET A 21 -1.58 13.30 9.90
N THR A 22 -1.75 12.41 8.92
CA THR A 22 -1.25 12.62 7.57
C THR A 22 0.26 12.69 7.56
N SER A 23 0.90 11.55 7.77
CA SER A 23 2.35 11.44 7.70
C SER A 23 2.74 10.07 7.17
N ILE A 24 1.80 9.43 6.45
CA ILE A 24 1.96 8.13 5.77
C ILE A 24 2.25 6.95 6.72
N LEU A 25 2.90 7.23 7.84
CA LEU A 25 3.22 6.18 8.81
C LEU A 25 2.07 5.95 9.78
N ASP A 26 1.03 6.75 9.62
CA ASP A 26 -0.20 6.56 10.38
C ASP A 26 -1.08 5.57 9.64
N ILE A 27 -0.66 5.22 8.43
CA ILE A 27 -1.41 4.32 7.58
C ILE A 27 -1.02 2.87 7.84
N ARG A 28 -1.72 2.23 8.75
CA ARG A 28 -1.51 0.82 9.06
C ARG A 28 -2.73 0.01 8.64
N GLN A 29 -2.47 -1.14 8.02
CA GLN A 29 -3.56 -1.99 7.53
C GLN A 29 -4.21 -2.75 8.68
N GLY A 30 -5.53 -2.84 8.64
CA GLY A 30 -6.24 -3.63 9.64
C GLY A 30 -6.20 -5.10 9.30
N PRO A 31 -6.34 -5.98 10.31
CA PRO A 31 -6.25 -7.44 10.11
C PRO A 31 -7.23 -7.96 9.06
N LYS A 32 -8.47 -7.46 9.11
CA LYS A 32 -9.49 -7.89 8.15
C LYS A 32 -9.73 -6.80 7.11
N GLU A 33 -8.85 -5.82 7.10
CA GLU A 33 -8.99 -4.69 6.21
C GLU A 33 -8.35 -4.99 4.86
N PRO A 34 -9.14 -4.90 3.78
CA PRO A 34 -8.68 -5.20 2.43
C PRO A 34 -7.50 -4.32 2.01
N PHE A 35 -6.50 -4.96 1.40
CA PHE A 35 -5.31 -4.29 0.94
C PHE A 35 -5.67 -3.23 -0.10
N ARG A 36 -6.75 -3.47 -0.82
CA ARG A 36 -7.29 -2.52 -1.79
C ARG A 36 -7.66 -1.21 -1.11
N ASP A 37 -8.34 -1.31 0.02
CA ASP A 37 -8.75 -0.13 0.78
C ASP A 37 -7.57 0.46 1.55
N TYR A 38 -6.62 -0.40 1.90
CA TYR A 38 -5.39 0.04 2.54
C TYR A 38 -4.65 1.04 1.66
N VAL A 39 -4.40 0.66 0.42
CA VAL A 39 -3.70 1.52 -0.53
C VAL A 39 -4.56 2.74 -0.87
N ASP A 40 -5.87 2.57 -0.81
CA ASP A 40 -6.83 3.66 -1.07
C ASP A 40 -6.48 4.90 -0.25
N ARG A 41 -6.27 4.72 1.05
CA ARG A 41 -5.97 5.85 1.92
C ARG A 41 -4.48 6.15 1.93
N PHE A 42 -3.67 5.12 1.73
CA PHE A 42 -2.22 5.28 1.65
C PHE A 42 -1.86 6.21 0.48
N TYR A 43 -2.43 5.89 -0.67
CA TYR A 43 -2.18 6.64 -1.89
C TYR A 43 -2.63 8.10 -1.77
N LYS A 44 -3.81 8.33 -1.21
CA LYS A 44 -4.38 9.67 -1.13
C LYS A 44 -3.65 10.53 -0.09
N THR A 45 -3.25 9.92 1.02
CA THR A 45 -2.48 10.63 2.04
C THR A 45 -1.08 10.94 1.52
N LEU A 46 -0.54 10.01 0.74
CA LEU A 46 0.80 10.15 0.19
C LEU A 46 0.86 11.29 -0.84
N ARG A 47 -0.28 11.63 -1.43
CA ARG A 47 -0.36 12.78 -2.32
C ARG A 47 -0.25 14.08 -1.53
N ALA A 48 -0.50 14.01 -0.23
CA ALA A 48 -0.48 15.19 0.63
C ALA A 48 0.76 15.20 1.52
N GLU A 49 1.69 14.30 1.23
CA GLU A 49 2.95 14.26 1.96
C GLU A 49 3.92 15.29 1.41
N GLN A 50 4.42 16.15 2.28
CA GLN A 50 5.36 17.19 1.88
C GLN A 50 6.76 16.61 1.74
N ALA A 51 6.95 15.87 0.67
CA ALA A 51 8.23 15.23 0.34
C ALA A 51 8.40 15.19 -1.16
N SER A 52 9.64 15.12 -1.61
CA SER A 52 9.92 15.05 -3.04
C SER A 52 9.42 13.72 -3.61
N GLN A 53 8.79 13.77 -4.77
CA GLN A 53 8.12 12.60 -5.36
C GLN A 53 9.01 11.37 -5.36
N GLU A 54 10.21 11.48 -5.91
CA GLU A 54 11.12 10.35 -6.01
C GLU A 54 11.47 9.81 -4.62
N VAL A 55 11.66 10.71 -3.68
CA VAL A 55 11.95 10.34 -2.30
C VAL A 55 10.77 9.57 -1.72
N LYS A 56 9.56 10.06 -1.97
CA LYS A 56 8.35 9.41 -1.50
C LYS A 56 8.21 8.03 -2.14
N ASN A 57 8.59 7.91 -3.40
CA ASN A 57 8.54 6.64 -4.11
C ASN A 57 9.39 5.59 -3.40
N ALA A 58 10.63 5.95 -3.11
CA ALA A 58 11.56 5.05 -2.43
C ALA A 58 11.02 4.66 -1.06
N ALA A 59 10.41 5.62 -0.37
CA ALA A 59 9.79 5.35 0.91
C ALA A 59 8.60 4.42 0.75
N THR A 60 7.79 4.67 -0.28
CA THR A 60 6.61 3.87 -0.55
C THR A 60 6.94 2.40 -0.71
N GLU A 61 7.98 2.12 -1.48
CA GLU A 61 8.38 0.74 -1.79
C GLU A 61 8.59 -0.08 -0.52
N THR A 62 9.06 0.57 0.53
CA THR A 62 9.31 -0.12 1.78
C THR A 62 8.12 0.01 2.74
N LEU A 63 7.59 1.22 2.86
CA LEU A 63 6.51 1.52 3.80
C LEU A 63 5.23 0.77 3.46
N LEU A 64 4.89 0.75 2.18
CA LEU A 64 3.65 0.14 1.72
C LEU A 64 3.59 -1.35 2.07
N VAL A 65 4.73 -2.01 1.93
CA VAL A 65 4.82 -3.42 2.26
C VAL A 65 4.93 -3.63 3.78
N GLN A 66 5.61 -2.70 4.43
CA GLN A 66 5.88 -2.79 5.85
C GLN A 66 4.60 -2.64 6.69
N ASN A 67 3.79 -1.65 6.35
CA ASN A 67 2.62 -1.33 7.16
C ASN A 67 1.49 -2.31 6.91
N ALA A 68 1.69 -3.19 5.94
CA ALA A 68 0.72 -4.24 5.64
C ALA A 68 0.86 -5.38 6.63
N ASN A 69 -0.23 -6.12 6.83
CA ASN A 69 -0.23 -7.28 7.72
C ASN A 69 0.72 -8.35 7.19
N PRO A 70 1.46 -9.00 8.10
CA PRO A 70 2.48 -10.00 7.77
C PRO A 70 1.94 -11.11 6.88
N ASP A 71 0.65 -11.41 7.02
CA ASP A 71 -0.03 -12.38 6.16
C ASP A 71 0.06 -11.94 4.70
N CYS A 72 -0.33 -10.69 4.46
CA CYS A 72 -0.27 -10.10 3.13
C CYS A 72 1.18 -9.83 2.73
N LYS A 73 1.97 -9.37 3.70
CA LYS A 73 3.37 -9.02 3.49
C LYS A 73 4.14 -10.20 2.87
N THR A 74 3.84 -11.40 3.35
CA THR A 74 4.47 -12.61 2.83
C THR A 74 4.16 -12.77 1.33
N ILE A 75 2.91 -12.53 0.97
CA ILE A 75 2.46 -12.68 -0.40
C ILE A 75 3.11 -11.64 -1.31
N LEU A 76 3.19 -10.41 -0.81
CA LEU A 76 3.77 -9.31 -1.58
C LEU A 76 5.22 -9.62 -1.95
N LYS A 77 5.95 -10.21 -1.01
CA LYS A 77 7.36 -10.54 -1.26
C LYS A 77 7.49 -11.80 -2.12
N ALA A 78 6.47 -12.66 -2.07
CA ALA A 78 6.45 -13.86 -2.89
C ALA A 78 6.28 -13.48 -4.36
N LEU A 79 5.55 -12.39 -4.60
CA LEU A 79 5.36 -11.85 -5.93
C LEU A 79 6.69 -11.36 -6.51
N GLY A 80 7.42 -10.60 -5.73
CA GLY A 80 8.74 -10.16 -6.13
C GLY A 80 8.83 -8.67 -6.37
N PRO A 81 10.05 -8.11 -6.40
CA PRO A 81 10.27 -6.68 -6.64
C PRO A 81 10.06 -6.29 -8.10
N ALA A 82 9.99 -7.29 -8.97
CA ALA A 82 9.79 -7.06 -10.39
C ALA A 82 8.31 -6.87 -10.71
N ALA A 83 7.47 -7.08 -9.70
CA ALA A 83 6.03 -6.97 -9.86
C ALA A 83 5.58 -5.53 -9.66
N THR A 84 4.30 -5.28 -9.89
CA THR A 84 3.74 -3.95 -9.76
C THR A 84 2.61 -3.95 -8.73
N LEU A 85 2.11 -2.77 -8.36
CA LEU A 85 1.10 -2.67 -7.32
C LEU A 85 -0.14 -3.49 -7.66
N GLU A 86 -0.54 -3.44 -8.93
CA GLU A 86 -1.70 -4.17 -9.40
C GLU A 86 -1.64 -5.65 -9.01
N GLU A 87 -0.44 -6.22 -9.09
CA GLU A 87 -0.23 -7.61 -8.74
C GLU A 87 -0.38 -7.81 -7.23
N MET A 88 0.05 -6.82 -6.47
CA MET A 88 -0.07 -6.84 -5.01
C MET A 88 -1.54 -6.77 -4.61
N MET A 89 -2.25 -5.85 -5.26
CA MET A 89 -3.68 -5.65 -5.02
C MET A 89 -4.44 -6.92 -5.34
N THR A 90 -4.13 -7.51 -6.49
CA THR A 90 -4.79 -8.72 -6.95
C THR A 90 -4.49 -9.92 -6.04
N ALA A 91 -3.26 -9.97 -5.54
CA ALA A 91 -2.82 -11.09 -4.71
C ALA A 91 -3.64 -11.20 -3.43
N CYS A 92 -3.84 -10.07 -2.76
CA CYS A 92 -4.51 -10.08 -1.47
C CYS A 92 -5.93 -9.52 -1.59
N GLN A 93 -6.49 -9.53 -2.79
CA GLN A 93 -7.85 -9.04 -2.98
C GLN A 93 -8.86 -10.14 -2.65
N GLY A 94 -8.35 -11.34 -2.37
CA GLY A 94 -9.21 -12.42 -1.96
C GLY A 94 -9.13 -13.64 -2.85
N VAL A 95 -8.50 -13.47 -4.02
CA VAL A 95 -8.39 -14.56 -4.97
C VAL A 95 -7.18 -15.43 -4.67
N GLY A 96 -6.00 -14.94 -5.03
CA GLY A 96 -4.79 -15.70 -4.83
C GLY A 96 -4.76 -16.93 -5.71
N GLY A 97 -5.19 -16.77 -6.95
CA GLY A 97 -5.22 -17.87 -7.88
C GLY A 97 -4.74 -17.47 -9.26
N PRO A 98 -5.57 -17.65 -10.31
CA PRO A 98 -5.21 -17.31 -11.68
C PRO A 98 -5.06 -15.80 -11.88
N GLY A 99 -5.87 -15.03 -11.17
CA GLY A 99 -5.84 -13.59 -11.29
C GLY A 99 -7.04 -12.96 -10.61
N HIS A 100 -8.07 -12.66 -11.39
CA HIS A 100 -9.28 -12.07 -10.85
C HIS A 100 -10.32 -13.16 -10.60
N LYS A 101 -10.71 -13.85 -11.67
CA LYS A 101 -11.74 -14.89 -11.61
C LYS A 101 -13.04 -14.34 -11.03
N ALA A 102 -13.92 -13.88 -11.91
CA ALA A 102 -15.19 -13.31 -11.50
C ALA A 102 -15.99 -14.27 -10.62
N ARG A 103 -16.03 -13.95 -9.34
CA ARG A 103 -16.80 -14.72 -8.36
C ARG A 103 -18.08 -13.98 -8.01
N VAL A 104 -18.18 -12.76 -8.52
CA VAL A 104 -19.34 -11.92 -8.32
C VAL A 104 -19.22 -10.70 -9.23
N LEU A 105 -17.99 -10.20 -9.37
CA LEU A 105 -17.70 -9.05 -10.20
C LEU A 105 -16.18 -8.93 -10.37
N ILE B 1 7.07 -0.93 -6.79
CA ILE B 1 6.00 -0.73 -5.77
C ILE B 1 6.18 0.64 -5.13
N THR B 2 6.36 1.63 -5.97
CA THR B 2 6.60 2.98 -5.54
C THR B 2 5.31 3.79 -5.65
N PHE B 3 5.31 5.05 -5.24
CA PHE B 3 4.13 5.91 -5.39
C PHE B 3 3.68 5.91 -6.84
C MK8 B 4 3.33 4.57 -9.41
N MK8 B 4 4.64 5.80 -7.76
O MK8 B 4 2.30 4.80 -10.06
CA MK8 B 4 4.39 5.68 -9.21
CB MK8 B 4 5.69 5.27 -9.93
CD MK8 B 4 5.64 3.88 -12.07
CE MK8 B 4 4.61 3.02 -11.73
CG MK8 B 4 5.52 5.28 -11.46
CB1 MK8 B 4 3.90 7.01 -9.77
H MK8 B 4 5.58 5.81 -7.44
HB MK8 B 4 6.47 5.97 -9.68
HBA MK8 B 4 5.98 4.28 -9.62
HD MK8 B 4 5.66 3.98 -13.14
HDA MK8 B 4 6.57 3.44 -11.74
HE MK8 B 4 4.77 2.29 -10.96
HG MK8 B 4 4.54 5.67 -11.69
HGA MK8 B 4 6.27 5.92 -11.89
HB1 MK8 B 4 3.60 6.88 -10.80
HB1A MK8 B 4 3.05 7.36 -9.19
HB1B MK8 B 4 4.69 7.73 -9.71
N ASP B 5 3.59 3.41 -8.82
CA ASP B 5 2.78 2.20 -9.05
C ASP B 5 1.30 2.43 -8.81
N LEU B 6 0.96 2.93 -7.63
CA LEU B 6 -0.45 3.12 -7.28
C LEU B 6 -1.07 4.28 -8.07
N LEU B 7 -0.27 5.30 -8.39
CA LEU B 7 -0.75 6.41 -9.22
C LEU B 7 -1.22 5.90 -10.58
C MK8 B 8 -1.75 3.54 -12.43
N MK8 B 8 -0.33 5.15 -11.25
O MK8 B 8 -2.51 3.30 -13.36
CA MK8 B 8 -0.60 4.55 -12.57
CB MK8 B 8 0.65 3.82 -13.05
CD MK8 B 8 3.13 4.02 -13.37
CE MK8 B 8 3.37 3.08 -12.38
CG MK8 B 8 1.83 4.78 -13.19
CB1 MK8 B 8 -0.96 5.62 -13.59
H MK8 B 8 0.55 5.00 -10.83
HB MK8 B 8 0.91 3.05 -12.35
HBA MK8 B 8 0.46 3.37 -14.02
HD MK8 B 8 3.11 3.49 -14.31
HDA MK8 B 8 3.94 4.72 -13.38
HE MK8 B 8 2.58 2.42 -12.09
HG MK8 B 8 1.67 5.40 -14.05
HGA MK8 B 8 1.89 5.37 -12.30
HB1 MK8 B 8 -1.13 5.16 -14.55
HB1A MK8 B 8 -1.85 6.13 -13.27
HB1B MK8 B 8 -0.14 6.32 -13.67
N TYR B 9 -1.86 2.98 -11.24
CA TYR B 9 -2.89 2.01 -10.94
C TYR B 9 -4.28 2.65 -10.87
N TYR B 10 -4.42 3.66 -10.03
CA TYR B 10 -5.71 4.31 -9.83
C TYR B 10 -6.11 5.11 -11.06
N GLY B 11 -5.13 5.70 -11.72
CA GLY B 11 -5.40 6.38 -12.97
C GLY B 11 -5.24 7.88 -12.87
N LYS B 12 -4.41 8.43 -13.74
CA LYS B 12 -4.23 9.86 -13.86
C LYS B 12 -4.14 10.25 -15.33
N LYS B 13 -5.25 10.06 -16.04
CA LYS B 13 -5.28 10.28 -17.47
C LYS B 13 -5.63 11.74 -17.78
N LYS B 14 -4.65 12.47 -18.26
CA LYS B 14 -4.82 13.88 -18.57
C LYS B 14 -4.37 14.18 -19.99
N SER A 12 0.34 5.12 18.78
CA SER A 12 1.82 5.28 18.83
C SER A 12 2.23 5.99 20.12
N GLY A 13 1.41 5.84 21.17
CA GLY A 13 1.68 6.52 22.42
C GLY A 13 1.22 7.96 22.37
N LEU A 14 1.86 8.73 21.51
CA LEU A 14 1.51 10.13 21.30
C LEU A 14 1.34 10.40 19.81
N VAL A 15 0.43 11.30 19.48
CA VAL A 15 0.16 11.63 18.08
C VAL A 15 0.41 13.11 17.73
N PRO A 16 0.24 14.09 18.66
CA PRO A 16 0.62 15.49 18.39
C PRO A 16 2.10 15.59 18.00
N ARG A 17 2.41 16.57 17.15
CA ARG A 17 3.71 16.69 16.51
C ARG A 17 3.80 15.65 15.39
N GLY A 18 3.31 16.04 14.22
CA GLY A 18 3.20 15.11 13.11
C GLY A 18 1.76 14.92 12.70
N SER A 19 0.86 15.25 13.61
CA SER A 19 -0.57 15.19 13.33
C SER A 19 -1.03 16.47 12.64
N HIS A 20 -0.70 16.60 11.37
CA HIS A 20 -1.07 17.78 10.60
C HIS A 20 -1.70 17.35 9.28
N MET A 21 -2.44 16.24 9.34
CA MET A 21 -3.06 15.64 8.15
C MET A 21 -1.98 15.28 7.13
N THR A 22 -0.84 14.89 7.66
CA THR A 22 0.30 14.46 6.88
C THR A 22 1.09 13.45 7.71
N SER A 23 0.65 12.21 7.67
CA SER A 23 1.21 11.17 8.50
C SER A 23 0.92 9.80 7.92
N ILE A 24 1.67 9.44 6.88
CA ILE A 24 1.54 8.13 6.24
C ILE A 24 1.86 7.02 7.24
N LEU A 25 2.55 7.37 8.32
CA LEU A 25 2.93 6.42 9.36
C LEU A 25 1.70 5.88 10.09
N ASP A 26 0.61 6.64 10.07
CA ASP A 26 -0.63 6.22 10.70
C ASP A 26 -1.38 5.24 9.80
N ILE A 27 -1.01 5.20 8.54
CA ILE A 27 -1.67 4.33 7.58
C ILE A 27 -1.05 2.95 7.61
N ARG A 28 -1.58 2.11 8.48
CA ARG A 28 -1.12 0.74 8.62
C ARG A 28 -2.28 -0.22 8.42
N GLN A 29 -2.04 -1.28 7.67
CA GLN A 29 -3.08 -2.23 7.31
C GLN A 29 -3.61 -2.95 8.54
N GLY A 30 -4.92 -3.08 8.62
CA GLY A 30 -5.55 -3.82 9.69
C GLY A 30 -5.66 -5.29 9.36
N PRO A 31 -5.75 -6.16 10.38
CA PRO A 31 -5.73 -7.63 10.19
C PRO A 31 -6.96 -8.13 9.43
N LYS A 32 -7.94 -7.26 9.27
CA LYS A 32 -9.15 -7.59 8.53
C LYS A 32 -9.35 -6.59 7.41
N GLU A 33 -8.30 -5.83 7.12
CA GLU A 33 -8.34 -4.82 6.07
C GLU A 33 -7.72 -5.35 4.78
N PRO A 34 -8.53 -5.43 3.71
CA PRO A 34 -8.05 -5.81 2.37
C PRO A 34 -7.06 -4.79 1.82
N PHE A 35 -6.16 -5.27 0.99
CA PHE A 35 -5.09 -4.46 0.44
C PHE A 35 -5.64 -3.32 -0.42
N ARG A 36 -6.83 -3.53 -0.99
CA ARG A 36 -7.45 -2.51 -1.82
C ARG A 36 -7.86 -1.30 -0.97
N ASP A 37 -8.45 -1.57 0.19
CA ASP A 37 -8.82 -0.51 1.13
C ASP A 37 -7.58 0.16 1.69
N TYR A 38 -6.52 -0.62 1.83
CA TYR A 38 -5.26 -0.14 2.36
C TYR A 38 -4.63 0.86 1.39
N VAL A 39 -4.49 0.45 0.13
CA VAL A 39 -3.92 1.31 -0.89
C VAL A 39 -4.75 2.56 -1.11
N ASP A 40 -6.07 2.42 -0.99
CA ASP A 40 -6.98 3.56 -1.12
C ASP A 40 -6.53 4.71 -0.22
N ARG A 41 -6.26 4.38 1.03
CA ARG A 41 -5.86 5.38 2.01
C ARG A 41 -4.36 5.63 1.97
N PHE A 42 -3.59 4.58 1.75
CA PHE A 42 -2.13 4.68 1.68
C PHE A 42 -1.72 5.67 0.60
N TYR A 43 -2.25 5.47 -0.60
CA TYR A 43 -1.91 6.31 -1.74
C TYR A 43 -2.37 7.75 -1.53
N LYS A 44 -3.60 7.96 -1.08
CA LYS A 44 -4.14 9.31 -1.01
C LYS A 44 -3.51 10.10 0.13
N THR A 45 -3.10 9.42 1.19
CA THR A 45 -2.37 10.07 2.25
C THR A 45 -0.95 10.38 1.79
N LEU A 46 -0.34 9.42 1.13
CA LEU A 46 1.02 9.54 0.63
C LEU A 46 1.11 10.65 -0.42
N ARG A 47 0.10 10.73 -1.28
CA ARG A 47 -0.02 11.82 -2.25
C ARG A 47 0.03 13.18 -1.55
N ALA A 48 -0.48 13.22 -0.32
CA ALA A 48 -0.57 14.46 0.43
C ALA A 48 0.68 14.73 1.26
N GLU A 49 1.46 13.68 1.54
CA GLU A 49 2.67 13.80 2.34
C GLU A 49 3.61 14.86 1.78
N GLN A 50 4.09 15.73 2.65
CA GLN A 50 4.99 16.81 2.27
C GLN A 50 6.41 16.27 2.02
N ALA A 51 6.62 15.81 0.80
CA ALA A 51 7.91 15.27 0.40
C ALA A 51 8.03 15.34 -1.12
N SER A 52 9.27 15.40 -1.61
CA SER A 52 9.51 15.46 -3.04
C SER A 52 9.19 14.11 -3.67
N GLN A 53 8.81 14.12 -4.95
CA GLN A 53 8.36 12.91 -5.63
C GLN A 53 9.36 11.77 -5.45
N GLU A 54 10.65 12.07 -5.61
CA GLU A 54 11.68 11.03 -5.56
C GLU A 54 11.73 10.39 -4.16
N VAL A 55 11.78 11.23 -3.13
CA VAL A 55 11.81 10.76 -1.76
C VAL A 55 10.53 10.00 -1.43
N LYS A 56 9.42 10.49 -1.95
CA LYS A 56 8.13 9.87 -1.74
C LYS A 56 8.09 8.47 -2.35
N ASN A 57 8.67 8.34 -3.54
CA ASN A 57 8.74 7.05 -4.22
C ASN A 57 9.48 6.03 -3.37
N ALA A 58 10.66 6.43 -2.87
CA ALA A 58 11.48 5.57 -2.04
C ALA A 58 10.73 5.18 -0.77
N ALA A 59 9.99 6.12 -0.22
CA ALA A 59 9.17 5.87 0.95
C ALA A 59 8.08 4.86 0.63
N THR A 60 7.43 5.04 -0.52
CA THR A 60 6.34 4.17 -0.93
C THR A 60 6.78 2.71 -0.96
N GLU A 61 7.87 2.46 -1.68
CA GLU A 61 8.37 1.11 -1.89
C GLU A 61 8.57 0.37 -0.57
N THR A 62 9.10 1.08 0.42
CA THR A 62 9.38 0.48 1.71
C THR A 62 8.10 0.38 2.56
N LEU A 63 7.35 1.47 2.64
CA LEU A 63 6.15 1.54 3.47
C LEU A 63 5.07 0.58 2.99
N LEU A 64 4.97 0.43 1.66
CA LEU A 64 3.95 -0.43 1.05
C LEU A 64 3.97 -1.83 1.66
N VAL A 65 5.15 -2.44 1.68
CA VAL A 65 5.31 -3.77 2.24
C VAL A 65 5.37 -3.73 3.76
N GLN A 66 5.98 -2.67 4.29
CA GLN A 66 6.22 -2.54 5.72
C GLN A 66 4.93 -2.49 6.53
N ASN A 67 4.00 -1.64 6.11
CA ASN A 67 2.79 -1.37 6.88
C ASN A 67 1.68 -2.38 6.58
N ALA A 68 1.96 -3.32 5.70
CA ALA A 68 1.02 -4.40 5.40
C ALA A 68 1.08 -5.49 6.47
N ASN A 69 -0.01 -6.23 6.62
CA ASN A 69 -0.07 -7.35 7.57
C ASN A 69 0.93 -8.42 7.21
N PRO A 70 1.33 -9.27 8.18
CA PRO A 70 2.21 -10.41 7.90
C PRO A 70 1.59 -11.35 6.87
N ASP A 71 0.26 -11.40 6.88
CA ASP A 71 -0.51 -12.21 5.93
C ASP A 71 -0.24 -11.75 4.50
N CYS A 72 -0.42 -10.46 4.26
CA CYS A 72 -0.16 -9.88 2.95
C CYS A 72 1.33 -9.84 2.67
N LYS A 73 2.11 -9.56 3.71
CA LYS A 73 3.56 -9.43 3.60
C LYS A 73 4.20 -10.72 3.10
N THR A 74 3.61 -11.85 3.47
CA THR A 74 4.06 -13.15 2.98
C THR A 74 3.81 -13.26 1.49
N ILE A 75 2.65 -12.78 1.05
CA ILE A 75 2.26 -12.84 -0.35
C ILE A 75 3.08 -11.87 -1.20
N LEU A 76 3.39 -10.72 -0.61
CA LEU A 76 4.16 -9.70 -1.31
C LEU A 76 5.57 -10.20 -1.64
N LYS A 77 6.11 -11.04 -0.76
CA LYS A 77 7.41 -11.67 -1.02
C LYS A 77 7.34 -12.56 -2.25
N ALA A 78 6.23 -13.28 -2.39
CA ALA A 78 6.03 -14.15 -3.52
C ALA A 78 5.90 -13.34 -4.81
N LEU A 79 5.23 -12.20 -4.70
CA LEU A 79 5.06 -11.30 -5.84
C LEU A 79 6.41 -10.69 -6.26
N GLY A 80 7.12 -10.14 -5.28
CA GLY A 80 8.39 -9.52 -5.56
C GLY A 80 8.26 -8.05 -5.91
N PRO A 81 9.37 -7.30 -5.92
CA PRO A 81 9.35 -5.87 -6.22
C PRO A 81 9.35 -5.57 -7.72
N ALA A 82 9.40 -6.62 -8.54
CA ALA A 82 9.37 -6.46 -9.99
C ALA A 82 7.94 -6.64 -10.51
N ALA A 83 7.02 -6.83 -9.59
CA ALA A 83 5.60 -6.93 -9.92
C ALA A 83 4.97 -5.55 -9.88
N THR A 84 3.69 -5.45 -10.22
CA THR A 84 3.03 -4.16 -10.25
C THR A 84 1.90 -4.11 -9.23
N LEU A 85 1.54 -2.92 -8.77
CA LEU A 85 0.55 -2.77 -7.69
C LEU A 85 -0.70 -3.61 -7.94
N GLU A 86 -1.15 -3.62 -9.19
CA GLU A 86 -2.36 -4.34 -9.58
C GLU A 86 -2.28 -5.81 -9.17
N GLU A 87 -1.07 -6.36 -9.10
CA GLU A 87 -0.88 -7.73 -8.73
C GLU A 87 -1.13 -7.92 -7.24
N MET A 88 -0.66 -6.98 -6.43
CA MET A 88 -0.85 -7.02 -4.98
C MET A 88 -2.31 -6.83 -4.62
N MET A 89 -2.96 -5.91 -5.31
CA MET A 89 -4.37 -5.60 -5.10
C MET A 89 -5.21 -6.87 -5.11
N THR A 90 -5.00 -7.69 -6.13
CA THR A 90 -5.72 -8.94 -6.29
C THR A 90 -5.09 -10.04 -5.42
N ALA A 91 -3.79 -9.93 -5.17
CA ALA A 91 -3.06 -10.93 -4.39
C ALA A 91 -3.56 -10.99 -2.95
N CYS A 92 -3.90 -9.84 -2.40
CA CYS A 92 -4.32 -9.74 -1.01
C CYS A 92 -5.81 -9.40 -0.92
N GLN A 93 -6.55 -9.65 -2.00
CA GLN A 93 -7.99 -9.41 -1.99
C GLN A 93 -8.67 -10.39 -1.05
N GLY A 94 -8.05 -11.56 -0.88
CA GLY A 94 -8.53 -12.54 0.06
C GLY A 94 -7.66 -12.60 1.29
N VAL A 95 -7.86 -11.63 2.19
CA VAL A 95 -7.08 -11.54 3.41
C VAL A 95 -7.28 -12.78 4.29
N GLY A 96 -6.20 -13.23 4.92
CA GLY A 96 -6.25 -14.42 5.75
C GLY A 96 -6.90 -14.18 7.10
N GLY A 97 -7.43 -12.98 7.28
CA GLY A 97 -8.12 -12.64 8.50
C GLY A 97 -9.47 -12.01 8.23
N PRO A 98 -10.47 -12.81 7.83
CA PRO A 98 -11.81 -12.32 7.50
C PRO A 98 -12.63 -12.01 8.75
N GLY A 99 -12.34 -10.87 9.36
CA GLY A 99 -13.08 -10.44 10.53
C GLY A 99 -14.16 -9.43 10.17
N HIS A 100 -15.40 -9.76 10.49
CA HIS A 100 -16.51 -8.88 10.19
C HIS A 100 -17.24 -8.47 11.46
N LYS A 101 -17.93 -9.42 12.09
CA LYS A 101 -18.71 -9.11 13.29
C LYS A 101 -17.93 -9.43 14.55
N ALA A 102 -17.25 -10.59 14.56
CA ALA A 102 -16.47 -11.06 15.70
C ALA A 102 -17.36 -11.40 16.89
N ARG A 103 -16.85 -12.23 17.79
CA ARG A 103 -17.57 -12.59 19.00
C ARG A 103 -16.80 -12.11 20.23
N VAL A 104 -17.44 -11.28 21.03
CA VAL A 104 -16.81 -10.74 22.22
C VAL A 104 -17.76 -10.81 23.42
N LEU A 105 -17.21 -11.13 24.59
CA LEU A 105 -17.99 -11.19 25.81
C LEU A 105 -17.58 -10.07 26.76
N ILE B 1 7.57 -0.64 -7.58
CA ILE B 1 6.28 0.04 -7.31
C ILE B 1 6.50 1.54 -7.18
N THR B 2 6.98 1.94 -6.00
CA THR B 2 7.11 3.35 -5.64
C THR B 2 5.77 4.10 -5.81
N PHE B 3 5.74 5.37 -5.48
CA PHE B 3 4.52 6.16 -5.63
C PHE B 3 4.13 6.22 -7.10
C MK8 B 4 3.91 5.21 -9.82
N MK8 B 4 5.16 6.19 -7.97
O MK8 B 4 2.85 5.56 -10.35
CA MK8 B 4 4.98 6.25 -9.43
CB MK8 B 4 6.31 5.92 -10.13
CD MK8 B 4 5.45 5.84 -12.52
CE MK8 B 4 4.53 6.76 -13.00
CG MK8 B 4 6.43 6.47 -11.55
CB1 MK8 B 4 4.53 7.67 -9.83
H MK8 B 4 6.06 6.12 -7.60
HB MK8 B 4 7.13 6.33 -9.55
HBA MK8 B 4 6.42 4.85 -10.17
HD MK8 B 4 5.99 5.43 -13.37
HDA MK8 B 4 4.92 5.05 -12.01
HE MK8 B 4 4.67 7.79 -12.77
HG MK8 B 4 6.26 7.53 -11.52
HGA MK8 B 4 7.44 6.27 -11.91
HB1 MK8 B 4 4.40 7.71 -10.90
HB1A MK8 B 4 3.60 7.89 -9.35
HB1B MK8 B 4 5.28 8.38 -9.52
N ASP B 5 4.18 3.92 -9.51
CA ASP B 5 3.29 2.82 -9.89
C ASP B 5 1.90 3.00 -9.31
N LEU B 6 1.84 3.58 -8.12
CA LEU B 6 0.57 3.89 -7.48
C LEU B 6 -0.24 4.83 -8.37
N LEU B 7 0.42 5.88 -8.86
CA LEU B 7 -0.20 6.84 -9.75
C LEU B 7 -0.57 6.18 -11.09
C MK8 B 8 -1.18 3.82 -12.79
N MK8 B 8 0.34 5.35 -11.62
O MK8 B 8 -2.04 3.84 -13.68
CA MK8 B 8 0.12 4.63 -12.91
CB MK8 B 8 1.26 3.64 -13.20
CD MK8 B 8 3.21 5.02 -14.06
CE MK8 B 8 3.42 6.37 -13.75
CG MK8 B 8 2.65 4.20 -12.92
CB1 MK8 B 8 0.00 5.61 -14.07
H MK8 B 8 1.18 5.22 -11.15
HB MK8 B 8 1.13 2.75 -12.58
HBA MK8 B 8 1.22 3.34 -14.23
HD MK8 B 8 4.16 4.60 -14.35
HDA MK8 B 8 2.53 4.97 -14.90
HE MK8 B 8 2.73 7.11 -14.11
HG MK8 B 8 2.58 4.83 -12.04
HGA MK8 B 8 3.31 3.39 -12.71
HB1 MK8 B 8 -0.19 5.06 -14.98
HB1A MK8 B 8 -0.81 6.29 -13.87
HB1B MK8 B 8 0.92 6.16 -14.17
N TYR B 9 -1.29 3.11 -11.68
CA TYR B 9 -2.43 2.25 -11.41
C TYR B 9 -3.75 3.03 -11.44
N TYR B 10 -3.79 4.14 -10.74
CA TYR B 10 -4.99 4.97 -10.69
C TYR B 10 -5.24 5.66 -12.02
N GLY B 11 -4.20 6.17 -12.64
CA GLY B 11 -4.33 6.75 -13.95
C GLY B 11 -3.40 7.94 -14.16
N LYS B 12 -3.96 9.13 -14.04
CA LYS B 12 -3.19 10.35 -14.23
C LYS B 12 -3.76 11.44 -13.33
N LYS B 13 -3.53 11.29 -12.02
CA LYS B 13 -4.19 12.09 -10.99
C LYS B 13 -5.65 11.68 -10.89
N LYS B 14 -6.30 11.59 -12.03
CA LYS B 14 -7.65 11.11 -12.15
C LYS B 14 -7.76 10.22 -13.39
N SER A 12 16.71 17.36 23.00
CA SER A 12 15.31 16.89 22.97
C SER A 12 14.39 17.97 23.54
N GLY A 13 13.13 17.94 23.15
CA GLY A 13 12.18 18.92 23.63
C GLY A 13 10.76 18.45 23.51
N LEU A 14 10.14 18.15 24.65
CA LEU A 14 8.75 17.70 24.67
C LEU A 14 7.83 18.90 24.83
N VAL A 15 7.24 19.33 23.73
CA VAL A 15 6.34 20.47 23.74
C VAL A 15 5.46 20.44 22.49
N PRO A 16 4.14 20.60 22.67
CA PRO A 16 3.18 20.62 21.56
C PRO A 16 3.32 21.87 20.69
N ARG A 17 3.98 21.74 19.56
CA ARG A 17 4.14 22.84 18.62
C ARG A 17 3.24 22.63 17.42
N GLY A 18 2.79 21.40 17.23
CA GLY A 18 1.87 21.10 16.15
C GLY A 18 2.35 19.92 15.33
N SER A 19 1.69 18.78 15.50
CA SER A 19 2.00 17.59 14.72
C SER A 19 1.15 17.54 13.45
N HIS A 20 1.04 18.68 12.79
CA HIS A 20 0.19 18.80 11.62
C HIS A 20 0.96 18.40 10.36
N MET A 21 1.21 17.11 10.21
CA MET A 21 1.89 16.57 9.05
C MET A 21 1.16 15.33 8.57
N THR A 22 1.34 14.99 7.29
CA THR A 22 0.71 13.82 6.72
C THR A 22 1.15 12.55 7.42
N SER A 23 0.22 11.95 8.15
CA SER A 23 0.50 10.76 8.94
C SER A 23 0.55 9.51 8.06
N ILE A 24 1.50 9.48 7.12
CA ILE A 24 1.67 8.35 6.23
C ILE A 24 2.26 7.16 6.98
N LEU A 25 3.04 7.44 8.02
CA LEU A 25 3.64 6.39 8.83
C LEU A 25 2.61 5.74 9.75
N ASP A 26 1.48 6.42 9.91
CA ASP A 26 0.38 5.89 10.71
C ASP A 26 -0.50 5.00 9.85
N ILE A 27 -0.33 5.12 8.54
CA ILE A 27 -1.12 4.35 7.60
C ILE A 27 -0.60 2.91 7.51
N ARG A 28 -1.28 2.03 8.22
CA ARG A 28 -0.96 0.61 8.16
C ARG A 28 -2.23 -0.17 7.86
N GLN A 29 -2.08 -1.32 7.23
CA GLN A 29 -3.22 -2.11 6.82
C GLN A 29 -3.89 -2.74 8.03
N GLY A 30 -5.21 -2.59 8.11
CA GLY A 30 -5.97 -3.28 9.13
C GLY A 30 -6.03 -4.76 8.83
N PRO A 31 -6.05 -5.62 9.87
CA PRO A 31 -6.05 -7.08 9.69
C PRO A 31 -7.26 -7.58 8.91
N LYS A 32 -8.29 -6.75 8.82
CA LYS A 32 -9.49 -7.08 8.07
C LYS A 32 -9.73 -6.04 6.98
N GLU A 33 -8.74 -5.18 6.77
CA GLU A 33 -8.84 -4.15 5.74
C GLU A 33 -8.36 -4.70 4.41
N PRO A 34 -9.22 -4.65 3.38
CA PRO A 34 -8.86 -5.06 2.03
C PRO A 34 -7.72 -4.21 1.49
N PHE A 35 -6.76 -4.87 0.84
CA PHE A 35 -5.56 -4.22 0.34
C PHE A 35 -5.90 -3.07 -0.60
N ARG A 36 -7.07 -3.15 -1.24
CA ARG A 36 -7.53 -2.08 -2.12
C ARG A 36 -7.78 -0.80 -1.32
N ASP A 37 -8.31 -0.96 -0.11
CA ASP A 37 -8.61 0.17 0.76
C ASP A 37 -7.37 0.65 1.48
N TYR A 38 -6.44 -0.28 1.72
CA TYR A 38 -5.14 0.09 2.26
C TYR A 38 -4.46 1.05 1.30
N VAL A 39 -4.44 0.68 0.03
CA VAL A 39 -3.90 1.52 -1.02
C VAL A 39 -4.71 2.82 -1.15
N ASP A 40 -6.02 2.72 -0.96
CA ASP A 40 -6.89 3.89 -1.05
C ASP A 40 -6.44 4.98 -0.08
N ARG A 41 -6.19 4.60 1.16
CA ARG A 41 -5.78 5.57 2.17
C ARG A 41 -4.31 5.90 2.03
N PHE A 42 -3.50 4.87 1.84
CA PHE A 42 -2.05 5.03 1.75
C PHE A 42 -1.69 6.00 0.62
N TYR A 43 -2.21 5.72 -0.57
CA TYR A 43 -1.95 6.55 -1.74
C TYR A 43 -2.45 7.98 -1.53
N LYS A 44 -3.66 8.15 -1.00
CA LYS A 44 -4.26 9.48 -0.92
C LYS A 44 -3.51 10.37 0.06
N THR A 45 -2.95 9.78 1.10
CA THR A 45 -2.15 10.52 2.05
C THR A 45 -0.73 10.73 1.52
N LEU A 46 -0.27 9.82 0.67
CA LEU A 46 1.10 9.85 0.16
C LEU A 46 1.30 10.98 -0.86
N ARG A 47 0.29 11.26 -1.68
CA ARG A 47 0.39 12.37 -2.63
C ARG A 47 0.46 13.70 -1.88
N ALA A 48 -0.14 13.74 -0.70
CA ALA A 48 -0.17 14.95 0.11
C ALA A 48 1.05 15.02 1.03
N GLU A 49 1.83 13.95 1.08
CA GLU A 49 3.04 13.87 1.91
C GLU A 49 3.92 15.10 1.71
N GLN A 50 4.29 15.74 2.81
CA GLN A 50 5.20 16.88 2.77
C GLN A 50 6.64 16.40 2.58
N ALA A 51 6.89 15.81 1.42
CA ALA A 51 8.20 15.35 1.03
C ALA A 51 8.38 15.50 -0.47
N SER A 52 9.61 15.49 -0.93
CA SER A 52 9.89 15.60 -2.36
C SER A 52 9.35 14.39 -3.11
N GLN A 53 9.09 14.56 -4.39
CA GLN A 53 8.46 13.51 -5.20
C GLN A 53 9.21 12.18 -5.08
N GLU A 54 10.50 12.19 -5.37
CA GLU A 54 11.27 10.95 -5.41
C GLU A 54 11.42 10.29 -4.04
N VAL A 55 11.33 11.09 -2.96
CA VAL A 55 11.49 10.52 -1.62
C VAL A 55 10.24 9.76 -1.22
N LYS A 56 9.07 10.28 -1.59
CA LYS A 56 7.81 9.64 -1.25
C LYS A 56 7.64 8.35 -2.05
N ASN A 57 8.25 8.30 -3.25
CA ASN A 57 8.23 7.08 -4.06
C ASN A 57 9.03 6.00 -3.35
N ALA A 58 10.17 6.38 -2.79
CA ALA A 58 11.02 5.44 -2.06
C ALA A 58 10.35 5.01 -0.77
N ALA A 59 9.56 5.91 -0.20
CA ALA A 59 8.85 5.63 1.04
C ALA A 59 7.81 4.52 0.84
N THR A 60 7.00 4.65 -0.20
CA THR A 60 5.95 3.68 -0.47
C THR A 60 6.55 2.29 -0.74
N GLU A 61 7.71 2.25 -1.38
CA GLU A 61 8.39 1.00 -1.67
C GLU A 61 8.63 0.20 -0.39
N THR A 62 9.00 0.90 0.66
CA THR A 62 9.27 0.27 1.93
C THR A 62 7.98 0.05 2.73
N LEU A 63 7.17 1.10 2.82
CA LEU A 63 5.96 1.07 3.63
C LEU A 63 4.92 0.10 3.08
N LEU A 64 4.90 -0.06 1.76
CA LEU A 64 3.94 -0.96 1.09
C LEU A 64 3.95 -2.35 1.74
N VAL A 65 5.13 -2.94 1.80
CA VAL A 65 5.28 -4.28 2.34
C VAL A 65 5.30 -4.24 3.87
N GLN A 66 5.98 -3.25 4.42
CA GLN A 66 6.19 -3.13 5.85
C GLN A 66 4.90 -2.85 6.62
N ASN A 67 4.09 -1.95 6.08
CA ASN A 67 2.89 -1.49 6.76
C ASN A 67 1.69 -2.38 6.43
N ALA A 68 1.92 -3.40 5.62
CA ALA A 68 0.89 -4.38 5.30
C ALA A 68 0.80 -5.41 6.42
N ASN A 69 -0.23 -6.25 6.39
CA ASN A 69 -0.37 -7.32 7.37
C ASN A 69 0.71 -8.36 7.12
N PRO A 70 1.22 -9.03 8.18
CA PRO A 70 2.27 -10.03 8.02
C PRO A 70 1.92 -11.07 6.96
N ASP A 71 0.66 -11.46 6.96
CA ASP A 71 0.13 -12.42 5.99
C ASP A 71 0.25 -11.87 4.58
N CYS A 72 -0.27 -10.66 4.37
CA CYS A 72 -0.21 -10.00 3.07
C CYS A 72 1.24 -9.76 2.66
N LYS A 73 2.05 -9.35 3.63
CA LYS A 73 3.47 -9.09 3.42
C LYS A 73 4.18 -10.33 2.89
N THR A 74 3.78 -11.49 3.37
CA THR A 74 4.33 -12.75 2.91
C THR A 74 4.04 -12.94 1.42
N ILE A 75 2.83 -12.58 1.01
CA ILE A 75 2.41 -12.68 -0.38
C ILE A 75 3.17 -11.67 -1.24
N LEU A 76 3.32 -10.45 -0.70
CA LEU A 76 4.04 -9.39 -1.39
C LEU A 76 5.49 -9.81 -1.67
N LYS A 77 6.07 -10.56 -0.74
CA LYS A 77 7.42 -11.05 -0.90
C LYS A 77 7.48 -12.16 -1.93
N ALA A 78 6.42 -12.97 -1.98
CA ALA A 78 6.35 -14.07 -2.94
C ALA A 78 6.21 -13.52 -4.37
N LEU A 79 5.54 -12.39 -4.49
CA LEU A 79 5.41 -11.73 -5.78
C LEU A 79 6.72 -11.10 -6.20
N GLY A 80 7.36 -10.39 -5.28
CA GLY A 80 8.64 -9.79 -5.55
C GLY A 80 8.52 -8.45 -6.24
N PRO A 81 9.65 -7.85 -6.61
CA PRO A 81 9.68 -6.54 -7.28
C PRO A 81 9.30 -6.62 -8.75
N ALA A 82 9.16 -7.84 -9.27
CA ALA A 82 8.82 -8.04 -10.68
C ALA A 82 7.31 -8.02 -10.90
N ALA A 83 6.57 -7.67 -9.86
CA ALA A 83 5.11 -7.57 -9.96
C ALA A 83 4.67 -6.16 -9.56
N THR A 84 3.51 -5.74 -10.07
CA THR A 84 3.06 -4.37 -9.90
C THR A 84 2.03 -4.24 -8.79
N LEU A 85 1.59 -3.01 -8.54
CA LEU A 85 0.58 -2.74 -7.51
C LEU A 85 -0.68 -3.57 -7.73
N GLU A 86 -1.17 -3.59 -8.97
CA GLU A 86 -2.41 -4.31 -9.29
C GLU A 86 -2.25 -5.79 -8.99
N GLU A 87 -1.04 -6.32 -9.14
CA GLU A 87 -0.77 -7.71 -8.79
C GLU A 87 -0.85 -7.87 -7.27
N MET A 88 -0.26 -6.91 -6.55
CA MET A 88 -0.26 -6.93 -5.08
C MET A 88 -1.69 -6.90 -4.55
N MET A 89 -2.51 -6.06 -5.15
CA MET A 89 -3.88 -5.84 -4.68
C MET A 89 -4.74 -7.09 -4.85
N THR A 90 -4.56 -7.77 -5.97
CA THR A 90 -5.34 -8.96 -6.27
C THR A 90 -4.75 -10.19 -5.58
N ALA A 91 -3.44 -10.18 -5.37
CA ALA A 91 -2.78 -11.26 -4.65
C ALA A 91 -3.17 -11.25 -3.17
N CYS A 92 -3.29 -10.06 -2.62
CA CYS A 92 -3.67 -9.88 -1.22
C CYS A 92 -5.18 -9.82 -1.07
N GLN A 93 -5.90 -10.36 -2.06
CA GLN A 93 -7.36 -10.40 -2.05
C GLN A 93 -7.88 -11.13 -0.81
N GLY A 94 -7.05 -11.99 -0.24
CA GLY A 94 -7.44 -12.73 0.95
C GLY A 94 -6.64 -14.02 1.08
N VAL A 95 -6.89 -14.96 0.19
CA VAL A 95 -6.19 -16.22 0.19
C VAL A 95 -4.89 -16.12 -0.62
N GLY A 96 -3.82 -16.65 -0.07
CA GLY A 96 -2.53 -16.61 -0.73
C GLY A 96 -1.63 -17.71 -0.25
N GLY A 97 -2.04 -18.94 -0.46
CA GLY A 97 -1.26 -20.08 -0.03
C GLY A 97 -0.54 -20.76 -1.19
N PRO A 98 0.76 -20.47 -1.37
CA PRO A 98 1.55 -21.04 -2.47
C PRO A 98 1.80 -22.54 -2.31
N GLY A 99 0.98 -23.34 -2.97
CA GLY A 99 1.16 -24.79 -2.94
C GLY A 99 0.93 -25.39 -1.58
N HIS A 100 -0.27 -25.20 -1.04
CA HIS A 100 -0.64 -25.79 0.24
C HIS A 100 -2.09 -26.25 0.20
N LYS A 101 -2.42 -27.24 1.03
CA LYS A 101 -3.77 -27.79 1.12
C LYS A 101 -4.20 -28.39 -0.21
N ALA A 102 -3.28 -29.12 -0.84
CA ALA A 102 -3.54 -29.73 -2.13
C ALA A 102 -4.29 -31.04 -1.96
N ARG A 103 -5.29 -31.26 -2.80
CA ARG A 103 -6.07 -32.49 -2.76
C ARG A 103 -6.01 -33.20 -4.11
N VAL A 104 -5.95 -34.52 -4.07
CA VAL A 104 -5.92 -35.32 -5.28
C VAL A 104 -7.33 -35.46 -5.86
N LEU A 105 -7.44 -35.52 -7.17
CA LEU A 105 -8.72 -35.65 -7.84
C LEU A 105 -8.76 -36.95 -8.63
N ILE B 1 6.86 -1.25 -6.59
CA ILE B 1 5.80 -0.48 -7.24
C ILE B 1 6.19 1.00 -7.37
N THR B 2 6.76 1.56 -6.29
CA THR B 2 6.92 3.00 -6.09
C THR B 2 5.63 3.79 -6.38
N PHE B 3 5.57 5.03 -5.89
CA PHE B 3 4.38 5.87 -6.02
C PHE B 3 3.95 5.99 -7.47
C MK8 B 4 3.61 4.93 -10.20
N MK8 B 4 4.93 5.94 -8.37
O MK8 B 4 2.68 5.23 -10.94
CA MK8 B 4 4.70 5.98 -9.83
CB MK8 B 4 6.02 5.76 -10.58
CD MK8 B 4 5.61 4.18 -12.54
CE MK8 B 4 5.55 5.36 -13.28
CG MK8 B 4 6.19 4.34 -11.13
CB1 MK8 B 4 4.19 7.37 -10.22
H MK8 B 4 5.86 5.86 -8.04
HB MK8 B 4 6.09 6.44 -11.42
HBA MK8 B 4 6.85 5.95 -9.91
HD MK8 B 4 6.22 3.48 -13.10
HDA MK8 B 4 4.60 3.79 -12.45
HE MK8 B 4 6.38 6.05 -13.25
HG MK8 B 4 7.24 4.10 -11.17
HGA MK8 B 4 5.68 3.66 -10.47
HB1 MK8 B 4 3.29 7.59 -9.67
HB1A MK8 B 4 4.94 8.11 -9.98
HB1B MK8 B 4 3.99 7.39 -11.28
N ASP B 5 3.73 3.73 -9.63
CA ASP B 5 2.76 2.65 -9.89
C ASP B 5 1.39 3.07 -9.39
N LEU B 6 1.38 3.62 -8.18
CA LEU B 6 0.15 4.11 -7.56
C LEU B 6 -0.57 5.12 -8.45
N LEU B 7 0.17 6.10 -8.93
CA LEU B 7 -0.40 7.15 -9.77
C LEU B 7 -0.91 6.57 -11.09
C MK8 B 8 -1.53 4.22 -12.97
N MK8 B 8 -0.06 5.78 -11.75
O MK8 B 8 -2.28 4.01 -13.92
CA MK8 B 8 -0.36 5.21 -13.09
CB MK8 B 8 0.88 4.49 -13.62
CD MK8 B 8 3.35 4.79 -14.10
CE MK8 B 8 4.43 5.67 -14.05
CG MK8 B 8 2.01 5.48 -13.86
CB1 MK8 B 8 -0.73 6.32 -14.07
H MK8 B 8 0.81 5.55 -11.32
HB MK8 B 8 1.21 3.76 -12.90
HBA MK8 B 8 0.65 4.00 -14.56
HD MK8 B 8 3.49 4.04 -13.35
HDA MK8 B 8 3.33 4.33 -15.08
HE MK8 B 8 4.40 6.59 -14.60
HG MK8 B 8 1.77 6.08 -14.73
HGA MK8 B 8 2.10 6.12 -13.00
HB1 MK8 B 8 -0.93 5.89 -15.04
HB1A MK8 B 8 -1.61 6.83 -13.71
HB1B MK8 B 8 0.09 7.02 -14.14
N TYR B 9 -1.67 3.62 -11.80
CA TYR B 9 -2.79 2.73 -11.53
C TYR B 9 -4.10 3.49 -11.58
N TYR B 10 -4.20 4.55 -10.79
CA TYR B 10 -5.40 5.36 -10.72
C TYR B 10 -5.59 6.20 -11.99
N GLY B 11 -4.48 6.65 -12.56
CA GLY B 11 -4.53 7.55 -13.70
C GLY B 11 -5.00 6.87 -14.98
N LYS B 12 -4.65 5.60 -15.15
CA LYS B 12 -5.00 4.87 -16.37
C LYS B 12 -6.38 4.22 -16.24
N LYS B 13 -7.42 5.04 -16.31
CA LYS B 13 -8.78 4.52 -16.26
C LYS B 13 -9.71 5.37 -17.12
N LYS B 14 -10.70 4.72 -17.70
CA LYS B 14 -11.75 5.40 -18.45
C LYS B 14 -12.91 4.44 -18.65
N SER A 12 6.94 29.79 12.25
CA SER A 12 6.27 29.23 13.44
C SER A 12 5.66 27.88 13.10
N GLY A 13 5.86 26.91 13.98
CA GLY A 13 5.31 25.59 13.76
C GLY A 13 5.95 24.54 14.63
N LEU A 14 5.15 23.88 15.46
CA LEU A 14 5.64 22.82 16.33
C LEU A 14 4.85 21.54 16.08
N VAL A 15 3.58 21.56 16.42
CA VAL A 15 2.73 20.39 16.31
C VAL A 15 1.64 20.63 15.25
N PRO A 16 1.35 19.61 14.41
CA PRO A 16 0.28 19.69 13.41
C PRO A 16 -1.11 19.64 14.03
N ARG A 17 -1.30 20.43 15.07
CA ARG A 17 -2.54 20.48 15.82
C ARG A 17 -3.62 21.18 15.00
N GLY A 18 -4.67 20.44 14.68
CA GLY A 18 -5.73 20.97 13.84
C GLY A 18 -5.48 20.71 12.37
N SER A 19 -4.39 20.02 12.08
CA SER A 19 -4.03 19.70 10.71
C SER A 19 -4.13 18.19 10.46
N HIS A 20 -3.18 17.43 11.01
CA HIS A 20 -3.15 15.97 10.84
C HIS A 20 -3.12 15.58 9.37
N MET A 21 -3.73 14.43 9.06
CA MET A 21 -3.78 13.87 7.71
C MET A 21 -2.44 13.27 7.30
N THR A 22 -1.42 14.10 7.28
CA THR A 22 -0.09 13.66 6.92
C THR A 22 0.50 12.79 8.04
N SER A 23 0.56 11.49 7.77
CA SER A 23 1.05 10.52 8.73
C SER A 23 1.25 9.16 8.05
N ILE A 24 2.13 9.14 7.06
CA ILE A 24 2.32 7.96 6.23
C ILE A 24 2.99 6.83 7.02
N LEU A 25 3.64 7.19 8.12
CA LEU A 25 4.34 6.21 8.95
C LEU A 25 3.36 5.48 9.85
N ASP A 26 2.16 6.03 9.98
CA ASP A 26 1.14 5.42 10.82
C ASP A 26 0.07 4.76 9.96
N ILE A 27 0.28 4.77 8.66
CA ILE A 27 -0.63 4.10 7.75
C ILE A 27 -0.32 2.61 7.71
N ARG A 28 -0.93 1.87 8.62
CA ARG A 28 -0.71 0.45 8.74
C ARG A 28 -1.91 -0.33 8.22
N GLN A 29 -1.67 -1.52 7.69
CA GLN A 29 -2.73 -2.39 7.18
C GLN A 29 -3.23 -3.31 8.29
N GLY A 30 -4.54 -3.42 8.42
CA GLY A 30 -5.12 -4.32 9.39
C GLY A 30 -5.06 -5.77 8.93
N PRO A 31 -5.11 -6.73 9.87
CA PRO A 31 -5.00 -8.16 9.54
C PRO A 31 -6.10 -8.63 8.59
N LYS A 32 -7.30 -8.09 8.75
CA LYS A 32 -8.43 -8.45 7.89
C LYS A 32 -8.66 -7.37 6.83
N GLU A 33 -7.78 -6.37 6.82
CA GLU A 33 -7.98 -5.21 5.97
C GLU A 33 -7.48 -5.46 4.56
N PRO A 34 -8.37 -5.27 3.57
CA PRO A 34 -8.04 -5.43 2.16
C PRO A 34 -6.94 -4.46 1.72
N PHE A 35 -5.95 -5.01 1.03
CA PHE A 35 -4.80 -4.24 0.57
C PHE A 35 -5.22 -3.09 -0.33
N ARG A 36 -6.33 -3.26 -1.05
CA ARG A 36 -6.84 -2.23 -1.94
C ARG A 36 -7.38 -1.03 -1.16
N ASP A 37 -8.01 -1.29 -0.02
CA ASP A 37 -8.55 -0.23 0.82
C ASP A 37 -7.42 0.44 1.59
N TYR A 38 -6.41 -0.35 1.90
CA TYR A 38 -5.20 0.16 2.56
C TYR A 38 -4.44 1.09 1.61
N VAL A 39 -4.23 0.63 0.39
CA VAL A 39 -3.53 1.41 -0.62
C VAL A 39 -4.27 2.69 -0.95
N ASP A 40 -5.60 2.62 -0.99
CA ASP A 40 -6.42 3.80 -1.30
C ASP A 40 -6.05 4.95 -0.38
N ARG A 41 -6.03 4.68 0.92
CA ARG A 41 -5.71 5.70 1.90
C ARG A 41 -4.24 6.08 1.81
N PHE A 42 -3.39 5.06 1.73
CA PHE A 42 -1.95 5.24 1.67
C PHE A 42 -1.58 6.19 0.53
N TYR A 43 -2.13 5.91 -0.64
CA TYR A 43 -1.91 6.73 -1.83
C TYR A 43 -2.38 8.18 -1.63
N LYS A 44 -3.55 8.37 -1.01
CA LYS A 44 -4.06 9.71 -0.76
C LYS A 44 -3.13 10.46 0.19
N THR A 45 -2.70 9.75 1.24
CA THR A 45 -1.81 10.32 2.23
C THR A 45 -0.47 10.70 1.60
N LEU A 46 0.08 9.81 0.77
CA LEU A 46 1.29 10.09 0.02
C LEU A 46 1.15 11.38 -0.77
N ARG A 47 0.03 11.49 -1.45
CA ARG A 47 -0.28 12.63 -2.29
C ARG A 47 -0.39 13.92 -1.45
N ALA A 48 -0.52 13.76 -0.14
CA ALA A 48 -0.62 14.90 0.77
C ALA A 48 0.69 15.11 1.54
N GLU A 49 1.55 14.10 1.54
CA GLU A 49 2.83 14.15 2.23
C GLU A 49 3.69 15.32 1.76
N GLN A 50 4.53 15.83 2.66
CA GLN A 50 5.37 16.97 2.36
C GLN A 50 6.76 16.51 1.91
N ALA A 51 6.81 15.97 0.72
CA ALA A 51 8.05 15.45 0.15
C ALA A 51 8.01 15.54 -1.37
N SER A 52 9.17 15.38 -2.00
CA SER A 52 9.25 15.39 -3.45
C SER A 52 8.73 14.07 -4.01
N GLN A 53 8.34 14.07 -5.28
CA GLN A 53 7.66 12.93 -5.90
C GLN A 53 8.48 11.65 -5.75
N GLU A 54 9.72 11.67 -6.22
CA GLU A 54 10.57 10.48 -6.18
C GLU A 54 10.87 10.06 -4.74
N VAL A 55 10.88 11.04 -3.83
CA VAL A 55 11.06 10.75 -2.42
C VAL A 55 9.87 9.98 -1.88
N LYS A 56 8.67 10.40 -2.30
CA LYS A 56 7.45 9.72 -1.92
C LYS A 56 7.44 8.29 -2.44
N ASN A 57 8.07 8.08 -3.61
CA ASN A 57 8.22 6.73 -4.13
C ASN A 57 9.08 5.92 -3.19
N ALA A 58 10.28 6.45 -2.92
CA ALA A 58 11.29 5.74 -2.13
C ALA A 58 10.76 5.32 -0.77
N ALA A 59 9.97 6.21 -0.16
CA ALA A 59 9.34 5.89 1.11
C ALA A 59 8.35 4.74 0.94
N THR A 60 7.47 4.87 -0.03
CA THR A 60 6.44 3.88 -0.30
C THR A 60 7.05 2.51 -0.60
N GLU A 61 8.15 2.51 -1.35
CA GLU A 61 8.80 1.28 -1.77
C GLU A 61 9.17 0.40 -0.57
N THR A 62 9.48 1.02 0.57
CA THR A 62 9.75 0.27 1.79
C THR A 62 8.50 0.16 2.68
N LEU A 63 7.77 1.27 2.81
CA LEU A 63 6.71 1.36 3.81
C LEU A 63 5.49 0.52 3.45
N LEU A 64 5.18 0.45 2.15
CA LEU A 64 3.99 -0.26 1.69
C LEU A 64 3.98 -1.71 2.17
N VAL A 65 5.11 -2.38 1.98
CA VAL A 65 5.22 -3.77 2.42
C VAL A 65 5.47 -3.85 3.92
N GLN A 66 6.19 -2.87 4.45
CA GLN A 66 6.57 -2.85 5.85
C GLN A 66 5.35 -2.73 6.76
N ASN A 67 4.47 -1.78 6.45
CA ASN A 67 3.33 -1.47 7.31
C ASN A 67 2.16 -2.40 7.03
N ALA A 68 2.37 -3.39 6.17
CA ALA A 68 1.37 -4.41 5.92
C ALA A 68 1.34 -5.41 7.06
N ASN A 69 0.26 -6.18 7.16
CA ASN A 69 0.15 -7.21 8.19
C ASN A 69 0.94 -8.45 7.76
N PRO A 70 1.42 -9.26 8.72
CA PRO A 70 2.32 -10.39 8.42
C PRO A 70 1.80 -11.31 7.31
N ASP A 71 0.50 -11.59 7.36
CA ASP A 71 -0.13 -12.51 6.42
C ASP A 71 -0.09 -11.96 5.01
N CYS A 72 -0.53 -10.72 4.85
CA CYS A 72 -0.54 -10.06 3.55
C CYS A 72 0.90 -9.81 3.09
N LYS A 73 1.77 -9.47 4.05
CA LYS A 73 3.18 -9.24 3.78
C LYS A 73 3.82 -10.49 3.17
N THR A 74 3.41 -11.65 3.64
CA THR A 74 3.88 -12.92 3.10
C THR A 74 3.51 -13.03 1.62
N ILE A 75 2.31 -12.57 1.29
CA ILE A 75 1.81 -12.64 -0.08
C ILE A 75 2.52 -11.61 -0.96
N LEU A 76 2.73 -10.42 -0.40
CA LEU A 76 3.41 -9.34 -1.12
C LEU A 76 4.83 -9.77 -1.50
N LYS A 77 5.48 -10.50 -0.62
CA LYS A 77 6.82 -11.01 -0.90
C LYS A 77 6.76 -12.19 -1.86
N ALA A 78 5.63 -12.89 -1.90
CA ALA A 78 5.44 -14.01 -2.81
C ALA A 78 5.44 -13.52 -4.26
N LEU A 79 4.91 -12.31 -4.48
CA LEU A 79 4.96 -11.67 -5.78
C LEU A 79 6.39 -11.36 -6.18
N GLY A 80 7.15 -10.86 -5.22
CA GLY A 80 8.51 -10.43 -5.48
C GLY A 80 8.54 -8.99 -5.93
N PRO A 81 9.73 -8.43 -6.18
CA PRO A 81 9.88 -7.06 -6.67
C PRO A 81 9.60 -6.96 -8.17
N ALA A 82 9.34 -8.10 -8.79
CA ALA A 82 9.08 -8.17 -10.23
C ALA A 82 7.57 -8.23 -10.50
N ALA A 83 6.80 -7.64 -9.62
CA ALA A 83 5.36 -7.54 -9.78
C ALA A 83 4.91 -6.13 -9.43
N THR A 84 3.74 -5.75 -9.92
CA THR A 84 3.27 -4.38 -9.74
C THR A 84 2.09 -4.32 -8.77
N LEU A 85 1.54 -3.13 -8.57
CA LEU A 85 0.46 -2.94 -7.61
C LEU A 85 -0.73 -3.83 -7.92
N GLU A 86 -1.02 -4.00 -9.20
CA GLU A 86 -2.17 -4.75 -9.66
C GLU A 86 -2.11 -6.21 -9.19
N GLU A 87 -0.90 -6.78 -9.19
CA GLU A 87 -0.72 -8.15 -8.76
C GLU A 87 -1.00 -8.27 -7.27
N MET A 88 -0.62 -7.22 -6.55
CA MET A 88 -0.80 -7.20 -5.10
C MET A 88 -2.27 -7.12 -4.75
N MET A 89 -3.01 -6.32 -5.50
CA MET A 89 -4.44 -6.16 -5.30
C MET A 89 -5.15 -7.49 -5.47
N THR A 90 -4.83 -8.17 -6.56
CA THR A 90 -5.40 -9.47 -6.86
C THR A 90 -4.89 -10.53 -5.88
N ALA A 91 -3.65 -10.36 -5.43
CA ALA A 91 -3.06 -11.27 -4.46
C ALA A 91 -3.82 -11.24 -3.14
N CYS A 92 -4.22 -10.05 -2.73
CA CYS A 92 -4.98 -9.87 -1.49
C CYS A 92 -6.37 -10.46 -1.63
N GLN A 93 -6.87 -10.52 -2.86
CA GLN A 93 -8.19 -11.08 -3.14
C GLN A 93 -8.21 -12.57 -2.83
N GLY A 94 -7.04 -13.19 -2.90
CA GLY A 94 -6.92 -14.60 -2.60
C GLY A 94 -5.84 -15.25 -3.42
N VAL A 95 -4.74 -15.62 -2.76
CA VAL A 95 -3.62 -16.25 -3.43
C VAL A 95 -4.02 -17.64 -3.96
N GLY A 96 -3.58 -17.96 -5.17
CA GLY A 96 -3.96 -19.22 -5.78
C GLY A 96 -2.95 -20.31 -5.54
N GLY A 97 -2.33 -20.29 -4.37
CA GLY A 97 -1.34 -21.29 -4.02
C GLY A 97 0.04 -20.93 -4.53
N PRO A 98 0.93 -20.44 -3.65
CA PRO A 98 2.31 -20.14 -4.01
C PRO A 98 3.21 -21.37 -3.87
N GLY A 99 3.20 -22.22 -4.87
CA GLY A 99 3.92 -23.48 -4.80
C GLY A 99 4.95 -23.62 -5.90
N HIS A 100 5.88 -22.68 -5.97
CA HIS A 100 6.94 -22.75 -6.95
C HIS A 100 8.29 -22.49 -6.28
N LYS A 101 9.19 -23.47 -6.41
CA LYS A 101 10.53 -23.40 -5.82
C LYS A 101 10.47 -23.39 -4.30
N ALA A 102 10.48 -24.58 -3.71
CA ALA A 102 10.52 -24.70 -2.26
C ALA A 102 11.96 -24.75 -1.80
N ARG A 103 12.31 -23.89 -0.86
CA ARG A 103 13.69 -23.79 -0.40
C ARG A 103 14.01 -24.86 0.64
N VAL A 104 15.22 -25.40 0.54
CA VAL A 104 15.68 -26.46 1.41
C VAL A 104 16.32 -25.88 2.66
N LEU A 105 16.16 -26.56 3.79
CA LEU A 105 16.75 -26.12 5.04
C LEU A 105 18.22 -26.52 5.08
N ILE B 1 3.56 -0.03 -6.25
CA ILE B 1 4.63 -0.36 -5.29
C ILE B 1 5.42 0.90 -4.90
N THR B 2 5.58 1.82 -5.84
CA THR B 2 6.13 3.13 -5.53
C THR B 2 5.00 4.16 -5.70
N PHE B 3 5.21 5.40 -5.28
CA PHE B 3 4.16 6.40 -5.42
C PHE B 3 3.87 6.69 -6.89
C MK8 B 4 3.77 5.82 -9.66
N MK8 B 4 4.93 6.66 -7.71
O MK8 B 4 2.78 6.15 -10.31
CA MK8 B 4 4.80 6.86 -9.18
CB MK8 B 4 6.13 6.61 -9.90
CD MK8 B 4 6.30 5.69 -12.26
CE MK8 B 4 5.34 4.70 -12.08
CG MK8 B 4 6.06 6.92 -11.39
CB1 MK8 B 4 4.32 8.27 -9.48
H MK8 B 4 5.82 6.52 -7.34
HB MK8 B 4 6.89 7.23 -9.45
HBA MK8 B 4 6.41 5.57 -9.78
HD MK8 B 4 6.28 5.99 -13.30
HDA MK8 B 4 7.26 5.29 -12.02
HE MK8 B 4 5.55 3.88 -11.41
HG MK8 B 4 5.08 7.31 -11.61
HGA MK8 B 4 6.81 7.67 -11.63
HB1 MK8 B 4 5.08 8.98 -9.17
HB1A MK8 B 4 4.15 8.38 -10.54
HB1B MK8 B 4 3.39 8.47 -8.95
N ASP B 5 4.02 4.58 -9.29
CA ASP B 5 3.19 3.45 -9.70
C ASP B 5 1.76 3.66 -9.23
N LEU B 6 1.63 4.12 -8.00
CA LEU B 6 0.32 4.39 -7.42
C LEU B 6 -0.43 5.42 -8.26
N LEU B 7 0.25 6.49 -8.60
CA LEU B 7 -0.33 7.53 -9.44
C LEU B 7 -0.73 6.98 -10.80
C MK8 B 8 -1.05 4.73 -12.85
N MK8 B 8 0.21 6.33 -11.47
O MK8 B 8 -1.70 4.50 -13.87
CA MK8 B 8 0.04 5.82 -12.84
CB MK8 B 8 1.36 5.25 -13.33
CD MK8 B 8 3.82 5.76 -13.63
CE MK8 B 8 4.13 4.73 -12.75
CG MK8 B 8 2.43 6.34 -13.41
CB1 MK8 B 8 -0.36 6.95 -13.78
H MK8 B 8 1.08 6.18 -11.01
HB MK8 B 8 1.69 4.47 -12.65
HBA MK8 B 8 1.24 4.82 -14.31
HD MK8 B 8 3.88 5.37 -14.63
HDA MK8 B 8 4.55 6.55 -13.49
HE MK8 B 8 3.40 3.96 -12.59
HG MK8 B 8 2.19 7.00 -14.23
HGA MK8 B 8 2.43 6.89 -12.48
HB1 MK8 B 8 0.40 7.72 -13.76
HB1A MK8 B 8 -0.45 6.57 -14.78
HB1B MK8 B 8 -1.30 7.36 -13.46
N TYR B 9 -1.22 4.07 -11.72
CA TYR B 9 -2.26 3.05 -11.58
C TYR B 9 -3.64 3.70 -11.54
N TYR B 10 -3.82 4.63 -10.60
CA TYR B 10 -5.11 5.30 -10.42
C TYR B 10 -5.44 6.24 -11.58
N GLY B 11 -4.46 7.01 -12.01
CA GLY B 11 -4.70 8.02 -13.01
C GLY B 11 -3.92 7.79 -14.29
N LYS B 12 -4.24 6.70 -14.97
CA LYS B 12 -3.59 6.39 -16.25
C LYS B 12 -4.44 6.91 -17.40
N LYS B 13 -5.31 7.86 -17.08
CA LYS B 13 -6.16 8.49 -18.07
C LYS B 13 -5.44 9.64 -18.77
N LYS B 14 -4.16 9.80 -18.45
CA LYS B 14 -3.31 10.74 -19.15
C LYS B 14 -1.91 10.16 -19.32
N SER A 12 6.36 18.09 25.93
CA SER A 12 5.35 17.24 26.59
C SER A 12 3.97 17.46 25.98
N GLY A 13 3.58 16.60 25.06
CA GLY A 13 2.27 16.69 24.44
C GLY A 13 2.21 17.78 23.39
N LEU A 14 1.01 18.33 23.19
CA LEU A 14 0.78 19.39 22.20
C LEU A 14 1.03 18.89 20.77
N VAL A 15 0.92 19.81 19.81
CA VAL A 15 1.14 19.54 18.38
C VAL A 15 0.69 18.14 17.94
N PRO A 16 -0.64 17.91 17.92
CA PRO A 16 -1.21 16.61 17.56
C PRO A 16 -0.85 16.18 16.14
N ARG A 17 -0.90 14.88 15.90
CA ARG A 17 -0.58 14.34 14.58
C ARG A 17 -1.52 14.92 13.53
N GLY A 18 -2.80 14.99 13.87
CA GLY A 18 -3.80 15.51 12.94
C GLY A 18 -3.70 17.01 12.73
N SER A 19 -2.76 17.64 13.42
CA SER A 19 -2.50 19.07 13.24
C SER A 19 -1.51 19.26 12.09
N HIS A 20 -1.00 18.15 11.59
CA HIS A 20 -0.05 18.16 10.49
C HIS A 20 -0.51 17.22 9.38
N MET A 21 -0.17 17.56 8.15
CA MET A 21 -0.50 16.72 7.00
C MET A 21 0.56 15.65 6.84
N THR A 22 0.71 14.83 7.88
CA THR A 22 1.67 13.75 7.92
C THR A 22 1.06 12.57 8.64
N SER A 23 0.49 11.63 7.90
CA SER A 23 -0.26 10.54 8.51
C SER A 23 0.07 9.18 7.89
N ILE A 24 0.97 9.15 6.91
CA ILE A 24 1.43 7.90 6.32
C ILE A 24 2.00 6.97 7.39
N LEU A 25 2.65 7.56 8.38
CA LEU A 25 3.24 6.80 9.49
C LEU A 25 2.17 6.00 10.25
N ASP A 26 0.94 6.50 10.26
CA ASP A 26 -0.14 5.83 10.96
C ASP A 26 -0.86 4.87 10.02
N ILE A 27 -0.81 5.18 8.73
CA ILE A 27 -1.48 4.36 7.72
C ILE A 27 -0.89 2.97 7.67
N ARG A 28 -1.68 1.99 8.09
CA ARG A 28 -1.28 0.59 8.06
C ARG A 28 -2.49 -0.27 7.78
N GLN A 29 -2.26 -1.46 7.27
CA GLN A 29 -3.33 -2.35 6.91
C GLN A 29 -3.87 -3.08 8.13
N GLY A 30 -5.13 -2.82 8.45
CA GLY A 30 -5.78 -3.51 9.55
C GLY A 30 -5.97 -4.98 9.25
N PRO A 31 -6.20 -5.80 10.28
CA PRO A 31 -6.27 -7.26 10.14
C PRO A 31 -7.37 -7.74 9.19
N LYS A 32 -8.38 -6.90 8.97
CA LYS A 32 -9.44 -7.23 8.03
C LYS A 32 -9.45 -6.26 6.86
N GLU A 33 -8.41 -5.43 6.77
CA GLU A 33 -8.28 -4.48 5.67
C GLU A 33 -7.74 -5.17 4.43
N PRO A 34 -8.48 -5.08 3.31
CA PRO A 34 -7.98 -5.52 2.02
C PRO A 34 -6.94 -4.56 1.49
N PHE A 35 -6.02 -5.07 0.67
CA PHE A 35 -4.99 -4.24 0.06
C PHE A 35 -5.64 -3.18 -0.83
N ARG A 36 -6.83 -3.49 -1.30
CA ARG A 36 -7.63 -2.58 -2.11
C ARG A 36 -7.93 -1.29 -1.33
N ASP A 37 -8.47 -1.45 -0.13
CA ASP A 37 -8.82 -0.30 0.71
C ASP A 37 -7.58 0.30 1.35
N TYR A 38 -6.60 -0.55 1.61
CA TYR A 38 -5.34 -0.12 2.18
C TYR A 38 -4.64 0.87 1.26
N VAL A 39 -4.53 0.50 -0.02
CA VAL A 39 -3.91 1.36 -1.02
C VAL A 39 -4.69 2.65 -1.21
N ASP A 40 -6.01 2.56 -1.14
CA ASP A 40 -6.86 3.74 -1.32
C ASP A 40 -6.46 4.87 -0.38
N ARG A 41 -6.32 4.56 0.91
CA ARG A 41 -6.03 5.58 1.90
C ARG A 41 -4.53 5.83 2.02
N PHE A 42 -3.73 4.83 1.67
CA PHE A 42 -2.27 4.99 1.65
C PHE A 42 -1.89 6.00 0.58
N TYR A 43 -2.39 5.76 -0.62
CA TYR A 43 -2.09 6.59 -1.79
C TYR A 43 -2.50 8.05 -1.56
N LYS A 44 -3.74 8.29 -1.14
CA LYS A 44 -4.24 9.65 -1.00
C LYS A 44 -3.52 10.42 0.10
N THR A 45 -3.03 9.70 1.10
CA THR A 45 -2.24 10.32 2.15
C THR A 45 -0.83 10.62 1.66
N LEU A 46 -0.28 9.70 0.88
CA LEU A 46 1.08 9.84 0.36
C LEU A 46 1.19 11.03 -0.59
N ARG A 47 0.10 11.34 -1.29
CA ARG A 47 0.05 12.55 -2.11
C ARG A 47 0.19 13.78 -1.23
N ALA A 48 -0.48 13.74 -0.08
CA ALA A 48 -0.52 14.88 0.83
C ALA A 48 0.80 15.09 1.56
N GLU A 49 1.52 13.99 1.79
CA GLU A 49 2.82 14.03 2.44
C GLU A 49 3.74 15.03 1.74
N GLN A 50 4.49 15.79 2.52
CA GLN A 50 5.41 16.77 1.97
C GLN A 50 6.77 16.14 1.69
N ALA A 51 7.02 15.85 0.42
CA ALA A 51 8.26 15.21 -0.01
C ALA A 51 8.30 15.14 -1.53
N SER A 52 9.50 15.12 -2.09
CA SER A 52 9.65 14.94 -3.52
C SER A 52 9.18 13.54 -3.92
N GLN A 53 8.55 13.45 -5.08
CA GLN A 53 7.83 12.26 -5.51
C GLN A 53 8.74 11.04 -5.65
N GLU A 54 9.97 11.28 -6.10
CA GLU A 54 10.95 10.21 -6.24
C GLU A 54 11.47 9.78 -4.86
N VAL A 55 11.36 10.68 -3.89
CA VAL A 55 11.66 10.33 -2.51
C VAL A 55 10.49 9.53 -1.93
N LYS A 56 9.28 9.97 -2.28
CA LYS A 56 8.06 9.29 -1.86
C LYS A 56 8.04 7.85 -2.35
N ASN A 57 8.28 7.65 -3.64
CA ASN A 57 8.21 6.32 -4.21
C ASN A 57 9.33 5.44 -3.67
N ALA A 58 10.49 6.02 -3.42
CA ALA A 58 11.62 5.28 -2.85
C ALA A 58 11.29 4.77 -1.45
N ALA A 59 10.62 5.61 -0.67
CA ALA A 59 10.25 5.24 0.69
C ALA A 59 9.11 4.23 0.72
N THR A 60 8.09 4.47 -0.09
CA THR A 60 6.91 3.61 -0.09
C THR A 60 7.24 2.19 -0.55
N GLU A 61 8.21 2.04 -1.47
CA GLU A 61 8.65 0.71 -1.91
C GLU A 61 8.90 -0.17 -0.69
N THR A 62 9.51 0.42 0.30
CA THR A 62 9.89 -0.27 1.51
C THR A 62 8.69 -0.44 2.45
N LEU A 63 8.11 0.67 2.88
CA LEU A 63 7.18 0.66 3.99
C LEU A 63 5.74 0.30 3.62
N LEU A 64 5.39 0.37 2.33
CA LEU A 64 4.05 -0.04 1.88
C LEU A 64 3.76 -1.48 2.26
N VAL A 65 4.71 -2.36 1.98
CA VAL A 65 4.58 -3.78 2.29
C VAL A 65 4.76 -4.00 3.80
N GLN A 66 5.56 -3.13 4.41
CA GLN A 66 5.86 -3.19 5.83
C GLN A 66 4.63 -2.96 6.69
N ASN A 67 3.78 -2.02 6.29
CA ASN A 67 2.63 -1.64 7.08
C ASN A 67 1.42 -2.53 6.79
N ALA A 68 1.66 -3.64 6.09
CA ALA A 68 0.60 -4.60 5.82
C ALA A 68 0.58 -5.68 6.91
N ASN A 69 -0.44 -6.53 6.89
CA ASN A 69 -0.53 -7.63 7.85
C ASN A 69 0.57 -8.65 7.60
N PRO A 70 0.98 -9.41 8.62
CA PRO A 70 2.06 -10.40 8.49
C PRO A 70 1.82 -11.36 7.32
N ASP A 71 0.58 -11.84 7.23
CA ASP A 71 0.17 -12.75 6.17
C ASP A 71 0.36 -12.09 4.81
N CYS A 72 -0.24 -10.92 4.67
CA CYS A 72 -0.24 -10.19 3.41
C CYS A 72 1.18 -9.77 3.03
N LYS A 73 1.94 -9.32 4.02
CA LYS A 73 3.31 -8.90 3.82
C LYS A 73 4.16 -10.03 3.25
N THR A 74 3.82 -11.25 3.65
CA THR A 74 4.51 -12.44 3.16
C THR A 74 4.08 -12.74 1.72
N ILE A 75 2.82 -12.52 1.42
CA ILE A 75 2.30 -12.72 0.08
C ILE A 75 2.87 -11.68 -0.87
N LEU A 76 2.94 -10.44 -0.40
CA LEU A 76 3.45 -9.33 -1.20
C LEU A 76 4.95 -9.51 -1.47
N LYS A 77 5.70 -9.97 -0.47
CA LYS A 77 7.13 -10.19 -0.65
C LYS A 77 7.38 -11.37 -1.57
N ALA A 78 6.44 -12.32 -1.59
CA ALA A 78 6.54 -13.46 -2.50
C ALA A 78 6.47 -12.99 -3.94
N LEU A 79 5.66 -11.98 -4.18
CA LEU A 79 5.60 -11.33 -5.48
C LEU A 79 6.88 -10.55 -5.71
N GLY A 80 7.21 -9.70 -4.75
CA GLY A 80 8.42 -8.90 -4.85
C GLY A 80 8.21 -7.62 -5.64
N PRO A 81 9.18 -6.69 -5.60
CA PRO A 81 9.10 -5.42 -6.33
C PRO A 81 9.11 -5.60 -7.84
N ALA A 82 9.37 -6.82 -8.29
CA ALA A 82 9.37 -7.14 -9.72
C ALA A 82 7.95 -7.28 -10.24
N ALA A 83 6.98 -7.23 -9.34
CA ALA A 83 5.58 -7.25 -9.71
C ALA A 83 4.98 -5.87 -9.45
N THR A 84 3.84 -5.59 -10.06
CA THR A 84 3.30 -4.23 -10.02
C THR A 84 2.24 -4.10 -8.94
N LEU A 85 1.63 -2.93 -8.85
CA LEU A 85 0.61 -2.67 -7.84
C LEU A 85 -0.56 -3.62 -8.00
N GLU A 86 -0.97 -3.85 -9.25
CA GLU A 86 -2.13 -4.67 -9.55
C GLU A 86 -1.94 -6.10 -9.04
N GLU A 87 -0.74 -6.63 -9.22
CA GLU A 87 -0.42 -7.97 -8.71
C GLU A 87 -0.65 -8.05 -7.21
N MET A 88 -0.23 -7.01 -6.51
CA MET A 88 -0.34 -6.97 -5.06
C MET A 88 -1.80 -6.98 -4.64
N MET A 89 -2.60 -6.18 -5.34
CA MET A 89 -4.01 -6.04 -5.02
C MET A 89 -4.77 -7.33 -5.32
N THR A 90 -4.44 -7.96 -6.44
CA THR A 90 -5.06 -9.21 -6.84
C THR A 90 -4.55 -10.38 -5.98
N ALA A 91 -3.36 -10.24 -5.43
CA ALA A 91 -2.81 -11.25 -4.54
C ALA A 91 -3.44 -11.16 -3.16
N CYS A 92 -3.56 -9.94 -2.66
CA CYS A 92 -4.08 -9.71 -1.33
C CYS A 92 -5.61 -9.50 -1.37
N GLN A 93 -6.23 -9.96 -2.45
CA GLN A 93 -7.68 -9.91 -2.53
C GLN A 93 -8.28 -11.25 -2.09
N GLY A 94 -7.40 -12.21 -1.83
CA GLY A 94 -7.84 -13.52 -1.43
C GLY A 94 -7.15 -14.61 -2.22
N VAL A 95 -5.93 -14.94 -1.83
CA VAL A 95 -5.15 -15.96 -2.53
C VAL A 95 -5.39 -17.34 -1.93
N GLY A 96 -5.33 -18.36 -2.77
CA GLY A 96 -5.53 -19.72 -2.29
C GLY A 96 -5.22 -20.73 -3.37
N GLY A 97 -4.00 -20.67 -3.89
CA GLY A 97 -3.58 -21.59 -4.93
C GLY A 97 -3.16 -22.94 -4.37
N PRO A 98 -1.91 -23.07 -3.90
CA PRO A 98 -1.40 -24.29 -3.28
C PRO A 98 -1.83 -24.42 -1.82
N GLY A 99 -3.14 -24.49 -1.60
CA GLY A 99 -3.68 -24.56 -0.25
C GLY A 99 -3.17 -25.75 0.53
N HIS A 100 -3.13 -26.91 -0.11
CA HIS A 100 -2.65 -28.14 0.55
C HIS A 100 -1.12 -28.21 0.55
N LYS A 101 -0.47 -27.09 0.33
CA LYS A 101 0.97 -26.99 0.47
C LYS A 101 1.29 -25.99 1.57
N ALA A 102 1.06 -26.40 2.81
CA ALA A 102 1.19 -25.51 3.94
C ALA A 102 2.48 -25.75 4.71
N ARG A 103 3.31 -26.65 4.23
CA ARG A 103 4.56 -26.95 4.91
C ARG A 103 5.64 -27.34 3.93
N VAL A 104 6.83 -26.79 4.12
CA VAL A 104 8.01 -27.19 3.38
C VAL A 104 9.12 -27.58 4.35
N LEU A 105 8.99 -27.10 5.58
CA LEU A 105 9.93 -27.42 6.65
C LEU A 105 9.33 -26.95 7.97
N ILE B 1 3.57 -0.48 -6.72
CA ILE B 1 4.19 -0.76 -5.40
C ILE B 1 4.91 0.48 -4.89
N THR B 2 5.31 1.34 -5.82
CA THR B 2 5.84 2.65 -5.46
C THR B 2 4.75 3.69 -5.73
N PHE B 3 4.98 4.94 -5.34
CA PHE B 3 4.00 6.00 -5.55
C PHE B 3 3.74 6.19 -7.05
C MK8 B 4 3.62 5.21 -9.82
N MK8 B 4 4.81 6.00 -7.85
O MK8 B 4 2.72 5.65 -10.54
CA MK8 B 4 4.76 6.12 -9.32
CB MK8 B 4 6.11 5.66 -9.90
CD MK8 B 4 5.49 5.70 -12.34
CE MK8 B 4 5.26 6.64 -13.31
CG MK8 B 4 6.42 6.22 -11.27
CB1 MK8 B 4 4.49 7.58 -9.71
H MK8 B 4 5.65 5.74 -7.42
HB MK8 B 4 6.90 5.97 -9.24
HBA MK8 B 4 6.11 4.60 -9.98
HD MK8 B 4 5.93 4.84 -12.81
HDA MK8 B 4 4.54 5.42 -11.89
HE MK8 B 4 6.01 7.40 -13.44
HG MK8 B 4 6.33 7.30 -11.23
HGA MK8 B 4 7.43 5.96 -11.53
HB1 MK8 B 4 4.43 7.66 -10.79
HB1A MK8 B 4 3.58 7.92 -9.27
HB1B MK8 B 4 5.31 8.20 -9.36
N ASP B 5 3.66 3.94 -9.39
CA ASP B 5 2.67 2.95 -9.81
C ASP B 5 1.29 3.38 -9.36
N LEU B 6 1.23 3.91 -8.15
CA LEU B 6 -0.03 4.33 -7.55
C LEU B 6 -0.72 5.40 -8.37
N LEU B 7 0.03 6.42 -8.72
CA LEU B 7 -0.51 7.54 -9.49
C LEU B 7 -1.08 7.06 -10.82
C MK8 B 8 -1.72 4.82 -12.88
N MK8 B 8 -0.26 6.32 -11.56
O MK8 B 8 -2.42 4.60 -13.87
CA MK8 B 8 -0.58 5.85 -12.93
CB MK8 B 8 0.68 5.24 -13.53
CD MK8 B 8 3.14 5.66 -13.92
CE MK8 B 8 4.11 6.64 -14.08
CG MK8 B 8 1.81 6.25 -13.51
CB1 MK8 B 8 -0.99 7.03 -13.81
H MK8 B 8 0.61 6.06 -11.17
HB MK8 B 8 0.98 4.38 -12.94
HBA MK8 B 8 0.49 4.93 -14.54
HD MK8 B 8 3.47 4.99 -13.14
HDA MK8 B 8 3.03 5.13 -14.84
HE MK8 B 8 3.98 7.41 -14.82
HG MK8 B 8 1.55 7.05 -14.21
HGA MK8 B 8 1.89 6.67 -12.53
HB1 MK8 B 8 -0.21 7.77 -13.79
HB1A MK8 B 8 -1.15 6.69 -14.81
HB1B MK8 B 8 -1.90 7.46 -13.42
N TYR B 9 -1.88 4.19 -11.73
CA TYR B 9 -2.93 3.21 -11.53
C TYR B 9 -4.30 3.87 -11.49
N TYR B 10 -4.46 4.81 -10.56
CA TYR B 10 -5.72 5.54 -10.43
C TYR B 10 -5.90 6.55 -11.56
N GLY B 11 -4.85 7.31 -11.83
CA GLY B 11 -4.94 8.36 -12.83
C GLY B 11 -4.59 7.86 -14.22
N LYS B 12 -5.29 6.82 -14.66
CA LYS B 12 -5.05 6.26 -15.97
C LYS B 12 -5.58 7.20 -17.04
N LYS B 13 -4.67 7.65 -17.87
CA LYS B 13 -4.98 8.56 -18.97
C LYS B 13 -6.14 8.03 -19.81
N LYS B 14 -6.99 8.92 -20.25
CA LYS B 14 -8.15 8.55 -21.05
C LYS B 14 -7.87 8.77 -22.52
N SER A 12 -9.88 15.56 6.63
CA SER A 12 -9.29 15.43 5.29
C SER A 12 -9.71 16.61 4.42
N GLY A 13 -9.10 16.73 3.24
CA GLY A 13 -9.42 17.82 2.35
C GLY A 13 -8.39 18.92 2.42
N LEU A 14 -8.85 20.16 2.54
CA LEU A 14 -7.96 21.31 2.60
C LEU A 14 -7.57 21.59 4.04
N VAL A 15 -8.38 21.10 4.97
CA VAL A 15 -8.08 21.23 6.38
C VAL A 15 -7.97 19.86 7.04
N PRO A 16 -7.14 19.72 8.08
CA PRO A 16 -6.93 18.43 8.76
C PRO A 16 -8.23 17.81 9.27
N ARG A 17 -8.89 18.51 10.20
CA ARG A 17 -10.07 17.98 10.88
C ARG A 17 -9.73 16.66 11.57
N GLY A 18 -8.67 16.69 12.37
CA GLY A 18 -8.24 15.51 13.08
C GLY A 18 -6.77 15.55 13.42
N SER A 19 -6.41 14.92 14.52
CA SER A 19 -5.03 14.84 14.94
C SER A 19 -4.47 13.45 14.66
N HIS A 20 -3.15 13.36 14.52
CA HIS A 20 -2.47 12.12 14.18
C HIS A 20 -2.88 11.67 12.78
N MET A 21 -2.59 12.50 11.80
CA MET A 21 -2.82 12.18 10.41
C MET A 21 -1.78 12.88 9.55
N THR A 22 -1.71 12.49 8.28
CA THR A 22 -0.80 13.08 7.33
C THR A 22 0.66 12.84 7.78
N SER A 23 0.99 11.60 8.03
CA SER A 23 2.36 11.18 8.28
C SER A 23 2.66 9.88 7.56
N ILE A 24 1.63 9.38 6.86
CA ILE A 24 1.71 8.17 6.04
C ILE A 24 1.70 6.89 6.91
N LEU A 25 2.30 6.98 8.09
CA LEU A 25 2.33 5.85 9.03
C LEU A 25 0.97 5.71 9.72
N ASP A 26 0.09 6.65 9.44
CA ASP A 26 -1.28 6.60 9.94
C ASP A 26 -2.03 5.52 9.19
N ILE A 27 -1.51 5.21 8.01
CA ILE A 27 -2.14 4.27 7.12
C ILE A 27 -1.52 2.89 7.26
N ARG A 28 -1.98 2.14 8.24
CA ARG A 28 -1.51 0.79 8.43
C ARG A 28 -2.63 -0.19 8.05
N GLN A 29 -2.25 -1.36 7.56
CA GLN A 29 -3.21 -2.36 7.14
C GLN A 29 -3.77 -3.09 8.36
N GLY A 30 -5.06 -2.91 8.62
CA GLY A 30 -5.71 -3.62 9.70
C GLY A 30 -5.70 -5.12 9.48
N PRO A 31 -5.97 -5.93 10.52
CA PRO A 31 -5.82 -7.39 10.45
C PRO A 31 -6.65 -8.01 9.34
N LYS A 32 -7.82 -7.43 9.09
CA LYS A 32 -8.69 -7.89 8.02
C LYS A 32 -9.03 -6.74 7.09
N GLU A 33 -8.06 -5.83 6.93
CA GLU A 33 -8.20 -4.71 6.00
C GLU A 33 -7.80 -5.14 4.60
N PRO A 34 -8.67 -4.90 3.60
CA PRO A 34 -8.36 -5.22 2.20
C PRO A 34 -7.23 -4.35 1.68
N PHE A 35 -6.31 -4.98 0.95
CA PHE A 35 -5.17 -4.27 0.38
C PHE A 35 -5.66 -3.17 -0.58
N ARG A 36 -6.86 -3.36 -1.13
CA ARG A 36 -7.48 -2.37 -1.99
C ARG A 36 -7.79 -1.10 -1.19
N ASP A 37 -8.47 -1.27 -0.05
CA ASP A 37 -8.81 -0.13 0.80
C ASP A 37 -7.56 0.43 1.48
N TYR A 38 -6.62 -0.45 1.77
CA TYR A 38 -5.35 -0.06 2.38
C TYR A 38 -4.60 0.90 1.47
N VAL A 39 -4.44 0.51 0.21
CA VAL A 39 -3.75 1.33 -0.77
C VAL A 39 -4.53 2.59 -1.09
N ASP A 40 -5.86 2.49 -1.10
CA ASP A 40 -6.73 3.63 -1.40
C ASP A 40 -6.40 4.81 -0.50
N ARG A 41 -6.33 4.57 0.81
CA ARG A 41 -6.06 5.65 1.75
C ARG A 41 -4.55 5.93 1.86
N PHE A 42 -3.75 4.91 1.58
CA PHE A 42 -2.28 5.06 1.56
C PHE A 42 -1.89 6.08 0.51
N TYR A 43 -2.38 5.85 -0.70
CA TYR A 43 -2.06 6.70 -1.85
C TYR A 43 -2.55 8.13 -1.65
N LYS A 44 -3.78 8.29 -1.17
CA LYS A 44 -4.37 9.61 -0.97
C LYS A 44 -3.60 10.43 0.06
N THR A 45 -3.15 9.76 1.13
CA THR A 45 -2.39 10.42 2.18
C THR A 45 -1.01 10.80 1.66
N LEU A 46 -0.38 9.88 0.95
CA LEU A 46 0.96 10.08 0.42
C LEU A 46 0.96 11.15 -0.68
N ARG A 47 -0.17 11.31 -1.34
CA ARG A 47 -0.34 12.36 -2.34
C ARG A 47 -0.34 13.74 -1.68
N ALA A 48 -0.74 13.78 -0.42
CA ALA A 48 -0.79 15.02 0.33
C ALA A 48 0.57 15.36 0.94
N GLU A 49 1.44 14.36 1.03
CA GLU A 49 2.79 14.56 1.55
C GLU A 49 3.56 15.60 0.74
N GLN A 50 4.34 16.41 1.45
CA GLN A 50 5.04 17.53 0.83
C GLN A 50 6.42 17.13 0.35
N ALA A 51 6.69 15.83 0.35
CA ALA A 51 7.97 15.30 -0.11
C ALA A 51 8.00 15.23 -1.64
N SER A 52 9.19 15.05 -2.19
CA SER A 52 9.36 14.89 -3.62
C SER A 52 8.72 13.59 -4.09
N GLN A 53 8.16 13.57 -5.29
CA GLN A 53 7.47 12.40 -5.80
C GLN A 53 8.37 11.16 -5.69
N GLU A 54 9.60 11.30 -6.18
CA GLU A 54 10.53 10.19 -6.26
C GLU A 54 11.02 9.78 -4.88
N VAL A 55 11.24 10.77 -4.01
CA VAL A 55 11.67 10.50 -2.65
C VAL A 55 10.58 9.71 -1.91
N LYS A 56 9.33 10.01 -2.23
CA LYS A 56 8.21 9.27 -1.70
C LYS A 56 8.30 7.79 -2.09
N ASN A 57 8.60 7.55 -3.37
CA ASN A 57 8.61 6.18 -3.92
C ASN A 57 9.58 5.30 -3.15
N ALA A 58 10.79 5.81 -2.98
CA ALA A 58 11.86 5.08 -2.31
C ALA A 58 11.43 4.63 -0.91
N ALA A 59 10.73 5.50 -0.21
CA ALA A 59 10.20 5.17 1.10
C ALA A 59 9.03 4.19 0.98
N THR A 60 8.14 4.49 0.03
CA THR A 60 6.91 3.73 -0.15
C THR A 60 7.15 2.25 -0.37
N GLU A 61 8.01 1.92 -1.34
CA GLU A 61 8.30 0.53 -1.68
C GLU A 61 8.64 -0.27 -0.44
N THR A 62 9.30 0.42 0.48
CA THR A 62 9.77 -0.17 1.71
C THR A 62 8.64 -0.30 2.73
N LEU A 63 8.02 0.83 3.05
CA LEU A 63 7.09 0.90 4.16
C LEU A 63 5.68 0.39 3.80
N LEU A 64 5.38 0.31 2.51
CA LEU A 64 4.10 -0.23 2.06
C LEU A 64 3.91 -1.67 2.53
N VAL A 65 4.97 -2.45 2.40
CA VAL A 65 4.96 -3.84 2.84
C VAL A 65 5.05 -3.90 4.35
N GLN A 66 5.80 -2.95 4.91
CA GLN A 66 6.02 -2.85 6.35
C GLN A 66 4.72 -2.65 7.12
N ASN A 67 3.88 -1.75 6.64
CA ASN A 67 2.64 -1.39 7.34
C ASN A 67 1.53 -2.40 7.06
N ALA A 68 1.87 -3.48 6.38
CA ALA A 68 0.92 -4.56 6.12
C ALA A 68 1.05 -5.64 7.18
N ASN A 69 0.00 -6.45 7.35
CA ASN A 69 0.05 -7.58 8.28
C ASN A 69 1.06 -8.61 7.81
N PRO A 70 1.65 -9.40 8.73
CA PRO A 70 2.65 -10.41 8.37
C PRO A 70 2.15 -11.35 7.28
N ASP A 71 0.85 -11.65 7.30
CA ASP A 71 0.23 -12.52 6.32
C ASP A 71 0.36 -11.93 4.91
N CYS A 72 -0.09 -10.68 4.75
CA CYS A 72 -0.02 -10.00 3.46
C CYS A 72 1.41 -9.67 3.12
N LYS A 73 2.19 -9.34 4.15
CA LYS A 73 3.61 -9.03 4.02
C LYS A 73 4.35 -10.18 3.34
N THR A 74 3.99 -11.40 3.71
CA THR A 74 4.58 -12.59 3.10
C THR A 74 4.19 -12.69 1.63
N ILE A 75 2.93 -12.40 1.32
CA ILE A 75 2.42 -12.49 -0.04
C ILE A 75 3.09 -11.43 -0.93
N LEU A 76 3.28 -10.24 -0.38
CA LEU A 76 3.90 -9.14 -1.12
C LEU A 76 5.32 -9.50 -1.51
N LYS A 77 6.04 -10.15 -0.59
CA LYS A 77 7.41 -10.57 -0.84
C LYS A 77 7.45 -11.77 -1.78
N ALA A 78 6.39 -12.56 -1.77
CA ALA A 78 6.30 -13.70 -2.66
C ALA A 78 6.20 -13.27 -4.12
N LEU A 79 5.44 -12.19 -4.34
CA LEU A 79 5.30 -11.63 -5.69
C LEU A 79 6.63 -11.07 -6.19
N GLY A 80 7.26 -10.24 -5.37
CA GLY A 80 8.52 -9.66 -5.74
C GLY A 80 8.39 -8.22 -6.22
N PRO A 81 9.51 -7.52 -6.42
CA PRO A 81 9.52 -6.12 -6.86
C PRO A 81 9.27 -5.96 -8.35
N ALA A 82 9.17 -7.08 -9.06
CA ALA A 82 9.01 -7.06 -10.51
C ALA A 82 7.54 -6.93 -10.89
N ALA A 83 6.66 -7.29 -9.96
CA ALA A 83 5.23 -7.23 -10.19
C ALA A 83 4.70 -5.82 -9.91
N THR A 84 3.48 -5.55 -10.34
CA THR A 84 2.93 -4.20 -10.22
C THR A 84 1.88 -4.15 -9.14
N LEU A 85 1.47 -2.94 -8.77
CA LEU A 85 0.52 -2.72 -7.68
C LEU A 85 -0.71 -3.62 -7.80
N GLU A 86 -1.28 -3.69 -9.01
CA GLU A 86 -2.51 -4.41 -9.23
C GLU A 86 -2.33 -5.91 -9.00
N GLU A 87 -1.11 -6.41 -9.15
CA GLU A 87 -0.84 -7.81 -8.87
C GLU A 87 -1.01 -8.11 -7.39
N MET A 88 -0.54 -7.19 -6.53
CA MET A 88 -0.73 -7.35 -5.08
C MET A 88 -2.19 -7.24 -4.71
N MET A 89 -2.89 -6.34 -5.40
CA MET A 89 -4.31 -6.15 -5.17
C MET A 89 -5.08 -7.44 -5.49
N THR A 90 -4.64 -8.12 -6.54
CA THR A 90 -5.25 -9.38 -6.95
C THR A 90 -4.75 -10.53 -6.07
N ALA A 91 -3.53 -10.41 -5.57
CA ALA A 91 -2.96 -11.41 -4.67
C ALA A 91 -3.72 -11.44 -3.34
N CYS A 92 -4.25 -10.28 -2.97
CA CYS A 92 -5.03 -10.15 -1.74
C CYS A 92 -6.45 -10.66 -1.94
N GLN A 93 -6.82 -10.87 -3.20
CA GLN A 93 -8.16 -11.37 -3.54
C GLN A 93 -8.25 -12.89 -3.34
N GLY A 94 -7.93 -13.32 -2.13
CA GLY A 94 -8.03 -14.73 -1.79
C GLY A 94 -9.46 -15.11 -1.42
N VAL A 95 -10.24 -14.10 -1.07
CA VAL A 95 -11.64 -14.30 -0.73
C VAL A 95 -12.52 -13.97 -1.95
N GLY A 96 -13.67 -14.62 -2.05
CA GLY A 96 -14.55 -14.38 -3.18
C GLY A 96 -15.97 -14.07 -2.74
N GLY A 97 -16.37 -14.64 -1.62
CA GLY A 97 -17.73 -14.46 -1.13
C GLY A 97 -18.77 -15.02 -2.09
N PRO A 98 -18.68 -16.32 -2.43
CA PRO A 98 -19.58 -16.94 -3.40
C PRO A 98 -20.79 -17.59 -2.72
N GLY A 99 -21.26 -16.97 -1.65
CA GLY A 99 -22.39 -17.52 -0.93
C GLY A 99 -23.49 -16.49 -0.74
N HIS A 100 -24.71 -16.96 -0.56
CA HIS A 100 -25.86 -16.08 -0.42
C HIS A 100 -25.74 -15.26 0.86
N LYS A 101 -25.47 -15.94 1.96
CA LYS A 101 -25.21 -15.27 3.23
C LYS A 101 -23.74 -15.42 3.59
N ALA A 102 -22.91 -15.54 2.57
CA ALA A 102 -21.50 -15.80 2.76
C ALA A 102 -20.64 -14.75 2.05
N ARG A 103 -20.78 -13.50 2.49
CA ARG A 103 -19.95 -12.43 1.97
C ARG A 103 -18.62 -12.42 2.71
N VAL A 104 -18.70 -12.16 4.01
CA VAL A 104 -17.53 -12.25 4.87
C VAL A 104 -17.46 -13.66 5.45
N LEU A 105 -16.83 -14.56 4.69
CA LEU A 105 -16.69 -15.96 5.08
C LEU A 105 -18.05 -16.66 5.12
N ILE B 1 3.00 -0.26 -5.35
CA ILE B 1 4.33 -0.64 -4.82
C ILE B 1 5.16 0.62 -4.49
N THR B 2 5.23 1.56 -5.43
CA THR B 2 5.84 2.85 -5.18
C THR B 2 4.78 3.92 -5.36
N PHE B 3 5.03 5.15 -4.90
CA PHE B 3 4.04 6.20 -5.11
C PHE B 3 3.92 6.54 -6.59
C MK8 B 4 4.09 5.68 -9.39
N MK8 B 4 5.04 6.44 -7.31
O MK8 B 4 3.17 6.07 -10.13
CA MK8 B 4 5.09 6.66 -8.78
CB MK8 B 4 6.52 6.34 -9.27
CD MK8 B 4 6.09 6.44 -11.75
CE MK8 B 4 5.85 7.38 -12.71
CG MK8 B 4 6.86 7.00 -10.59
CB1 MK8 B 4 4.73 8.12 -9.11
H MK8 B 4 5.87 6.20 -6.84
HB MK8 B 4 7.23 6.68 -8.55
HBA MK8 B 4 6.61 5.29 -9.42
HD MK8 B 4 6.64 5.63 -12.20
HDA MK8 B 4 5.14 6.06 -11.39
HE MK8 B 4 6.56 8.19 -12.80
HG MK8 B 4 6.65 8.06 -10.52
HGA MK8 B 4 7.92 6.87 -10.78
HB1 MK8 B 4 5.45 8.78 -8.64
HB1A MK8 B 4 4.76 8.25 -10.18
HB1B MK8 B 4 3.73 8.33 -8.74
N ASP B 5 4.26 4.41 -9.04
CA ASP B 5 3.36 3.33 -9.45
C ASP B 5 1.92 3.61 -9.02
N LEU B 6 1.77 4.06 -7.79
CA LEU B 6 0.46 4.38 -7.23
C LEU B 6 -0.24 5.48 -8.03
N LEU B 7 0.49 6.56 -8.29
CA LEU B 7 -0.04 7.68 -9.05
C LEU B 7 -0.56 7.24 -10.40
C MK8 B 8 -0.99 5.10 -12.60
N MK8 B 8 0.33 6.59 -11.15
O MK8 B 8 -1.62 4.89 -13.63
CA MK8 B 8 0.08 6.20 -12.56
CB MK8 B 8 1.39 5.69 -13.15
CD MK8 B 8 3.83 6.30 -13.41
CE MK8 B 8 4.75 7.33 -13.53
CG MK8 B 8 2.43 6.79 -13.08
CB1 MK8 B 8 -0.39 7.40 -13.37
H MK8 B 8 1.19 6.36 -10.75
HB MK8 B 8 1.74 4.83 -12.59
HBA MK8 B 8 1.24 5.41 -14.18
HD MK8 B 8 4.16 5.63 -12.63
HDA MK8 B 8 3.79 5.76 -14.35
HE MK8 B 8 4.59 8.10 -14.27
HG MK8 B 8 2.17 7.57 -13.78
HGA MK8 B 8 2.44 7.20 -12.08
HB1 MK8 B 8 -1.28 7.80 -12.92
HB1A MK8 B 8 0.39 8.15 -13.37
HB1B MK8 B 8 -0.59 7.09 -14.38
N TYR B 9 -1.18 4.40 -11.50
CA TYR B 9 -2.23 3.40 -11.42
C TYR B 9 -3.61 4.06 -11.38
N TYR B 10 -3.82 4.92 -10.38
CA TYR B 10 -5.09 5.60 -10.21
C TYR B 10 -5.30 6.68 -11.28
N GLY B 11 -4.21 7.33 -11.66
CA GLY B 11 -4.29 8.43 -12.60
C GLY B 11 -4.38 7.98 -14.04
N LYS B 12 -5.09 6.88 -14.26
CA LYS B 12 -5.30 6.39 -15.60
C LYS B 12 -6.65 6.88 -16.11
N LYS B 13 -6.59 7.75 -17.11
CA LYS B 13 -7.79 8.22 -17.77
C LYS B 13 -8.34 7.14 -18.71
N LYS B 14 -7.61 6.04 -18.78
CA LYS B 14 -8.03 4.88 -19.54
C LYS B 14 -7.61 3.63 -18.76
N SER A 12 -13.42 14.70 25.12
CA SER A 12 -14.16 15.26 23.97
C SER A 12 -15.30 14.34 23.57
N GLY A 13 -16.29 14.89 22.87
CA GLY A 13 -17.40 14.10 22.41
C GLY A 13 -17.01 13.19 21.25
N LEU A 14 -17.93 12.33 20.86
CA LEU A 14 -17.69 11.43 19.73
C LEU A 14 -17.82 12.20 18.42
N VAL A 15 -16.77 12.94 18.09
CA VAL A 15 -16.77 13.75 16.88
C VAL A 15 -16.37 12.92 15.66
N PRO A 16 -17.20 12.96 14.60
CA PRO A 16 -16.92 12.28 13.35
C PRO A 16 -15.93 13.06 12.48
N ARG A 17 -14.78 13.38 13.06
CA ARG A 17 -13.76 14.18 12.38
C ARG A 17 -13.06 13.33 11.33
N GLY A 18 -12.55 12.18 11.75
CA GLY A 18 -11.86 11.30 10.82
C GLY A 18 -10.44 11.74 10.55
N SER A 19 -9.52 11.26 11.38
CA SER A 19 -8.12 11.56 11.19
C SER A 19 -7.57 10.80 9.98
N HIS A 20 -6.65 11.41 9.27
CA HIS A 20 -6.14 10.83 8.04
C HIS A 20 -4.77 10.20 8.26
N MET A 21 -4.23 10.44 9.48
CA MET A 21 -2.92 9.93 9.87
C MET A 21 -1.83 10.46 8.95
N THR A 22 -1.65 11.77 8.96
CA THR A 22 -0.67 12.43 8.10
C THR A 22 0.75 12.27 8.61
N SER A 23 1.14 11.02 8.77
CA SER A 23 2.47 10.67 9.21
C SER A 23 3.07 9.63 8.27
N ILE A 24 2.19 9.01 7.48
CA ILE A 24 2.51 7.91 6.54
C ILE A 24 3.04 6.66 7.25
N LEU A 25 3.44 6.81 8.51
CA LEU A 25 3.90 5.68 9.30
C LEU A 25 2.74 4.98 9.98
N ASP A 26 1.70 5.77 10.28
CA ASP A 26 0.50 5.24 10.93
C ASP A 26 -0.46 4.63 9.91
N ILE A 27 -0.13 4.80 8.64
CA ILE A 27 -0.93 4.22 7.56
C ILE A 27 -0.66 2.73 7.45
N ARG A 28 -1.29 1.97 8.33
CA ARG A 28 -1.12 0.53 8.38
C ARG A 28 -2.36 -0.16 7.83
N GLN A 29 -2.18 -1.39 7.35
CA GLN A 29 -3.28 -2.22 6.94
C GLN A 29 -3.81 -2.99 8.15
N GLY A 30 -5.11 -2.93 8.37
CA GLY A 30 -5.71 -3.66 9.47
C GLY A 30 -5.63 -5.16 9.27
N PRO A 31 -5.73 -5.95 10.36
CA PRO A 31 -5.58 -7.41 10.30
C PRO A 31 -6.50 -8.07 9.27
N LYS A 32 -7.75 -7.63 9.22
CA LYS A 32 -8.70 -8.16 8.25
C LYS A 32 -9.11 -7.06 7.27
N GLU A 33 -8.29 -6.04 7.15
CA GLU A 33 -8.58 -4.91 6.31
C GLU A 33 -8.01 -5.13 4.90
N PRO A 34 -8.81 -4.78 3.86
CA PRO A 34 -8.41 -4.97 2.47
C PRO A 34 -7.18 -4.15 2.08
N PHE A 35 -6.20 -4.84 1.51
CA PHE A 35 -5.01 -4.18 0.97
C PHE A 35 -5.42 -3.21 -0.13
N ARG A 36 -6.56 -3.49 -0.76
CA ARG A 36 -7.11 -2.62 -1.79
C ARG A 36 -7.43 -1.24 -1.21
N ASP A 37 -8.15 -1.23 -0.09
CA ASP A 37 -8.51 0.02 0.58
C ASP A 37 -7.28 0.62 1.28
N TYR A 38 -6.37 -0.26 1.70
CA TYR A 38 -5.12 0.16 2.33
C TYR A 38 -4.30 0.99 1.36
N VAL A 39 -4.12 0.47 0.15
CA VAL A 39 -3.41 1.18 -0.90
C VAL A 39 -4.13 2.47 -1.27
N ASP A 40 -5.46 2.40 -1.31
CA ASP A 40 -6.28 3.57 -1.62
C ASP A 40 -5.97 4.71 -0.66
N ARG A 41 -5.95 4.40 0.64
CA ARG A 41 -5.65 5.40 1.65
C ARG A 41 -4.18 5.79 1.60
N PHE A 42 -3.31 4.79 1.50
CA PHE A 42 -1.87 5.01 1.46
C PHE A 42 -1.52 5.99 0.34
N TYR A 43 -2.01 5.68 -0.86
CA TYR A 43 -1.78 6.52 -2.03
C TYR A 43 -2.31 7.93 -1.81
N LYS A 44 -3.58 8.05 -1.40
CA LYS A 44 -4.19 9.36 -1.21
C LYS A 44 -3.48 10.16 -0.12
N THR A 45 -3.10 9.47 0.95
CA THR A 45 -2.37 10.11 2.03
C THR A 45 -1.01 10.58 1.53
N LEU A 46 -0.26 9.66 0.93
CA LEU A 46 1.08 9.92 0.46
C LEU A 46 1.11 11.01 -0.61
N ARG A 47 0.04 11.07 -1.40
CA ARG A 47 -0.11 12.11 -2.42
C ARG A 47 -0.18 13.49 -1.76
N ALA A 48 -0.70 13.53 -0.55
CA ALA A 48 -0.89 14.79 0.17
C ALA A 48 0.23 15.02 1.19
N GLU A 49 1.07 14.01 1.39
CA GLU A 49 2.15 14.10 2.38
C GLU A 49 3.22 15.10 1.95
N GLN A 50 3.75 15.83 2.92
CA GLN A 50 4.74 16.87 2.68
C GLN A 50 6.12 16.28 2.42
N ALA A 51 6.40 16.00 1.16
CA ALA A 51 7.69 15.48 0.74
C ALA A 51 7.79 15.52 -0.78
N SER A 52 9.00 15.68 -1.29
CA SER A 52 9.24 15.65 -2.73
C SER A 52 8.88 14.28 -3.30
N GLN A 53 8.20 14.29 -4.45
CA GLN A 53 7.62 13.07 -5.02
C GLN A 53 8.61 11.90 -5.08
N GLU A 54 9.74 12.12 -5.74
CA GLU A 54 10.74 11.06 -5.93
C GLU A 54 11.24 10.52 -4.59
N VAL A 55 11.33 11.39 -3.59
CA VAL A 55 11.74 11.00 -2.26
C VAL A 55 10.68 10.10 -1.63
N LYS A 56 9.43 10.42 -1.90
CA LYS A 56 8.31 9.66 -1.37
C LYS A 56 8.24 8.28 -2.03
N ASN A 57 8.56 8.20 -3.32
CA ASN A 57 8.54 6.92 -4.04
C ASN A 57 9.45 5.92 -3.37
N ALA A 58 10.67 6.36 -3.08
CA ALA A 58 11.69 5.51 -2.46
C ALA A 58 11.21 5.01 -1.09
N ALA A 59 10.54 5.88 -0.36
CA ALA A 59 9.98 5.53 0.94
C ALA A 59 8.84 4.54 0.78
N THR A 60 8.09 4.68 -0.30
CA THR A 60 6.94 3.84 -0.57
C THR A 60 7.34 2.39 -0.76
N GLU A 61 8.46 2.20 -1.45
CA GLU A 61 8.94 0.87 -1.79
C GLU A 61 9.13 0.02 -0.54
N THR A 62 9.45 0.66 0.58
CA THR A 62 9.59 -0.03 1.85
C THR A 62 8.30 0.05 2.67
N LEU A 63 7.81 1.28 2.88
CA LEU A 63 6.65 1.53 3.75
C LEU A 63 5.44 0.70 3.38
N LEU A 64 5.16 0.59 2.08
CA LEU A 64 3.98 -0.12 1.60
C LEU A 64 3.92 -1.53 2.14
N VAL A 65 5.05 -2.23 2.04
CA VAL A 65 5.14 -3.60 2.51
C VAL A 65 5.33 -3.65 4.04
N GLN A 66 6.04 -2.66 4.56
CA GLN A 66 6.39 -2.61 5.96
C GLN A 66 5.14 -2.48 6.85
N ASN A 67 4.19 -1.66 6.42
CA ASN A 67 3.00 -1.40 7.23
C ASN A 67 1.92 -2.46 6.98
N ALA A 68 2.25 -3.46 6.19
CA ALA A 68 1.33 -4.58 5.96
C ALA A 68 1.51 -5.64 7.03
N ASN A 69 0.40 -6.30 7.39
CA ASN A 69 0.43 -7.37 8.39
C ASN A 69 1.29 -8.52 7.90
N PRO A 70 1.92 -9.30 8.81
CA PRO A 70 2.86 -10.37 8.45
C PRO A 70 2.33 -11.26 7.33
N ASP A 71 1.07 -11.64 7.46
CA ASP A 71 0.40 -12.48 6.47
C ASP A 71 0.36 -11.79 5.10
N CYS A 72 -0.13 -10.56 5.07
CA CYS A 72 -0.23 -9.80 3.84
C CYS A 72 1.16 -9.50 3.28
N LYS A 73 2.08 -9.19 4.19
CA LYS A 73 3.47 -8.91 3.84
C LYS A 73 4.08 -10.11 3.11
N THR A 74 3.77 -11.30 3.60
CA THR A 74 4.22 -12.54 2.98
C THR A 74 3.69 -12.63 1.55
N ILE A 75 2.42 -12.30 1.37
CA ILE A 75 1.79 -12.32 0.06
C ILE A 75 2.41 -11.27 -0.86
N LEU A 76 2.68 -10.11 -0.31
CA LEU A 76 3.29 -9.02 -1.07
C LEU A 76 4.70 -9.39 -1.53
N LYS A 77 5.46 -10.00 -0.65
CA LYS A 77 6.82 -10.43 -0.98
C LYS A 77 6.79 -11.63 -1.92
N ALA A 78 5.72 -12.42 -1.86
CA ALA A 78 5.52 -13.53 -2.76
C ALA A 78 5.45 -13.05 -4.22
N LEU A 79 4.90 -11.85 -4.40
CA LEU A 79 4.87 -11.23 -5.72
C LEU A 79 6.29 -10.93 -6.20
N GLY A 80 7.03 -10.21 -5.37
CA GLY A 80 8.39 -9.85 -5.71
C GLY A 80 8.45 -8.49 -6.38
N PRO A 81 9.65 -8.00 -6.70
CA PRO A 81 9.84 -6.70 -7.33
C PRO A 81 9.55 -6.71 -8.82
N ALA A 82 9.26 -7.88 -9.36
CA ALA A 82 8.96 -8.02 -10.79
C ALA A 82 7.46 -7.95 -11.04
N ALA A 83 6.71 -7.61 -10.00
CA ALA A 83 5.26 -7.50 -10.10
C ALA A 83 4.82 -6.05 -10.00
N THR A 84 3.58 -5.79 -10.38
CA THR A 84 3.04 -4.45 -10.30
C THR A 84 1.98 -4.37 -9.21
N LEU A 85 1.54 -3.15 -8.89
CA LEU A 85 0.59 -2.93 -7.82
C LEU A 85 -0.63 -3.84 -7.94
N GLU A 86 -1.18 -3.91 -9.15
CA GLU A 86 -2.40 -4.65 -9.40
C GLU A 86 -2.28 -6.13 -9.02
N GLU A 87 -1.07 -6.68 -9.15
CA GLU A 87 -0.87 -8.10 -8.90
C GLU A 87 -1.02 -8.41 -7.41
N MET A 88 -0.32 -7.64 -6.59
CA MET A 88 -0.34 -7.82 -5.15
C MET A 88 -1.70 -7.44 -4.57
N MET A 89 -2.35 -6.44 -5.16
CA MET A 89 -3.69 -6.06 -4.73
C MET A 89 -4.65 -7.23 -4.92
N THR A 90 -4.60 -7.84 -6.10
CA THR A 90 -5.43 -8.99 -6.42
C THR A 90 -4.98 -10.22 -5.64
N ALA A 91 -3.70 -10.28 -5.33
CA ALA A 91 -3.13 -11.38 -4.56
C ALA A 91 -3.69 -11.39 -3.13
N CYS A 92 -4.08 -10.23 -2.64
CA CYS A 92 -4.64 -10.12 -1.30
C CYS A 92 -6.16 -10.25 -1.35
N GLN A 93 -6.70 -10.49 -2.55
CA GLN A 93 -8.12 -10.70 -2.72
C GLN A 93 -8.43 -12.18 -2.56
N GLY A 94 -9.38 -12.66 -3.34
CA GLY A 94 -9.78 -14.05 -3.24
C GLY A 94 -10.65 -14.31 -2.03
N VAL A 95 -11.54 -13.38 -1.75
CA VAL A 95 -12.46 -13.50 -0.63
C VAL A 95 -13.70 -14.25 -1.07
N GLY A 96 -14.24 -13.83 -2.19
CA GLY A 96 -15.40 -14.47 -2.76
C GLY A 96 -16.66 -13.64 -2.61
N GLY A 97 -16.92 -13.18 -1.41
CA GLY A 97 -18.12 -12.42 -1.15
C GLY A 97 -17.99 -11.54 0.08
N PRO A 98 -17.62 -10.26 -0.11
CA PRO A 98 -17.50 -9.29 0.98
C PRO A 98 -18.85 -8.85 1.55
N GLY A 99 -19.68 -9.83 1.91
CA GLY A 99 -20.98 -9.55 2.48
C GLY A 99 -20.91 -9.40 3.99
N HIS A 100 -19.70 -9.35 4.52
CA HIS A 100 -19.48 -9.20 5.94
C HIS A 100 -18.85 -7.83 6.20
N LYS A 101 -19.29 -6.86 5.42
CA LYS A 101 -18.71 -5.52 5.46
C LYS A 101 -19.19 -4.74 6.68
N ALA A 102 -20.36 -5.12 7.19
CA ALA A 102 -20.98 -4.46 8.34
C ALA A 102 -21.31 -3.00 8.00
N ARG A 103 -21.83 -2.28 8.98
CA ARG A 103 -22.11 -0.86 8.79
C ARG A 103 -21.13 -0.03 9.61
N VAL A 104 -19.99 0.30 8.99
CA VAL A 104 -19.00 1.13 9.63
C VAL A 104 -18.68 2.33 8.74
N LEU A 105 -19.33 3.45 9.05
CA LEU A 105 -19.20 4.68 8.25
C LEU A 105 -19.63 4.45 6.81
N ILE B 1 3.82 -0.41 -6.95
CA ILE B 1 4.97 -0.24 -6.02
C ILE B 1 5.61 1.12 -6.24
N THR B 2 6.26 1.66 -5.20
CA THR B 2 6.65 3.07 -5.15
C THR B 2 5.41 3.96 -5.38
N PHE B 3 5.55 5.25 -5.19
CA PHE B 3 4.42 6.16 -5.35
C PHE B 3 4.05 6.30 -6.83
C MK8 B 4 3.83 5.41 -9.66
N MK8 B 4 5.07 6.23 -7.70
O MK8 B 4 2.83 5.80 -10.26
CA MK8 B 4 4.89 6.42 -9.17
CB MK8 B 4 6.22 6.18 -9.90
CD MK8 B 4 6.35 5.36 -12.31
CE MK8 B 4 5.39 4.36 -12.18
CG MK8 B 4 6.13 6.55 -11.39
CB1 MK8 B 4 4.43 7.85 -9.45
H MK8 B 4 5.97 6.05 -7.36
HB MK8 B 4 7.00 6.78 -9.45
HBA MK8 B 4 6.49 5.14 -9.83
HD MK8 B 4 6.33 5.70 -13.33
HDA MK8 B 4 7.32 4.93 -12.10
HE MK8 B 4 5.60 3.52 -11.52
HG MK8 B 4 5.15 6.95 -11.59
HGA MK8 B 4 6.88 7.30 -11.61
HB1 MK8 B 4 5.22 8.54 -9.17
HB1A MK8 B 4 4.20 7.96 -10.49
HB1B MK8 B 4 3.55 8.07 -8.85
N ASP B 5 4.08 4.12 -9.41
CA ASP B 5 3.22 3.04 -9.91
C ASP B 5 1.81 3.19 -9.36
N LEU B 6 1.73 3.67 -8.12
CA LEU B 6 0.46 3.96 -7.49
C LEU B 6 -0.33 4.95 -8.32
N LEU B 7 0.32 6.03 -8.70
CA LEU B 7 -0.28 7.09 -9.48
C LEU B 7 -0.70 6.58 -10.85
C MK8 B 8 -1.01 4.44 -13.00
N MK8 B 8 0.25 5.97 -11.54
O MK8 B 8 -1.67 4.26 -14.03
CA MK8 B 8 0.09 5.52 -12.94
CB MK8 B 8 1.41 4.96 -13.46
CD MK8 B 8 3.88 5.48 -13.70
CE MK8 B 8 4.18 4.43 -12.85
CG MK8 B 8 2.48 6.06 -13.46
CB1 MK8 B 8 -0.31 6.69 -13.83
H MK8 B 8 1.12 5.80 -11.09
HB MK8 B 8 1.74 4.15 -12.81
HBA MK8 B 8 1.29 4.60 -14.46
HD MK8 B 8 3.94 5.12 -14.71
HDA MK8 B 8 4.60 6.26 -13.54
HE MK8 B 8 3.45 3.64 -12.70
HG MK8 B 8 2.26 6.76 -14.24
HGA MK8 B 8 2.47 6.56 -12.51
HB1 MK8 B 8 0.45 7.45 -13.78
HB1A MK8 B 8 -0.42 6.36 -14.85
HB1B MK8 B 8 -1.24 7.12 -13.48
N TYR B 9 -1.20 3.75 -11.90
CA TYR B 9 -2.23 2.73 -11.81
C TYR B 9 -3.62 3.38 -11.79
N TYR B 10 -3.84 4.27 -10.82
CA TYR B 10 -5.12 4.94 -10.66
C TYR B 10 -5.38 5.97 -11.75
N GLY B 11 -4.36 6.77 -12.05
CA GLY B 11 -4.53 7.88 -12.99
C GLY B 11 -4.46 7.44 -14.43
N LYS B 12 -5.40 6.61 -14.85
CA LYS B 12 -5.48 6.16 -16.23
C LYS B 12 -6.12 7.23 -17.11
N LYS B 13 -5.41 8.32 -17.34
CA LYS B 13 -5.88 9.37 -18.23
C LYS B 13 -5.52 9.08 -19.68
N LYS B 14 -4.83 7.98 -19.89
CA LYS B 14 -4.47 7.55 -21.22
C LYS B 14 -4.36 6.03 -21.25
N SER A 12 -14.31 25.79 21.56
CA SER A 12 -15.74 25.44 21.64
C SER A 12 -15.92 23.94 21.87
N GLY A 13 -14.98 23.33 22.57
CA GLY A 13 -15.04 21.91 22.82
C GLY A 13 -13.66 21.29 22.83
N LEU A 14 -13.52 20.16 22.16
CA LEU A 14 -12.23 19.49 22.11
C LEU A 14 -11.45 19.91 20.89
N VAL A 15 -10.13 19.92 21.02
CA VAL A 15 -9.24 20.27 19.93
C VAL A 15 -8.24 19.14 19.72
N PRO A 16 -8.44 18.33 18.68
CA PRO A 16 -7.57 17.18 18.38
C PRO A 16 -6.22 17.61 17.78
N ARG A 17 -5.47 18.40 18.56
CA ARG A 17 -4.14 18.88 18.19
C ARG A 17 -4.19 19.93 17.07
N GLY A 18 -5.23 19.87 16.25
CA GLY A 18 -5.36 20.78 15.13
C GLY A 18 -4.53 20.32 13.95
N SER A 19 -4.10 19.07 14.01
CA SER A 19 -3.24 18.50 12.98
C SER A 19 -4.01 18.22 11.70
N HIS A 20 -3.39 18.50 10.57
CA HIS A 20 -3.96 18.22 9.28
C HIS A 20 -3.65 16.79 8.88
N MET A 21 -4.47 16.23 8.01
CA MET A 21 -4.33 14.84 7.60
C MET A 21 -3.07 14.62 6.79
N THR A 22 -2.12 13.95 7.42
CA THR A 22 -0.83 13.67 6.82
C THR A 22 -0.15 12.58 7.66
N SER A 23 1.14 12.36 7.42
CA SER A 23 1.92 11.36 8.15
C SER A 23 1.55 9.95 7.66
N ILE A 24 2.13 9.56 6.54
CA ILE A 24 1.91 8.24 5.96
C ILE A 24 2.37 7.13 6.92
N LEU A 25 3.15 7.54 7.92
CA LEU A 25 3.67 6.62 8.92
C LEU A 25 2.56 6.05 9.79
N ASP A 26 1.42 6.72 9.82
CA ASP A 26 0.29 6.28 10.64
C ASP A 26 -0.60 5.35 9.83
N ILE A 27 -0.41 5.35 8.52
CA ILE A 27 -1.26 4.57 7.63
C ILE A 27 -0.84 3.11 7.64
N ARG A 28 -1.25 2.42 8.70
CA ARG A 28 -0.97 0.99 8.84
C ARG A 28 -2.24 0.20 8.57
N GLN A 29 -2.10 -0.85 7.77
CA GLN A 29 -3.22 -1.67 7.35
C GLN A 29 -3.93 -2.29 8.54
N GLY A 30 -5.24 -2.18 8.56
CA GLY A 30 -6.03 -2.83 9.60
C GLY A 30 -5.99 -4.35 9.43
N PRO A 31 -6.19 -5.11 10.51
CA PRO A 31 -6.09 -6.58 10.47
C PRO A 31 -7.00 -7.20 9.42
N LYS A 32 -8.19 -6.63 9.29
CA LYS A 32 -9.17 -7.12 8.33
C LYS A 32 -9.40 -6.10 7.22
N GLU A 33 -8.47 -5.15 7.12
CA GLU A 33 -8.56 -4.10 6.11
C GLU A 33 -7.96 -4.58 4.80
N PRO A 34 -8.77 -4.60 3.73
CA PRO A 34 -8.34 -5.07 2.42
C PRO A 34 -7.25 -4.18 1.83
N PHE A 35 -6.34 -4.78 1.08
CA PHE A 35 -5.25 -4.05 0.44
C PHE A 35 -5.84 -3.01 -0.52
N ARG A 36 -7.06 -3.27 -0.97
CA ARG A 36 -7.79 -2.35 -1.83
C ARG A 36 -8.07 -1.04 -1.09
N ASP A 37 -8.66 -1.15 0.10
CA ASP A 37 -9.00 0.03 0.89
C ASP A 37 -7.75 0.62 1.54
N TYR A 38 -6.78 -0.25 1.81
CA TYR A 38 -5.51 0.16 2.37
C TYR A 38 -4.78 1.10 1.39
N VAL A 39 -4.67 0.68 0.14
CA VAL A 39 -4.02 1.49 -0.87
C VAL A 39 -4.82 2.75 -1.18
N ASP A 40 -6.14 2.67 -1.10
CA ASP A 40 -7.00 3.81 -1.36
C ASP A 40 -6.61 4.99 -0.50
N ARG A 41 -6.44 4.73 0.80
CA ARG A 41 -6.10 5.79 1.73
C ARG A 41 -4.59 6.05 1.76
N PHE A 42 -3.81 4.99 1.57
CA PHE A 42 -2.35 5.13 1.53
C PHE A 42 -1.96 6.10 0.40
N TYR A 43 -2.49 5.83 -0.79
CA TYR A 43 -2.20 6.63 -1.97
C TYR A 43 -2.61 8.10 -1.77
N LYS A 44 -3.82 8.34 -1.27
CA LYS A 44 -4.32 9.71 -1.15
C LYS A 44 -3.63 10.46 -0.02
N THR A 45 -2.97 9.73 0.85
CA THR A 45 -2.16 10.34 1.90
C THR A 45 -0.80 10.75 1.31
N LEU A 46 -0.22 9.90 0.46
CA LEU A 46 1.05 10.20 -0.20
C LEU A 46 0.97 11.50 -0.99
N ARG A 47 -0.21 11.77 -1.54
CA ARG A 47 -0.44 13.00 -2.31
C ARG A 47 -0.28 14.24 -1.44
N ALA A 48 -0.48 14.10 -0.14
CA ALA A 48 -0.41 15.23 0.78
C ALA A 48 0.90 15.24 1.56
N GLU A 49 1.63 14.13 1.48
CA GLU A 49 2.90 13.99 2.21
C GLU A 49 3.93 15.00 1.73
N GLN A 50 4.73 15.48 2.67
CA GLN A 50 5.77 16.46 2.37
C GLN A 50 7.08 15.74 2.09
N ALA A 51 7.25 15.34 0.85
CA ALA A 51 8.43 14.62 0.41
C ALA A 51 8.59 14.74 -1.09
N SER A 52 9.82 14.67 -1.56
CA SER A 52 10.10 14.72 -2.99
C SER A 52 9.54 13.47 -3.67
N GLN A 53 9.24 13.56 -4.96
CA GLN A 53 8.63 12.44 -5.66
C GLN A 53 9.49 11.18 -5.53
N GLU A 54 10.80 11.35 -5.68
CA GLU A 54 11.74 10.24 -5.59
C GLU A 54 11.66 9.58 -4.22
N VAL A 55 11.52 10.40 -3.19
CA VAL A 55 11.41 9.92 -1.82
C VAL A 55 10.10 9.18 -1.65
N LYS A 56 9.04 9.74 -2.23
CA LYS A 56 7.72 9.13 -2.17
C LYS A 56 7.71 7.78 -2.87
N ASN A 57 8.60 7.60 -3.86
CA ASN A 57 8.70 6.32 -4.52
C ASN A 57 9.47 5.35 -3.67
N ALA A 58 10.69 5.72 -3.30
CA ALA A 58 11.63 4.83 -2.64
C ALA A 58 11.13 4.40 -1.26
N ALA A 59 10.69 5.37 -0.47
CA ALA A 59 10.23 5.08 0.88
C ALA A 59 9.01 4.17 0.84
N THR A 60 8.04 4.54 0.01
CA THR A 60 6.79 3.79 -0.10
C THR A 60 7.02 2.35 -0.55
N GLU A 61 7.92 2.13 -1.50
CA GLU A 61 8.23 0.78 -1.97
C GLU A 61 8.58 -0.11 -0.80
N THR A 62 9.17 0.51 0.20
CA THR A 62 9.63 -0.18 1.38
C THR A 62 8.52 -0.31 2.42
N LEU A 63 8.00 0.82 2.85
CA LEU A 63 7.10 0.85 3.99
C LEU A 63 5.66 0.44 3.65
N LEU A 64 5.32 0.40 2.36
CA LEU A 64 4.00 -0.07 1.93
C LEU A 64 3.75 -1.48 2.44
N VAL A 65 4.71 -2.36 2.22
CA VAL A 65 4.61 -3.74 2.66
C VAL A 65 4.84 -3.83 4.16
N GLN A 66 5.65 -2.92 4.68
CA GLN A 66 5.95 -2.83 6.10
C GLN A 66 4.69 -2.63 6.93
N ASN A 67 3.91 -1.61 6.56
CA ASN A 67 2.71 -1.24 7.33
C ASN A 67 1.59 -2.22 7.08
N ALA A 68 1.79 -3.11 6.13
CA ALA A 68 0.82 -4.17 5.86
C ALA A 68 0.99 -5.29 6.88
N ASN A 69 -0.10 -5.99 7.17
CA ASN A 69 -0.08 -7.09 8.12
C ASN A 69 0.78 -8.24 7.59
N PRO A 70 1.58 -8.85 8.49
CA PRO A 70 2.55 -9.90 8.14
C PRO A 70 1.94 -11.07 7.36
N ASP A 71 0.65 -11.27 7.53
CA ASP A 71 -0.07 -12.29 6.77
C ASP A 71 -0.01 -11.97 5.28
N CYS A 72 -0.39 -10.76 4.94
CA CYS A 72 -0.34 -10.29 3.56
C CYS A 72 1.09 -10.02 3.13
N LYS A 73 1.90 -9.54 4.09
CA LYS A 73 3.30 -9.20 3.84
C LYS A 73 4.06 -10.33 3.17
N THR A 74 3.82 -11.56 3.62
CA THR A 74 4.47 -12.73 3.04
C THR A 74 4.21 -12.82 1.54
N ILE A 75 2.96 -12.63 1.15
CA ILE A 75 2.56 -12.72 -0.25
C ILE A 75 3.22 -11.62 -1.06
N LEU A 76 3.24 -10.41 -0.50
CA LEU A 76 3.80 -9.25 -1.18
C LEU A 76 5.30 -9.45 -1.44
N LYS A 77 5.99 -10.02 -0.46
CA LYS A 77 7.41 -10.28 -0.59
C LYS A 77 7.68 -11.41 -1.59
N ALA A 78 6.71 -12.31 -1.72
CA ALA A 78 6.82 -13.42 -2.67
C ALA A 78 6.60 -12.94 -4.10
N LEU A 79 5.82 -11.88 -4.24
CA LEU A 79 5.58 -11.28 -5.54
C LEU A 79 6.83 -10.57 -6.06
N GLY A 80 7.42 -9.74 -5.22
CA GLY A 80 8.65 -9.07 -5.57
C GLY A 80 8.43 -7.67 -6.12
N PRO A 81 9.50 -6.87 -6.21
CA PRO A 81 9.42 -5.48 -6.68
C PRO A 81 9.23 -5.36 -8.19
N ALA A 82 9.41 -6.47 -8.91
CA ALA A 82 9.27 -6.47 -10.36
C ALA A 82 7.80 -6.58 -10.75
N ALA A 83 6.96 -6.93 -9.78
CA ALA A 83 5.53 -7.01 -9.99
C ALA A 83 4.90 -5.62 -9.89
N THR A 84 3.61 -5.53 -10.19
CA THR A 84 2.93 -4.25 -10.16
C THR A 84 1.98 -4.18 -8.98
N LEU A 85 1.49 -2.99 -8.67
CA LEU A 85 0.48 -2.84 -7.63
C LEU A 85 -0.76 -3.68 -7.96
N GLU A 86 -1.09 -3.71 -9.24
CA GLU A 86 -2.27 -4.40 -9.71
C GLU A 86 -2.21 -5.89 -9.36
N GLU A 87 -1.00 -6.44 -9.37
CA GLU A 87 -0.79 -7.83 -8.93
C GLU A 87 -1.04 -7.94 -7.44
N MET A 88 -0.53 -6.96 -6.69
CA MET A 88 -0.64 -6.93 -5.23
C MET A 88 -2.11 -6.94 -4.80
N MET A 89 -2.94 -6.21 -5.53
CA MET A 89 -4.36 -6.10 -5.22
C MET A 89 -5.00 -7.48 -5.23
N THR A 90 -4.80 -8.19 -6.32
CA THR A 90 -5.39 -9.51 -6.51
C THR A 90 -4.68 -10.55 -5.64
N ALA A 91 -3.43 -10.28 -5.28
CA ALA A 91 -2.66 -11.16 -4.41
C ALA A 91 -3.27 -11.19 -3.01
N CYS A 92 -3.60 -10.01 -2.49
CA CYS A 92 -4.24 -9.91 -1.19
C CYS A 92 -5.68 -10.41 -1.27
N GLN A 93 -6.35 -10.07 -2.36
CA GLN A 93 -7.71 -10.53 -2.61
C GLN A 93 -7.67 -11.87 -3.34
N GLY A 94 -6.87 -12.79 -2.83
CA GLY A 94 -6.61 -14.04 -3.52
C GLY A 94 -7.70 -15.07 -3.35
N VAL A 95 -7.50 -15.98 -2.40
CA VAL A 95 -8.42 -17.07 -2.18
C VAL A 95 -9.30 -16.80 -0.97
N GLY A 96 -8.68 -16.80 0.20
CA GLY A 96 -9.42 -16.66 1.43
C GLY A 96 -10.36 -17.82 1.66
N GLY A 97 -9.88 -19.03 1.34
CA GLY A 97 -10.70 -20.21 1.52
C GLY A 97 -10.78 -20.66 2.96
N PRO A 98 -9.74 -21.30 3.49
CA PRO A 98 -9.72 -21.83 4.85
C PRO A 98 -9.54 -20.75 5.91
N GLY A 99 -9.24 -19.54 5.45
CA GLY A 99 -9.02 -18.44 6.37
C GLY A 99 -8.53 -17.20 5.66
N HIS A 100 -8.61 -16.07 6.35
CA HIS A 100 -8.22 -14.77 5.79
C HIS A 100 -9.12 -14.42 4.61
N LYS A 101 -10.42 -14.50 4.84
CA LYS A 101 -11.41 -14.20 3.81
C LYS A 101 -12.04 -12.83 4.05
N ALA A 102 -12.42 -12.58 5.30
CA ALA A 102 -13.13 -11.36 5.67
C ALA A 102 -14.39 -11.20 4.82
N ARG A 103 -15.35 -12.07 5.06
CA ARG A 103 -16.60 -12.07 4.32
C ARG A 103 -17.49 -10.93 4.77
N VAL A 104 -17.44 -9.84 4.02
CA VAL A 104 -18.21 -8.66 4.34
C VAL A 104 -19.52 -8.63 3.54
N LEU A 105 -20.63 -8.42 4.24
CA LEU A 105 -21.93 -8.32 3.59
C LEU A 105 -22.48 -6.92 3.75
N ILE B 1 3.30 0.15 -5.06
CA ILE B 1 4.68 -0.03 -4.59
C ILE B 1 5.42 1.31 -4.48
N THR B 2 5.66 1.99 -5.58
CA THR B 2 6.17 3.36 -5.54
C THR B 2 5.01 4.30 -5.82
N PHE B 3 5.06 5.54 -5.32
CA PHE B 3 3.95 6.48 -5.52
C PHE B 3 3.57 6.56 -7.00
C MK8 B 4 3.37 5.40 -9.67
N MK8 B 4 4.58 6.53 -7.88
O MK8 B 4 2.34 5.61 -10.31
CA MK8 B 4 4.36 6.52 -9.35
CB MK8 B 4 5.68 6.24 -10.09
CD MK8 B 4 5.75 5.05 -12.34
CE MK8 B 4 4.80 4.09 -12.05
CG MK8 B 4 5.54 6.38 -11.61
CB1 MK8 B 4 3.82 7.88 -9.79
H MK8 B 4 5.49 6.48 -7.54
HB MK8 B 4 6.43 6.95 -9.75
HBA MK8 B 4 6.02 5.24 -9.86
HD MK8 B 4 5.73 5.24 -13.41
HDA MK8 B 4 6.72 4.67 -12.07
HE MK8 B 4 5.02 3.34 -11.31
HG MK8 B 4 4.54 6.72 -11.83
HGA MK8 B 4 6.26 7.10 -11.96
HB1 MK8 B 4 4.57 8.64 -9.63
HB1A MK8 B 4 3.58 7.85 -10.85
HB1B MK8 B 4 2.94 8.12 -9.23
N ASP B 5 3.69 4.22 -9.16
CA ASP B 5 2.97 2.98 -9.47
C ASP B 5 1.48 3.09 -9.15
N LEU B 6 1.13 3.44 -7.91
CA LEU B 6 -0.29 3.54 -7.55
C LEU B 6 -0.96 4.71 -8.27
N LEU B 7 -0.22 5.78 -8.55
CA LEU B 7 -0.75 6.89 -9.32
C LEU B 7 -1.19 6.42 -10.70
C MK8 B 8 -1.63 4.17 -12.68
N MK8 B 8 -0.27 5.77 -11.41
O MK8 B 8 -2.35 3.92 -13.65
CA MK8 B 8 -0.52 5.23 -12.77
CB MK8 B 8 0.77 4.60 -13.30
CD MK8 B 8 3.24 5.02 -13.66
CE MK8 B 8 3.56 4.07 -12.70
CG MK8 B 8 1.88 5.65 -13.43
CB1 MK8 B 8 -0.93 6.34 -13.72
H MK8 B 8 0.62 5.64 -11.00
HB MK8 B 8 1.12 3.83 -12.61
HBA MK8 B 8 0.59 4.17 -14.27
HD MK8 B 8 3.25 4.54 -14.62
HDA MK8 B 8 3.99 5.79 -13.62
HE MK8 B 8 2.84 3.32 -12.44
HG MK8 B 8 1.64 6.28 -14.28
HGA MK8 B 8 1.90 6.24 -12.53
HB1 MK8 B 8 -1.16 5.91 -14.68
HB1A MK8 B 8 -1.81 6.84 -13.33
HB1B MK8 B 8 -0.12 7.05 -13.82
N TYR B 9 -1.74 3.54 -11.52
CA TYR B 9 -2.78 2.55 -11.26
C TYR B 9 -4.15 3.21 -11.18
N TYR B 10 -4.26 4.26 -10.38
CA TYR B 10 -5.52 4.98 -10.22
C TYR B 10 -5.85 5.81 -11.45
N GLY B 11 -4.88 6.59 -11.90
CA GLY B 11 -5.11 7.52 -12.99
C GLY B 11 -4.92 6.88 -14.35
N LYS B 12 -5.68 5.82 -14.62
CA LYS B 12 -5.65 5.20 -15.94
C LYS B 12 -6.20 6.17 -16.96
N LYS B 13 -7.22 6.89 -16.54
CA LYS B 13 -7.85 7.92 -17.36
C LYS B 13 -8.69 8.81 -16.43
N LYS B 14 -8.17 9.05 -15.25
CA LYS B 14 -8.89 9.79 -14.22
C LYS B 14 -8.04 10.95 -13.72
#